data_2Q1Z
#
_entry.id   2Q1Z
#
_cell.length_a   43.601
_cell.length_b   119.640
_cell.length_c   280.659
_cell.angle_alpha   90.00
_cell.angle_beta   90.00
_cell.angle_gamma   90.00
#
_symmetry.space_group_name_H-M   'I 2 2 2'
#
loop_
_entity.id
_entity.type
_entity.pdbx_description
1 polymer 'RpoE, ECF SigE'
2 polymer 'Anti-Sigma factor ChrR, transcriptional activator ChrR'
3 non-polymer 'ZINC ION'
#
loop_
_entity_poly.entity_id
_entity_poly.type
_entity_poly.pdbx_seq_one_letter_code
_entity_poly.pdbx_strand_id
1 'polypeptide(L)'
;GPHMTDKSDRTDWVALMRAIRDHRDEAAFAELFQHFAPKVKGFLMKSGSVASQAEECAQDVMATVWQKAHLFDPSRASVA
TWIFTIARNRRIDGLRKDRQPEPEDLFWGPDSEPDQADVYEMQQENARLGRAIARLPEAQRALIERAFFGDLTHRELAAE
TGLPLGTIKSRIRLALDRLRQHMS
;
A,C
2 'polypeptide(L)'
;MTIRHHVSDALLTAYAAGTLSEAFSLVVATHLSLCDECRARAGALDAVGGSLMEETAPVALSEGSLASVMAQLDRQIQRP
APARRADPRAPAPLADYVGRRLEDVRWRTLGGGVRQAILPTGGEAIARLLWIPGGQAVPDHGHRGLELTLVLQGAFRDET
DRFGAGDIEIADQELEHTPVAERGLDCICLAATDA
;
B,D
#
loop_
_chem_comp.id
_chem_comp.type
_chem_comp.name
_chem_comp.formula
ZN non-polymer 'ZINC ION' 'Zn 2'
#
# COMPACT_ATOMS: atom_id res chain seq x y z
N SER A 8 0.61 -22.23 17.05
CA SER A 8 1.09 -22.84 15.75
C SER A 8 0.65 -24.33 15.67
N ASP A 9 0.79 -24.89 14.46
CA ASP A 9 -0.09 -25.86 13.85
C ASP A 9 0.86 -26.41 12.82
N ARG A 10 0.49 -27.54 12.23
CA ARG A 10 1.27 -28.18 11.15
C ARG A 10 1.28 -27.35 9.85
N THR A 11 0.59 -26.22 9.90
CA THR A 11 -0.01 -25.55 8.77
C THR A 11 0.12 -24.04 8.96
N ASP A 12 0.86 -23.63 9.98
CA ASP A 12 1.16 -22.24 10.30
C ASP A 12 2.53 -21.96 9.73
N TRP A 13 2.57 -21.54 8.47
CA TRP A 13 3.77 -21.52 7.64
C TRP A 13 4.80 -20.52 8.12
N VAL A 14 4.32 -19.39 8.63
CA VAL A 14 5.21 -18.35 9.16
C VAL A 14 6.00 -18.88 10.34
N ALA A 15 5.33 -19.56 11.27
CA ALA A 15 6.00 -20.15 12.45
C ALA A 15 6.96 -21.27 12.08
N LEU A 16 6.54 -22.10 11.13
CA LEU A 16 7.41 -23.15 10.59
C LEU A 16 8.68 -22.61 9.97
N MET A 17 8.52 -21.50 9.22
CA MET A 17 9.65 -20.72 8.67
C MET A 17 10.60 -20.18 9.69
N ARG A 18 10.09 -19.75 10.85
CA ARG A 18 10.95 -19.28 11.93
C ARG A 18 11.58 -20.48 12.61
N ALA A 19 10.87 -21.61 12.61
CA ALA A 19 11.47 -22.85 13.14
C ALA A 19 12.64 -23.32 12.27
N ILE A 20 12.45 -23.35 10.96
CA ILE A 20 13.56 -23.53 10.01
C ILE A 20 14.72 -22.58 10.44
N ARG A 21 14.45 -21.27 10.49
CA ARG A 21 15.43 -20.22 10.80
C ARG A 21 16.12 -20.27 12.17
N ASP A 22 15.34 -20.30 13.25
CA ASP A 22 15.88 -20.29 14.60
C ASP A 22 16.47 -21.62 15.08
N HIS A 23 16.01 -22.74 14.53
CA HIS A 23 16.41 -24.03 15.13
C HIS A 23 16.89 -25.09 14.17
N ARG A 24 17.22 -24.70 12.95
CA ARG A 24 17.33 -25.63 11.81
C ARG A 24 16.35 -26.86 11.88
N ASP A 25 15.07 -26.55 12.10
CA ASP A 25 13.98 -27.52 12.33
C ASP A 25 13.62 -28.25 11.02
N GLU A 26 13.94 -29.53 10.96
CA GLU A 26 13.83 -30.31 9.74
C GLU A 26 12.43 -30.89 9.56
N ALA A 27 11.83 -31.33 10.67
CA ALA A 27 10.39 -31.62 10.70
C ALA A 27 9.54 -30.42 10.29
N ALA A 28 9.98 -29.20 10.68
CA ALA A 28 9.35 -27.96 10.17
C ALA A 28 9.45 -27.88 8.70
N PHE A 29 10.64 -28.18 8.14
CA PHE A 29 10.90 -28.21 6.70
C PHE A 29 10.07 -29.29 5.96
N ALA A 30 9.88 -30.45 6.58
CA ALA A 30 9.00 -31.47 6.03
C ALA A 30 7.54 -30.97 5.78
N GLU A 31 7.01 -30.23 6.74
CA GLU A 31 5.68 -29.61 6.61
C GLU A 31 5.57 -28.62 5.47
N LEU A 32 6.57 -27.76 5.32
CA LEU A 32 6.58 -26.74 4.24
C LEU A 32 6.72 -27.36 2.86
N PHE A 33 7.66 -28.30 2.73
CA PHE A 33 7.90 -29.11 1.54
C PHE A 33 6.69 -29.90 1.11
N GLN A 34 6.17 -30.73 2.00
CA GLN A 34 4.98 -31.53 1.69
C GLN A 34 3.78 -30.67 1.25
N HIS A 35 3.62 -29.47 1.79
CA HIS A 35 2.58 -28.61 1.30
C HIS A 35 2.97 -27.87 -0.01
N PHE A 36 4.13 -27.22 -0.03
CA PHE A 36 4.41 -26.29 -1.13
C PHE A 36 5.11 -26.90 -2.30
N ALA A 37 5.83 -28.00 -2.13
CA ALA A 37 6.49 -28.63 -3.31
C ALA A 37 5.52 -29.08 -4.43
N PRO A 38 4.39 -29.76 -4.08
CA PRO A 38 3.42 -30.14 -5.12
C PRO A 38 2.69 -28.94 -5.74
N LYS A 39 2.63 -27.85 -4.99
CA LYS A 39 2.02 -26.60 -5.40
C LYS A 39 2.95 -25.77 -6.31
N VAL A 40 4.24 -25.74 -5.99
CA VAL A 40 5.25 -25.22 -6.92
C VAL A 40 5.28 -26.04 -8.20
N LYS A 41 5.38 -27.36 -8.07
CA LYS A 41 5.25 -28.23 -9.24
C LYS A 41 4.04 -27.90 -10.13
N GLY A 42 2.83 -27.91 -9.57
CA GLY A 42 1.60 -27.62 -10.32
C GLY A 42 1.61 -26.24 -10.96
N PHE A 43 2.16 -25.28 -10.24
CA PHE A 43 2.30 -23.91 -10.71
C PHE A 43 3.18 -23.72 -11.98
N LEU A 44 4.40 -24.27 -11.94
CA LEU A 44 5.37 -24.22 -13.04
C LEU A 44 4.88 -24.96 -14.26
N MET A 45 4.08 -25.99 -14.03
CA MET A 45 3.40 -26.66 -15.11
C MET A 45 2.34 -25.79 -15.78
N LYS A 46 1.52 -25.08 -15.01
CA LYS A 46 0.67 -24.05 -15.61
C LYS A 46 1.49 -22.94 -16.30
N SER A 47 2.72 -22.70 -15.81
CA SER A 47 3.65 -21.75 -16.45
C SER A 47 4.32 -22.24 -17.77
N GLY A 48 4.04 -23.47 -18.16
CA GLY A 48 4.59 -24.01 -19.39
C GLY A 48 5.68 -25.07 -19.25
N SER A 49 6.03 -25.40 -18.02
CA SER A 49 7.00 -26.47 -17.73
C SER A 49 6.45 -27.89 -17.84
N VAL A 50 7.32 -28.81 -18.28
CA VAL A 50 6.97 -30.23 -18.25
C VAL A 50 7.26 -30.79 -16.87
N ALA A 51 6.41 -31.75 -16.47
CA ALA A 51 6.35 -32.33 -15.11
C ALA A 51 7.70 -32.64 -14.45
N SER A 52 8.61 -33.18 -15.25
CA SER A 52 9.94 -33.62 -14.81
C SER A 52 10.79 -32.43 -14.36
N GLN A 53 10.75 -31.36 -15.16
CA GLN A 53 11.48 -30.12 -14.88
C GLN A 53 10.85 -29.27 -13.80
N ALA A 54 9.52 -29.24 -13.76
CA ALA A 54 8.75 -28.61 -12.67
C ALA A 54 8.99 -29.24 -11.30
N GLU A 55 9.09 -30.57 -11.24
CA GLU A 55 9.49 -31.28 -10.02
C GLU A 55 10.91 -30.92 -9.59
N GLU A 56 11.82 -30.91 -10.54
CA GLU A 56 13.21 -30.57 -10.28
C GLU A 56 13.34 -29.18 -9.66
N CYS A 57 12.55 -28.25 -10.18
CA CYS A 57 12.53 -26.85 -9.82
C CYS A 57 11.88 -26.65 -8.44
N ALA A 58 10.69 -27.24 -8.26
CA ALA A 58 10.03 -27.33 -6.93
C ALA A 58 10.97 -27.77 -5.81
N GLN A 59 11.76 -28.79 -6.11
CA GLN A 59 12.77 -29.32 -5.21
C GLN A 59 13.89 -28.34 -4.94
N ASP A 60 14.35 -27.65 -5.99
CA ASP A 60 15.35 -26.59 -5.85
C ASP A 60 14.81 -25.39 -5.11
N VAL A 61 13.55 -25.04 -5.37
CA VAL A 61 12.89 -23.95 -4.64
C VAL A 61 12.90 -24.20 -3.13
N MET A 62 12.49 -25.40 -2.75
CA MET A 62 12.38 -25.78 -1.36
C MET A 62 13.72 -25.88 -0.69
N ALA A 63 14.76 -26.17 -1.48
CA ALA A 63 16.17 -26.17 -0.99
C ALA A 63 16.68 -24.77 -0.73
N THR A 64 16.25 -23.81 -1.55
CA THR A 64 16.56 -22.40 -1.35
C THR A 64 15.85 -21.85 -0.10
N VAL A 65 14.68 -22.40 0.18
CA VAL A 65 13.82 -21.94 1.24
C VAL A 65 14.54 -22.23 2.55
N TRP A 66 15.21 -23.36 2.62
CA TRP A 66 15.97 -23.75 3.76
C TRP A 66 17.29 -22.93 3.87
N GLN A 67 17.98 -22.75 2.75
CA GLN A 67 19.23 -22.01 2.68
C GLN A 67 19.09 -20.51 3.01
N LYS A 68 18.10 -19.88 2.37
CA LYS A 68 17.84 -18.46 2.49
C LYS A 68 16.74 -18.14 3.48
N ALA A 69 16.37 -19.08 4.32
CA ALA A 69 15.28 -18.84 5.26
C ALA A 69 15.41 -17.53 6.03
N HIS A 70 16.64 -17.03 6.14
CA HIS A 70 16.92 -15.77 6.85
C HIS A 70 16.29 -14.60 6.10
N LEU A 71 16.37 -14.63 4.78
CA LEU A 71 15.79 -13.61 3.90
C LEU A 71 14.28 -13.45 4.03
N PHE A 72 13.58 -14.41 4.62
CA PHE A 72 12.14 -14.32 4.71
C PHE A 72 11.65 -13.36 5.80
N ASP A 73 10.85 -12.37 5.41
CA ASP A 73 10.34 -11.31 6.31
C ASP A 73 8.83 -11.30 6.27
N PRO A 74 8.15 -11.84 7.31
CA PRO A 74 6.70 -11.89 7.29
C PRO A 74 5.98 -10.56 7.55
N SER A 75 6.72 -9.46 7.70
CA SER A 75 6.07 -8.15 7.73
C SER A 75 5.91 -7.61 6.28
N ARG A 76 6.43 -8.34 5.31
CA ARG A 76 6.45 -7.91 3.95
C ARG A 76 5.81 -8.95 3.03
N ALA A 77 5.73 -10.21 3.47
CA ALA A 77 5.19 -11.27 2.60
C ALA A 77 4.58 -12.39 3.40
N SER A 78 3.70 -13.16 2.76
CA SER A 78 3.33 -14.47 3.27
C SER A 78 4.40 -15.44 2.82
N VAL A 79 4.38 -16.66 3.36
CA VAL A 79 5.29 -17.73 2.94
C VAL A 79 5.08 -18.09 1.49
N ALA A 80 3.83 -18.43 1.14
CA ALA A 80 3.39 -18.63 -0.26
C ALA A 80 3.96 -17.57 -1.23
N THR A 81 3.89 -16.30 -0.87
CA THR A 81 4.45 -15.26 -1.70
C THR A 81 5.94 -15.33 -1.86
N TRP A 82 6.64 -15.55 -0.76
CA TRP A 82 8.10 -15.57 -0.79
C TRP A 82 8.48 -16.80 -1.60
N ILE A 83 7.88 -17.92 -1.29
CA ILE A 83 8.18 -19.15 -2.03
C ILE A 83 7.99 -18.95 -3.56
N PHE A 84 6.81 -18.49 -3.96
CA PHE A 84 6.54 -17.97 -5.30
C PHE A 84 7.66 -17.10 -5.89
N THR A 85 7.94 -15.99 -5.30
CA THR A 85 9.15 -15.20 -5.57
C THR A 85 10.39 -16.05 -6.02
N ILE A 86 10.80 -16.99 -5.18
CA ILE A 86 11.87 -17.96 -5.49
C ILE A 86 11.52 -18.75 -6.76
N ALA A 87 10.26 -19.21 -6.88
CA ALA A 87 9.83 -19.98 -8.09
C ALA A 87 9.87 -19.19 -9.37
N ARG A 88 9.35 -17.96 -9.33
CA ARG A 88 9.34 -17.09 -10.52
C ARG A 88 10.70 -16.50 -11.01
N ASN A 89 11.67 -16.42 -10.10
CA ASN A 89 12.99 -15.86 -10.35
C ASN A 89 13.97 -16.89 -10.85
N ARG A 90 13.50 -18.11 -11.00
CA ARG A 90 14.30 -19.10 -11.66
C ARG A 90 14.72 -18.60 -13.04
N ARG A 91 15.73 -19.24 -13.62
CA ARG A 91 16.08 -19.01 -15.01
C ARG A 91 15.02 -19.60 -15.96
N ILE A 92 14.43 -18.75 -16.77
CA ILE A 92 13.76 -19.16 -18.00
C ILE A 92 14.75 -18.80 -19.10
N ASP A 93 15.30 -19.85 -19.72
CA ASP A 93 16.46 -19.77 -20.59
C ASP A 93 16.35 -18.73 -21.73
N GLY A 94 15.20 -18.70 -22.40
CA GLY A 94 14.98 -17.76 -23.51
C GLY A 94 14.85 -16.31 -23.06
N LEU A 95 14.69 -16.09 -21.76
CA LEU A 95 14.48 -14.75 -21.20
C LEU A 95 15.73 -14.18 -20.51
N ARG A 96 16.61 -15.07 -20.05
CA ARG A 96 17.72 -14.70 -19.18
C ARG A 96 18.78 -15.78 -19.06
N LYS A 97 20.01 -15.36 -18.71
CA LYS A 97 21.20 -16.22 -18.54
C LYS A 97 21.33 -16.85 -17.15
N ASP A 98 20.52 -16.37 -16.22
CA ASP A 98 20.56 -16.85 -14.83
C ASP A 98 19.21 -16.57 -14.21
N ARG A 99 19.15 -16.55 -12.88
CA ARG A 99 17.99 -16.16 -12.11
C ARG A 99 17.60 -14.72 -12.39
N GLN A 100 16.32 -14.40 -12.28
CA GLN A 100 15.86 -13.06 -12.58
C GLN A 100 16.56 -12.09 -11.66
N PRO A 101 17.13 -11.02 -12.25
CA PRO A 101 17.62 -9.93 -11.40
C PRO A 101 16.60 -9.54 -10.33
N GLU A 102 17.02 -9.68 -9.09
CA GLU A 102 16.22 -9.28 -7.96
C GLU A 102 16.93 -8.16 -7.22
N PRO A 103 16.15 -7.30 -6.54
CA PRO A 103 16.74 -6.17 -5.83
C PRO A 103 17.60 -6.59 -4.63
N GLU A 104 18.38 -5.64 -4.12
CA GLU A 104 19.16 -5.73 -2.89
C GLU A 104 18.43 -6.51 -1.79
N ASP A 105 19.16 -7.29 -1.02
CA ASP A 105 18.48 -8.06 0.00
C ASP A 105 18.37 -7.24 1.27
N LEU A 106 17.13 -7.02 1.68
CA LEU A 106 16.83 -6.36 2.95
C LEU A 106 16.25 -7.43 3.85
N PHE A 107 17.02 -7.86 4.83
CA PHE A 107 16.50 -8.85 5.74
C PHE A 107 16.71 -8.35 7.15
N TRP A 108 15.93 -8.86 8.09
CA TRP A 108 16.24 -8.62 9.49
C TRP A 108 17.44 -9.46 9.88
N GLY A 109 18.40 -8.82 10.55
CA GLY A 109 19.63 -9.48 11.00
C GLY A 109 19.30 -10.64 11.93
N PRO A 110 20.34 -11.34 12.45
CA PRO A 110 20.08 -12.55 13.23
C PRO A 110 19.47 -12.15 14.57
N ASP A 111 19.53 -10.85 14.83
CA ASP A 111 18.78 -10.17 15.88
C ASP A 111 17.37 -9.85 15.38
N SER A 112 16.98 -8.56 15.41
CA SER A 112 15.58 -8.16 15.38
C SER A 112 14.65 -8.96 14.50
N GLU A 113 13.62 -9.48 15.15
CA GLU A 113 12.33 -9.80 14.51
C GLU A 113 11.73 -8.46 14.02
N PRO A 114 10.92 -8.47 12.93
CA PRO A 114 10.03 -7.31 12.74
C PRO A 114 9.00 -7.16 13.89
N ASP A 115 8.42 -5.97 14.06
CA ASP A 115 7.36 -5.74 15.07
C ASP A 115 6.24 -6.76 14.81
N GLN A 116 5.97 -7.63 15.77
CA GLN A 116 4.99 -8.70 15.61
C GLN A 116 3.64 -8.15 15.13
N ALA A 117 3.36 -6.90 15.49
CA ALA A 117 2.10 -6.26 15.12
C ALA A 117 2.00 -6.05 13.62
N ASP A 118 3.13 -5.67 12.99
CA ASP A 118 3.26 -5.59 11.52
C ASP A 118 3.10 -6.95 10.86
N VAL A 119 3.86 -7.92 11.33
CA VAL A 119 3.71 -9.32 10.91
C VAL A 119 2.22 -9.76 10.92
N TYR A 120 1.56 -9.64 12.07
CA TYR A 120 0.14 -9.98 12.18
C TYR A 120 -0.76 -9.22 11.18
N GLU A 121 -0.51 -7.91 11.01
CA GLU A 121 -1.25 -7.07 10.06
C GLU A 121 -0.90 -7.35 8.60
N MET A 122 0.32 -7.83 8.38
CA MET A 122 0.71 -8.30 7.07
C MET A 122 0.02 -9.60 6.71
N GLN A 123 -0.16 -10.49 7.66
CA GLN A 123 -0.73 -11.80 7.33
C GLN A 123 -2.22 -11.67 7.17
N GLN A 124 -2.79 -10.65 7.84
CA GLN A 124 -4.21 -10.30 7.76
C GLN A 124 -4.62 -9.82 6.40
N GLU A 125 -3.97 -8.75 5.96
CA GLU A 125 -4.22 -8.14 4.67
C GLU A 125 -3.99 -9.19 3.60
N ASN A 126 -3.07 -10.08 3.89
CA ASN A 126 -2.75 -11.14 2.99
C ASN A 126 -3.81 -12.24 2.86
N ALA A 127 -4.34 -12.69 3.99
CA ALA A 127 -5.46 -13.63 4.04
C ALA A 127 -6.66 -13.00 3.37
N ARG A 128 -6.86 -11.71 3.64
CA ARG A 128 -7.91 -10.87 3.04
C ARG A 128 -7.91 -10.99 1.51
N LEU A 129 -6.74 -10.81 0.89
CA LEU A 129 -6.57 -10.88 -0.57
C LEU A 129 -6.66 -12.30 -1.12
N GLY A 130 -6.22 -13.28 -0.35
CA GLY A 130 -6.42 -14.68 -0.73
C GLY A 130 -7.90 -15.03 -0.77
N ARG A 131 -8.62 -14.50 0.20
CA ARG A 131 -10.06 -14.67 0.36
C ARG A 131 -10.76 -14.06 -0.85
N ALA A 132 -10.20 -12.93 -1.30
CA ALA A 132 -10.66 -12.17 -2.45
C ALA A 132 -10.39 -12.91 -3.77
N ILE A 133 -9.15 -13.35 -4.02
CA ILE A 133 -8.83 -14.12 -5.24
C ILE A 133 -9.76 -15.33 -5.39
N ALA A 134 -9.98 -16.02 -4.26
CA ALA A 134 -10.83 -17.21 -4.22
C ALA A 134 -12.25 -16.93 -4.73
N ARG A 135 -12.88 -15.87 -4.20
CA ARG A 135 -14.26 -15.52 -4.57
C ARG A 135 -14.39 -14.83 -5.94
N LEU A 136 -13.31 -14.74 -6.71
CA LEU A 136 -13.38 -14.06 -8.01
C LEU A 136 -14.11 -14.90 -9.06
N PRO A 137 -15.11 -14.29 -9.76
CA PRO A 137 -15.63 -14.84 -10.99
C PRO A 137 -14.50 -15.48 -11.81
N GLU A 138 -14.81 -16.54 -12.55
CA GLU A 138 -13.76 -17.40 -13.13
C GLU A 138 -13.10 -16.74 -14.34
N ALA A 139 -13.92 -15.97 -15.06
CA ALA A 139 -13.47 -15.17 -16.21
C ALA A 139 -12.58 -13.99 -15.80
N GLN A 140 -12.61 -13.62 -14.52
CA GLN A 140 -11.67 -12.63 -13.96
C GLN A 140 -10.42 -13.30 -13.40
N ARG A 141 -10.60 -14.42 -12.71
CA ARG A 141 -9.50 -15.24 -12.25
C ARG A 141 -8.64 -15.78 -13.40
N ALA A 142 -9.12 -15.69 -14.63
CA ALA A 142 -8.38 -16.16 -15.80
C ALA A 142 -7.50 -15.07 -16.41
N LEU A 143 -7.92 -13.82 -16.21
CA LEU A 143 -7.12 -12.63 -16.55
C LEU A 143 -5.88 -12.52 -15.69
N ILE A 144 -6.03 -12.89 -14.42
CA ILE A 144 -4.95 -12.93 -13.44
C ILE A 144 -4.02 -14.11 -13.68
N GLU A 145 -4.54 -15.32 -13.73
CA GLU A 145 -3.74 -16.49 -14.10
C GLU A 145 -2.91 -16.29 -15.37
N ARG A 146 -3.48 -15.69 -16.42
CA ARG A 146 -2.74 -15.49 -17.67
C ARG A 146 -1.53 -14.55 -17.48
N ALA A 147 -1.71 -13.51 -16.67
CA ALA A 147 -0.63 -12.59 -16.26
C ALA A 147 0.56 -13.37 -15.72
N PHE A 148 0.27 -14.37 -14.89
CA PHE A 148 1.33 -15.11 -14.24
C PHE A 148 1.81 -16.37 -14.98
N PHE A 149 1.05 -16.83 -15.98
CA PHE A 149 1.43 -18.09 -16.66
C PHE A 149 2.17 -18.00 -18.03
N GLY A 150 1.68 -17.17 -18.95
CA GLY A 150 2.30 -17.13 -20.29
C GLY A 150 2.04 -15.90 -21.17
N ASP A 151 2.41 -14.72 -20.66
CA ASP A 151 2.07 -13.46 -21.33
C ASP A 151 3.15 -12.39 -21.17
N LEU A 152 3.38 -11.62 -22.24
CA LEU A 152 4.42 -10.60 -22.32
C LEU A 152 4.10 -9.32 -21.53
N THR A 153 4.99 -8.32 -21.67
CA THR A 153 4.93 -7.04 -20.95
C THR A 153 3.69 -6.17 -21.21
N HIS A 154 3.15 -6.19 -22.44
CA HIS A 154 1.90 -5.45 -22.75
C HIS A 154 0.70 -6.03 -21.96
N ARG A 155 0.70 -5.79 -20.64
CA ARG A 155 -0.21 -6.44 -19.67
C ARG A 155 -0.04 -5.86 -18.25
N GLU A 156 -1.06 -5.14 -17.77
CA GLU A 156 -1.08 -4.54 -16.42
C GLU A 156 -2.22 -5.11 -15.56
N LEU A 157 -1.86 -5.55 -14.36
CA LEU A 157 -2.79 -6.26 -13.47
C LEU A 157 -3.35 -5.44 -12.30
N ALA A 158 -2.54 -4.54 -11.73
CA ALA A 158 -3.04 -3.61 -10.70
C ALA A 158 -3.97 -2.53 -11.29
N ALA A 159 -4.22 -2.61 -12.59
CA ALA A 159 -4.94 -1.59 -13.34
C ALA A 159 -6.14 -2.13 -14.13
N GLU A 160 -6.30 -3.45 -14.15
CA GLU A 160 -7.47 -4.07 -14.78
C GLU A 160 -8.28 -4.90 -13.78
N THR A 161 -7.62 -5.33 -12.70
CA THR A 161 -8.30 -5.96 -11.56
C THR A 161 -8.67 -4.92 -10.52
N GLY A 162 -9.62 -5.27 -9.64
CA GLY A 162 -10.00 -4.37 -8.55
C GLY A 162 -9.80 -5.04 -7.20
N LEU A 163 -8.61 -5.64 -7.03
CA LEU A 163 -8.25 -6.39 -5.83
C LEU A 163 -7.63 -5.46 -4.80
N PRO A 164 -7.85 -5.75 -3.50
CA PRO A 164 -7.40 -4.90 -2.40
C PRO A 164 -5.87 -4.94 -2.21
N LEU A 165 -5.17 -4.31 -3.14
CA LEU A 165 -3.72 -4.30 -3.18
C LEU A 165 -3.21 -3.06 -2.47
N GLY A 166 -4.15 -2.23 -2.05
CA GLY A 166 -3.87 -0.93 -1.47
C GLY A 166 -3.33 -0.98 -0.06
N THR A 167 -3.84 -1.87 0.79
CA THR A 167 -3.33 -1.92 2.15
C THR A 167 -2.07 -2.76 2.20
N ILE A 168 -1.97 -3.80 1.38
CA ILE A 168 -0.73 -4.59 1.33
C ILE A 168 0.49 -3.71 0.97
N LYS A 169 0.28 -2.83 0.01
CA LYS A 169 1.29 -1.87 -0.42
C LYS A 169 1.78 -1.02 0.72
N SER A 170 0.85 -0.36 1.41
CA SER A 170 1.22 0.51 2.51
C SER A 170 1.80 -0.28 3.66
N ARG A 171 1.22 -1.43 3.95
CA ARG A 171 1.84 -2.39 4.84
C ARG A 171 3.30 -2.62 4.48
N ILE A 172 3.60 -2.82 3.18
CA ILE A 172 5.00 -3.06 2.79
C ILE A 172 5.86 -1.82 2.91
N ARG A 173 5.30 -0.66 2.57
CA ARG A 173 6.02 0.61 2.63
C ARG A 173 6.38 0.89 4.08
N LEU A 174 5.43 0.61 4.95
CA LEU A 174 5.59 0.90 6.37
C LEU A 174 6.55 -0.08 7.02
N ALA A 175 6.40 -1.35 6.72
CA ALA A 175 7.40 -2.39 7.02
C ALA A 175 8.84 -2.06 6.56
N LEU A 176 8.97 -1.51 5.36
CA LEU A 176 10.30 -1.23 4.81
C LEU A 176 10.93 -0.09 5.54
N ASP A 177 10.08 0.86 5.97
CA ASP A 177 10.58 2.03 6.66
C ASP A 177 11.14 1.65 8.00
N ARG A 178 10.42 0.80 8.73
CA ARG A 178 10.86 0.27 10.00
C ARG A 178 12.19 -0.44 9.86
N LEU A 179 12.28 -1.30 8.84
CA LEU A 179 13.52 -1.96 8.47
C LEU A 179 14.69 -0.98 8.28
N ARG A 180 14.47 0.10 7.53
CA ARG A 180 15.51 1.12 7.32
C ARG A 180 15.88 1.88 8.59
N GLN A 181 14.88 2.21 9.43
CA GLN A 181 15.15 2.86 10.72
C GLN A 181 16.06 1.98 11.60
N HIS A 182 15.74 0.69 11.67
CA HIS A 182 16.52 -0.30 12.41
C HIS A 182 17.94 -0.45 11.86
N MET A 183 18.04 -0.59 10.53
CA MET A 183 19.24 -1.07 9.86
C MET A 183 20.09 0.10 9.31
N THR B 2 13.94 13.44 -3.36
CA THR B 2 12.83 12.49 -3.68
C THR B 2 13.06 11.73 -4.99
N ILE B 3 12.35 10.60 -5.15
CA ILE B 3 12.19 9.90 -6.45
C ILE B 3 10.74 10.13 -6.92
N ARG B 4 10.56 10.62 -8.15
CA ARG B 4 9.23 10.91 -8.65
C ARG B 4 8.89 10.10 -9.89
N HIS B 5 9.88 9.44 -10.45
CA HIS B 5 9.67 8.70 -11.69
C HIS B 5 9.87 7.19 -11.54
N HIS B 6 8.73 6.50 -11.54
CA HIS B 6 8.63 5.12 -11.13
C HIS B 6 8.49 4.10 -12.25
N VAL B 7 8.82 2.85 -11.94
CA VAL B 7 8.49 1.70 -12.79
C VAL B 7 6.96 1.69 -13.02
N SER B 8 6.55 1.53 -14.28
CA SER B 8 5.13 1.46 -14.62
C SER B 8 4.50 0.20 -14.05
N ASP B 9 3.18 0.20 -13.97
CA ASP B 9 2.39 -0.88 -13.42
C ASP B 9 2.59 -2.18 -14.23
N ALA B 10 2.60 -2.04 -15.56
CA ALA B 10 2.67 -3.13 -16.52
C ALA B 10 4.02 -3.83 -16.52
N LEU B 11 5.07 -3.08 -16.17
CA LEU B 11 6.43 -3.62 -16.01
C LEU B 11 6.70 -4.21 -14.62
N LEU B 12 6.00 -3.70 -13.62
CA LEU B 12 5.85 -4.30 -12.33
C LEU B 12 5.15 -5.65 -12.45
N THR B 13 4.00 -5.71 -13.11
CA THR B 13 3.26 -6.97 -13.36
C THR B 13 4.11 -8.02 -14.10
N ALA B 14 4.93 -7.59 -15.06
CA ALA B 14 5.79 -8.51 -15.80
C ALA B 14 6.98 -8.93 -14.93
N TYR B 15 7.47 -8.01 -14.09
CA TYR B 15 8.52 -8.38 -13.12
C TYR B 15 7.95 -9.45 -12.18
N ALA B 16 6.88 -9.10 -11.48
CA ALA B 16 6.15 -10.05 -10.65
C ALA B 16 6.01 -11.44 -11.27
N ALA B 17 5.52 -11.53 -12.49
CA ALA B 17 5.41 -12.80 -13.27
C ALA B 17 6.75 -13.52 -13.62
N GLY B 18 7.83 -12.75 -13.73
CA GLY B 18 9.11 -13.25 -14.22
C GLY B 18 9.22 -13.38 -15.72
N THR B 19 8.35 -12.68 -16.46
CA THR B 19 8.18 -12.90 -17.89
C THR B 19 8.91 -11.84 -18.75
N LEU B 20 9.91 -11.21 -18.15
CA LEU B 20 10.60 -10.04 -18.67
C LEU B 20 11.96 -10.52 -19.13
N SER B 21 12.46 -9.97 -20.24
CA SER B 21 13.81 -10.24 -20.70
C SER B 21 14.79 -9.62 -19.71
N GLU B 22 15.93 -10.30 -19.53
CA GLU B 22 16.92 -9.94 -18.52
C GLU B 22 17.31 -8.46 -18.44
N ALA B 23 17.36 -7.79 -19.60
CA ALA B 23 17.68 -6.36 -19.67
C ALA B 23 16.65 -5.53 -18.93
N PHE B 24 15.38 -5.83 -19.20
CA PHE B 24 14.24 -5.13 -18.61
C PHE B 24 14.10 -5.43 -17.12
N SER B 25 14.40 -6.67 -16.70
CA SER B 25 14.45 -7.07 -15.27
C SER B 25 15.53 -6.36 -14.45
N LEU B 26 16.72 -6.17 -15.03
CA LEU B 26 17.87 -5.61 -14.33
C LEU B 26 17.67 -4.13 -13.99
N VAL B 27 17.14 -3.37 -14.95
CA VAL B 27 16.78 -1.98 -14.72
C VAL B 27 15.69 -1.89 -13.64
N VAL B 28 14.65 -2.69 -13.79
CA VAL B 28 13.50 -2.62 -12.90
C VAL B 28 13.87 -2.96 -11.46
N ALA B 29 14.65 -4.03 -11.30
CA ALA B 29 15.13 -4.53 -10.00
C ALA B 29 16.11 -3.57 -9.35
N THR B 30 16.99 -2.95 -10.15
CA THR B 30 17.87 -1.86 -9.69
C THR B 30 17.08 -0.62 -9.23
N HIS B 31 15.93 -0.35 -9.85
CA HIS B 31 15.03 0.72 -9.35
C HIS B 31 14.37 0.32 -8.04
N LEU B 32 14.08 -0.97 -7.86
CA LEU B 32 13.50 -1.44 -6.60
C LEU B 32 14.50 -1.31 -5.46
N SER B 33 15.76 -1.64 -5.70
CA SER B 33 16.77 -1.44 -4.68
C SER B 33 16.95 0.03 -4.28
N LEU B 34 16.70 0.95 -5.22
CA LEU B 34 16.76 2.40 -5.00
C LEU B 34 15.44 3.06 -4.56
N CYS B 35 14.31 2.42 -4.90
CA CYS B 35 13.00 2.99 -4.61
C CYS B 35 12.04 2.06 -3.85
N ASP B 36 11.90 2.32 -2.54
CA ASP B 36 11.01 1.60 -1.59
C ASP B 36 9.53 1.69 -1.98
N GLU B 37 9.16 2.77 -2.64
CA GLU B 37 7.83 2.88 -3.25
C GLU B 37 7.54 1.71 -4.23
N CYS B 38 8.45 1.44 -5.15
CA CYS B 38 8.22 0.41 -6.17
C CYS B 38 8.43 -1.00 -5.65
N ARG B 39 9.26 -1.14 -4.61
CA ARG B 39 9.34 -2.38 -3.86
C ARG B 39 7.98 -2.85 -3.33
N ALA B 40 7.23 -1.90 -2.76
CA ALA B 40 5.91 -2.14 -2.17
C ALA B 40 4.86 -2.39 -3.23
N ARG B 41 4.88 -1.56 -4.28
CA ARG B 41 4.13 -1.78 -5.51
C ARG B 41 4.27 -3.20 -6.09
N ALA B 42 5.50 -3.70 -6.14
CA ALA B 42 5.79 -5.01 -6.71
C ALA B 42 5.52 -6.14 -5.72
N GLY B 43 5.82 -5.88 -4.45
CA GLY B 43 5.57 -6.80 -3.37
C GLY B 43 4.11 -7.14 -3.14
N ALA B 44 3.21 -6.26 -3.60
CA ALA B 44 1.75 -6.48 -3.60
C ALA B 44 1.28 -7.25 -4.85
N LEU B 45 1.98 -7.05 -5.95
CA LEU B 45 1.80 -7.83 -7.15
C LEU B 45 2.26 -9.23 -6.90
N ASP B 46 3.30 -9.37 -6.07
CA ASP B 46 3.84 -10.66 -5.66
C ASP B 46 2.83 -11.46 -4.84
N ALA B 47 2.16 -10.78 -3.92
CA ALA B 47 1.10 -11.33 -3.11
C ALA B 47 0.06 -12.04 -3.98
N VAL B 48 -0.24 -11.47 -5.16
CA VAL B 48 -1.18 -12.12 -6.10
C VAL B 48 -0.70 -13.51 -6.52
N GLY B 49 0.53 -13.66 -6.99
CA GLY B 49 1.07 -14.99 -7.34
C GLY B 49 1.19 -15.96 -6.17
N GLY B 50 1.57 -15.44 -5.00
CA GLY B 50 1.54 -16.23 -3.80
C GLY B 50 0.19 -16.79 -3.50
N SER B 51 -0.80 -15.93 -3.48
CA SER B 51 -2.23 -16.36 -3.52
C SER B 51 -2.62 -17.34 -4.63
N LEU B 52 -2.03 -17.18 -5.81
CA LEU B 52 -2.35 -18.07 -6.93
C LEU B 52 -1.77 -19.44 -6.68
N MET B 53 -0.58 -19.42 -6.11
CA MET B 53 0.20 -20.62 -5.87
C MET B 53 -0.46 -21.50 -4.80
N GLU B 54 -0.90 -20.86 -3.70
CA GLU B 54 -1.53 -21.51 -2.56
C GLU B 54 -2.81 -22.20 -2.98
N GLU B 55 -3.50 -21.61 -3.96
CA GLU B 55 -4.77 -22.16 -4.46
C GLU B 55 -4.61 -23.07 -5.67
N THR B 56 -3.38 -23.23 -6.14
CA THR B 56 -3.04 -24.22 -7.20
C THR B 56 -3.24 -25.64 -6.68
N ALA B 57 -4.00 -26.42 -7.44
CA ALA B 57 -4.19 -27.84 -7.17
C ALA B 57 -2.83 -28.52 -7.28
N PRO B 58 -2.37 -29.13 -6.16
CA PRO B 58 -1.05 -29.75 -6.12
C PRO B 58 -0.85 -30.84 -7.16
N VAL B 59 0.39 -30.98 -7.66
CA VAL B 59 0.81 -32.16 -8.41
C VAL B 59 1.90 -32.93 -7.62
N ALA B 60 1.59 -34.19 -7.28
CA ALA B 60 2.53 -35.02 -6.54
C ALA B 60 3.91 -35.13 -7.17
N LEU B 61 4.90 -35.09 -6.31
CA LEU B 61 6.28 -35.36 -6.70
C LEU B 61 6.48 -36.86 -6.52
N SER B 62 7.49 -37.43 -7.16
CA SER B 62 7.71 -38.86 -7.04
C SER B 62 7.97 -39.30 -5.60
N GLU B 63 7.57 -40.53 -5.30
CA GLU B 63 7.88 -41.17 -4.06
C GLU B 63 9.38 -40.99 -3.77
N GLY B 64 9.70 -40.53 -2.56
CA GLY B 64 11.09 -40.32 -2.14
C GLY B 64 11.63 -38.92 -2.31
N SER B 65 10.86 -38.04 -2.93
CA SER B 65 11.29 -36.65 -3.16
C SER B 65 11.70 -35.80 -1.91
N LEU B 66 10.97 -35.93 -0.79
CA LEU B 66 11.24 -35.16 0.44
C LEU B 66 12.56 -35.54 1.12
N ALA B 67 12.73 -36.83 1.33
CA ALA B 67 13.90 -37.38 2.00
C ALA B 67 15.15 -37.16 1.17
N SER B 68 14.97 -37.16 -0.16
CA SER B 68 16.01 -36.85 -1.14
C SER B 68 16.45 -35.37 -1.05
N VAL B 69 15.52 -34.48 -0.78
CA VAL B 69 15.88 -33.08 -0.62
C VAL B 69 16.52 -32.83 0.76
N MET B 70 15.96 -33.45 1.80
CA MET B 70 16.44 -33.29 3.17
C MET B 70 17.82 -33.86 3.43
N ALA B 71 18.23 -34.79 2.57
CA ALA B 71 19.52 -35.44 2.69
C ALA B 71 20.60 -34.47 2.27
N GLN B 72 20.25 -33.60 1.32
CA GLN B 72 21.24 -32.68 0.75
C GLN B 72 21.13 -31.29 1.37
N LEU B 73 20.23 -31.10 2.32
CA LEU B 73 20.21 -29.83 3.04
C LEU B 73 21.53 -29.66 3.79
N ASP B 74 22.11 -28.48 3.58
CA ASP B 74 23.11 -27.89 4.44
C ASP B 74 22.46 -27.90 5.82
N ARG B 75 22.39 -29.08 6.44
CA ARG B 75 21.45 -29.33 7.55
C ARG B 75 21.53 -28.21 8.59
N GLN B 76 21.91 -28.52 9.83
CA GLN B 76 22.20 -27.45 10.76
C GLN B 76 23.61 -26.98 10.43
N ILE B 77 23.73 -26.36 9.25
CA ILE B 77 25.00 -25.86 8.72
C ILE B 77 24.91 -24.36 8.43
N ALA B 86 30.46 -1.66 -0.98
CA ALA B 86 30.47 -1.75 -2.43
C ALA B 86 29.65 -0.63 -3.06
N ASP B 87 30.30 0.12 -3.96
CA ASP B 87 29.71 1.25 -4.70
C ASP B 87 28.21 1.54 -4.48
N PRO B 88 27.88 2.46 -3.55
CA PRO B 88 26.51 3.00 -3.33
C PRO B 88 25.79 3.62 -4.55
N ARG B 89 26.45 3.74 -5.69
CA ARG B 89 25.76 4.08 -6.95
C ARG B 89 25.25 2.85 -7.69
N ALA B 90 25.97 1.74 -7.51
CA ALA B 90 25.66 0.46 -8.15
C ALA B 90 25.15 -0.55 -7.12
N PRO B 91 23.84 -0.54 -6.86
CA PRO B 91 23.26 -1.47 -5.89
C PRO B 91 22.77 -2.79 -6.50
N ALA B 92 22.10 -3.59 -5.66
CA ALA B 92 21.13 -4.59 -6.09
C ALA B 92 21.68 -5.56 -7.11
N PRO B 93 21.00 -5.72 -8.28
CA PRO B 93 21.60 -6.69 -9.18
C PRO B 93 22.58 -6.07 -10.16
N LEU B 94 22.72 -4.73 -10.14
CA LEU B 94 23.70 -4.08 -11.02
C LEU B 94 25.15 -4.36 -10.60
N ALA B 95 25.39 -4.39 -9.29
CA ALA B 95 26.70 -4.75 -8.72
C ALA B 95 27.26 -6.07 -9.27
N ASP B 96 26.35 -6.95 -9.72
CA ASP B 96 26.68 -8.21 -10.38
C ASP B 96 27.31 -7.96 -11.75
N TYR B 97 26.81 -6.96 -12.45
CA TYR B 97 27.20 -6.72 -13.83
C TYR B 97 28.45 -5.83 -13.96
N VAL B 98 28.91 -5.29 -12.83
CA VAL B 98 29.94 -4.25 -12.80
C VAL B 98 31.12 -4.66 -11.91
N GLY B 99 30.81 -5.37 -10.83
CA GLY B 99 31.82 -6.00 -9.95
C GLY B 99 32.72 -5.04 -9.18
N ARG B 100 32.11 -4.08 -8.48
CA ARG B 100 32.81 -2.98 -7.79
C ARG B 100 33.34 -1.91 -8.77
N ARG B 101 33.20 -0.65 -8.37
CA ARG B 101 33.59 0.53 -9.18
C ARG B 101 32.91 0.60 -10.56
N LEU B 102 31.90 1.45 -10.65
CA LEU B 102 31.14 1.72 -11.89
C LEU B 102 32.01 2.41 -12.95
N GLU B 103 32.96 3.24 -12.51
CA GLU B 103 33.88 3.98 -13.39
C GLU B 103 34.84 3.03 -14.10
N ASP B 104 34.93 1.80 -13.60
CA ASP B 104 35.74 0.75 -14.19
C ASP B 104 34.87 -0.33 -14.84
N VAL B 105 34.63 -0.17 -16.14
CA VAL B 105 34.13 -1.24 -17.02
C VAL B 105 34.82 -1.15 -18.38
N ARG B 106 34.29 -1.87 -19.38
CA ARG B 106 34.75 -1.74 -20.77
C ARG B 106 33.92 -0.67 -21.52
N TRP B 107 34.40 0.58 -21.45
CA TRP B 107 33.68 1.72 -22.02
C TRP B 107 33.92 1.91 -23.51
N ARG B 108 32.91 2.41 -24.21
CA ARG B 108 33.07 2.84 -25.60
C ARG B 108 32.57 4.27 -25.75
N THR B 109 33.52 5.18 -26.02
CA THR B 109 33.25 6.62 -26.20
C THR B 109 32.55 6.80 -27.53
N LEU B 110 31.48 7.60 -27.55
CA LEU B 110 30.55 7.58 -28.70
C LEU B 110 29.70 8.84 -29.05
N GLY B 111 30.26 10.05 -29.18
CA GLY B 111 31.66 10.43 -29.00
C GLY B 111 31.60 11.95 -28.77
N GLY B 112 30.43 12.53 -29.08
CA GLY B 112 30.10 13.89 -28.65
C GLY B 112 29.78 13.88 -27.17
N GLY B 113 30.79 13.53 -26.38
CA GLY B 113 30.74 13.57 -24.91
C GLY B 113 30.07 12.42 -24.14
N VAL B 114 29.77 11.33 -24.82
CA VAL B 114 29.13 10.21 -24.14
C VAL B 114 30.02 8.96 -24.26
N ARG B 115 29.96 8.09 -23.25
CA ARG B 115 30.58 6.77 -23.30
C ARG B 115 29.61 5.69 -22.77
N GLN B 116 29.75 4.47 -23.27
CA GLN B 116 28.81 3.40 -22.92
C GLN B 116 29.46 2.02 -22.75
N ALA B 117 28.82 1.20 -21.93
CA ALA B 117 29.20 -0.19 -21.75
C ALA B 117 27.97 -1.06 -21.99
N ILE B 118 28.05 -1.97 -22.96
CA ILE B 118 26.94 -2.87 -23.20
C ILE B 118 27.09 -4.06 -22.26
N LEU B 119 26.14 -4.16 -21.34
CA LEU B 119 26.14 -5.15 -20.26
C LEU B 119 25.61 -6.49 -20.75
N PRO B 120 26.32 -7.57 -20.39
CA PRO B 120 26.05 -8.94 -20.85
C PRO B 120 24.79 -9.55 -20.23
N THR B 121 23.85 -9.93 -21.09
CA THR B 121 22.56 -10.44 -20.70
C THR B 121 22.04 -11.50 -21.67
N GLY B 122 21.23 -12.43 -21.15
CA GLY B 122 20.32 -13.23 -21.97
C GLY B 122 19.16 -12.40 -22.48
N GLY B 123 18.21 -13.02 -23.16
CA GLY B 123 17.07 -12.30 -23.76
C GLY B 123 17.47 -11.54 -25.02
N GLU B 124 16.53 -10.78 -25.56
CA GLU B 124 16.71 -10.15 -26.87
C GLU B 124 16.67 -8.64 -26.76
N ALA B 125 16.46 -8.19 -25.52
CA ALA B 125 16.56 -6.80 -25.17
C ALA B 125 17.99 -6.49 -24.71
N ILE B 126 18.45 -5.26 -25.01
CA ILE B 126 19.82 -4.83 -24.74
C ILE B 126 19.89 -4.00 -23.47
N ALA B 127 21.00 -4.15 -22.73
CA ALA B 127 21.26 -3.42 -21.49
C ALA B 127 22.64 -2.75 -21.53
N ARG B 128 22.64 -1.45 -21.27
CA ARG B 128 23.84 -0.65 -21.34
C ARG B 128 23.88 0.37 -20.23
N LEU B 129 25.09 0.66 -19.78
CA LEU B 129 25.38 1.81 -18.94
C LEU B 129 25.63 3.03 -19.82
N LEU B 130 25.01 4.16 -19.46
CA LEU B 130 25.31 5.45 -20.11
C LEU B 130 26.18 6.34 -19.22
N TRP B 131 27.00 7.18 -19.85
CA TRP B 131 27.83 8.11 -19.11
C TRP B 131 27.79 9.47 -19.77
N ILE B 132 26.97 10.34 -19.23
CA ILE B 132 26.74 11.66 -19.81
C ILE B 132 27.29 12.73 -18.83
N PRO B 133 28.51 13.25 -19.11
CA PRO B 133 29.20 14.14 -18.17
C PRO B 133 28.56 15.52 -18.06
N GLY B 134 28.93 16.24 -17.00
CA GLY B 134 28.69 17.69 -16.86
C GLY B 134 27.49 18.24 -17.61
N GLY B 135 27.75 19.01 -18.66
CA GLY B 135 26.68 19.53 -19.52
C GLY B 135 26.71 18.92 -20.90
N GLN B 136 26.72 17.59 -20.97
CA GLN B 136 26.74 16.91 -22.27
C GLN B 136 25.39 16.31 -22.63
N ALA B 137 25.04 16.38 -23.91
CA ALA B 137 23.79 15.80 -24.37
C ALA B 137 23.98 14.58 -25.26
N VAL B 138 23.22 13.55 -24.92
CA VAL B 138 23.08 12.35 -25.74
C VAL B 138 22.40 12.78 -27.06
N PRO B 139 22.99 12.38 -28.21
CA PRO B 139 22.44 12.76 -29.52
C PRO B 139 21.13 12.03 -29.78
N ASP B 140 20.14 12.77 -30.30
CA ASP B 140 18.74 12.34 -30.34
C ASP B 140 18.53 10.94 -30.89
N HIS B 141 17.76 10.14 -30.15
CA HIS B 141 17.51 8.75 -30.52
C HIS B 141 16.03 8.37 -30.45
N GLY B 142 15.49 8.04 -31.62
CA GLY B 142 14.26 7.27 -31.71
C GLY B 142 14.48 5.84 -31.20
N HIS B 143 13.40 5.09 -31.06
CA HIS B 143 13.47 3.78 -30.41
C HIS B 143 12.94 2.66 -31.28
N ARG B 144 13.71 1.57 -31.34
CA ARG B 144 13.25 0.35 -31.98
C ARG B 144 12.55 -0.54 -30.94
N GLY B 145 11.73 0.08 -30.09
CA GLY B 145 10.95 -0.61 -29.07
C GLY B 145 10.77 0.26 -27.84
N LEU B 146 10.36 -0.37 -26.73
CA LEU B 146 10.30 0.31 -25.43
C LEU B 146 11.71 0.55 -24.91
N GLU B 147 11.92 1.67 -24.21
CA GLU B 147 13.23 1.99 -23.61
C GLU B 147 13.09 2.30 -22.13
N LEU B 148 14.09 1.93 -21.34
CA LEU B 148 14.07 2.08 -19.88
C LEU B 148 15.36 2.71 -19.39
N THR B 149 15.23 3.81 -18.64
CA THR B 149 16.40 4.54 -18.22
C THR B 149 16.36 4.90 -16.73
N LEU B 150 17.39 4.46 -16.02
CA LEU B 150 17.47 4.65 -14.60
C LEU B 150 18.72 5.49 -14.32
N VAL B 151 18.56 6.57 -13.57
CA VAL B 151 19.71 7.37 -13.22
C VAL B 151 20.36 6.81 -11.96
N LEU B 152 21.67 6.59 -12.03
CA LEU B 152 22.44 6.11 -10.88
C LEU B 152 23.23 7.24 -10.23
N GLN B 153 23.67 8.21 -11.03
CA GLN B 153 24.33 9.42 -10.52
C GLN B 153 23.76 10.64 -11.24
N GLY B 154 23.65 11.75 -10.52
CA GLY B 154 23.23 13.02 -11.09
C GLY B 154 21.82 13.05 -11.68
N ALA B 155 21.68 13.76 -12.79
CA ALA B 155 20.38 14.02 -13.40
C ALA B 155 20.54 14.30 -14.87
N PHE B 156 19.42 14.22 -15.60
CA PHE B 156 19.36 14.61 -17.02
C PHE B 156 17.99 15.14 -17.43
N ARG B 157 18.01 16.06 -18.39
CA ARG B 157 16.80 16.65 -18.95
C ARG B 157 16.53 16.16 -20.36
N ASP B 158 15.26 15.88 -20.64
CA ASP B 158 14.82 15.34 -21.93
C ASP B 158 13.31 15.53 -22.07
N GLU B 159 12.61 14.40 -22.20
CA GLU B 159 11.15 14.28 -22.45
C GLU B 159 10.28 15.47 -22.05
N THR B 160 9.48 15.26 -21.00
CA THR B 160 8.58 16.29 -20.47
C THR B 160 9.04 16.68 -19.07
N ASP B 161 10.02 15.92 -18.57
CA ASP B 161 10.36 15.89 -17.14
C ASP B 161 11.85 15.97 -16.79
N ARG B 162 12.10 16.23 -15.50
CA ARG B 162 13.42 16.09 -14.88
C ARG B 162 13.58 14.70 -14.27
N PHE B 163 14.68 14.03 -14.60
CA PHE B 163 15.00 12.72 -14.03
C PHE B 163 16.28 12.77 -13.19
N GLY B 164 16.15 12.49 -11.90
CA GLY B 164 17.30 12.50 -10.97
C GLY B 164 17.69 11.10 -10.49
N ALA B 165 18.71 11.03 -9.64
CA ALA B 165 19.27 9.76 -9.18
C ALA B 165 18.22 8.89 -8.50
N GLY B 166 17.88 7.80 -9.17
CA GLY B 166 16.81 6.90 -8.72
C GLY B 166 15.56 6.88 -9.58
N ASP B 167 15.35 7.96 -10.34
CA ASP B 167 14.19 8.12 -11.21
C ASP B 167 14.29 7.22 -12.43
N ILE B 168 13.14 6.75 -12.91
CA ILE B 168 13.10 5.91 -14.11
C ILE B 168 12.21 6.48 -15.21
N GLU B 169 12.86 6.70 -16.37
CA GLU B 169 12.21 7.06 -17.64
C GLU B 169 11.79 5.84 -18.46
N ILE B 170 10.55 5.85 -18.91
CA ILE B 170 10.00 4.87 -19.82
C ILE B 170 9.71 5.57 -21.16
N ALA B 171 10.46 5.18 -22.20
CA ALA B 171 10.28 5.73 -23.54
C ALA B 171 9.63 4.72 -24.49
N ASP B 172 8.70 5.21 -25.30
CA ASP B 172 7.95 4.38 -26.25
C ASP B 172 8.68 4.26 -27.61
N GLN B 173 7.96 3.79 -28.63
CA GLN B 173 8.47 3.73 -30.00
C GLN B 173 8.16 5.05 -30.72
N GLU B 174 6.97 5.58 -30.43
CA GLU B 174 6.59 6.92 -30.86
C GLU B 174 7.11 7.95 -29.83
N LEU B 175 8.43 8.19 -29.89
CA LEU B 175 9.12 9.19 -29.06
C LEU B 175 10.49 9.55 -29.66
N GLU B 176 10.62 10.80 -30.11
CA GLU B 176 11.91 11.36 -30.48
C GLU B 176 12.37 12.22 -29.30
N HIS B 177 13.57 11.94 -28.76
CA HIS B 177 14.07 12.73 -27.64
C HIS B 177 15.59 12.91 -27.60
N THR B 178 16.03 13.96 -26.91
CA THR B 178 17.45 14.30 -26.79
C THR B 178 17.82 14.50 -25.32
N PRO B 179 18.40 13.46 -24.70
CA PRO B 179 18.75 13.49 -23.28
C PRO B 179 20.01 14.31 -23.01
N VAL B 180 19.82 15.52 -22.51
CA VAL B 180 20.94 16.39 -22.11
C VAL B 180 21.18 16.24 -20.60
N ALA B 181 22.42 15.96 -20.21
CA ALA B 181 22.78 15.92 -18.78
C ALA B 181 22.69 17.31 -18.18
N GLU B 182 22.10 17.39 -16.99
CA GLU B 182 22.10 18.62 -16.20
C GLU B 182 23.49 18.84 -15.61
N ARG B 183 23.79 20.09 -15.25
CA ARG B 183 25.14 20.46 -14.82
C ARG B 183 25.45 19.97 -13.40
N GLY B 184 26.74 19.96 -13.04
CA GLY B 184 27.16 19.65 -11.67
C GLY B 184 27.95 18.37 -11.46
N LEU B 185 27.25 17.23 -11.51
CA LEU B 185 27.77 15.96 -11.00
C LEU B 185 28.41 15.00 -11.99
N ASP B 186 27.79 14.82 -13.17
CA ASP B 186 28.13 13.75 -14.14
C ASP B 186 27.08 12.65 -14.06
N CYS B 187 26.37 12.42 -15.16
CA CYS B 187 25.18 11.55 -15.18
C CYS B 187 25.44 10.12 -15.70
N ILE B 188 25.38 9.14 -14.80
CA ILE B 188 25.55 7.72 -15.16
C ILE B 188 24.21 7.01 -15.08
N CYS B 189 23.83 6.30 -16.16
CA CYS B 189 22.53 5.60 -16.27
C CYS B 189 22.62 4.11 -16.60
N LEU B 190 21.53 3.39 -16.29
CA LEU B 190 21.28 2.07 -16.84
C LEU B 190 20.06 2.14 -17.75
N ALA B 191 20.22 1.65 -18.97
CA ALA B 191 19.18 1.67 -19.99
C ALA B 191 18.82 0.28 -20.53
N ALA B 192 17.60 0.14 -21.07
CA ALA B 192 17.13 -1.14 -21.59
C ALA B 192 16.23 -0.97 -22.81
N THR B 193 16.57 -1.63 -23.92
CA THR B 193 15.79 -1.55 -25.17
C THR B 193 15.47 -2.93 -25.73
N ASP B 194 14.33 -3.05 -26.44
CA ASP B 194 13.93 -4.28 -27.14
C ASP B 194 13.73 -4.07 -28.65
N SER C 8 -37.24 -9.58 19.60
CA SER C 8 -36.24 -8.90 18.73
C SER C 8 -36.71 -8.82 17.28
N ASP C 9 -36.29 -7.78 16.57
CA ASP C 9 -36.62 -7.62 15.17
C ASP C 9 -35.50 -8.11 14.26
N ARG C 10 -35.89 -8.81 13.20
CA ARG C 10 -34.94 -9.31 12.20
C ARG C 10 -34.33 -8.15 11.44
N THR C 11 -34.65 -6.94 11.90
CA THR C 11 -34.30 -5.71 11.19
C THR C 11 -34.00 -4.65 12.25
N ASP C 12 -33.48 -5.13 13.37
CA ASP C 12 -32.96 -4.24 14.40
C ASP C 12 -31.48 -4.07 14.10
N TRP C 13 -31.18 -3.60 12.89
CA TRP C 13 -29.79 -3.56 12.40
C TRP C 13 -28.88 -3.25 13.58
N VAL C 14 -29.19 -2.17 14.29
CA VAL C 14 -28.50 -1.83 15.53
C VAL C 14 -28.53 -3.03 16.48
N ALA C 15 -29.74 -3.52 16.73
CA ALA C 15 -29.97 -4.64 17.65
C ALA C 15 -29.05 -5.85 17.41
N LEU C 16 -28.88 -6.26 16.12
CA LEU C 16 -28.17 -7.55 15.90
C LEU C 16 -26.64 -7.42 16.01
N MET C 17 -26.14 -6.18 15.87
CA MET C 17 -24.72 -5.91 16.04
C MET C 17 -24.37 -6.25 17.46
N ARG C 18 -25.20 -5.75 18.35
CA ARG C 18 -25.07 -6.05 19.76
C ARG C 18 -25.12 -7.57 19.88
N ALA C 19 -25.40 -8.23 18.76
CA ALA C 19 -25.57 -9.68 18.76
C ALA C 19 -24.32 -10.46 18.31
N ILE C 20 -23.71 -10.03 17.21
CA ILE C 20 -22.43 -10.61 16.77
C ILE C 20 -21.35 -10.35 17.81
N ARG C 21 -21.08 -9.07 18.07
CA ARG C 21 -20.13 -8.66 19.10
C ARG C 21 -20.55 -9.29 20.42
N ASP C 22 -21.82 -9.12 20.73
CA ASP C 22 -22.39 -9.60 21.97
C ASP C 22 -22.69 -11.08 21.91
N HIS C 23 -22.75 -11.64 20.70
CA HIS C 23 -23.19 -13.02 20.57
C HIS C 23 -22.51 -13.82 19.44
N ARG C 24 -21.40 -13.33 18.90
CA ARG C 24 -20.75 -14.06 17.81
C ARG C 24 -21.85 -14.89 17.15
N ASP C 25 -23.02 -14.27 17.10
CA ASP C 25 -24.23 -14.85 16.55
C ASP C 25 -24.12 -14.83 15.03
N GLU C 26 -23.82 -16.00 14.45
CA GLU C 26 -23.70 -16.13 13.00
C GLU C 26 -25.03 -15.82 12.35
N ALA C 27 -26.10 -16.30 12.99
CA ALA C 27 -27.45 -16.09 12.48
C ALA C 27 -27.73 -14.53 12.30
N ALA C 28 -27.22 -13.85 13.45
CA ALA C 28 -27.28 -12.40 13.49
C ALA C 28 -26.56 -11.79 12.29
N PHE C 29 -25.32 -12.23 12.09
CA PHE C 29 -24.52 -11.74 10.98
C PHE C 29 -25.21 -11.86 9.60
N ALA C 30 -26.14 -13.12 9.58
CA ALA C 30 -26.78 -13.26 8.20
C ALA C 30 -28.03 -12.31 8.10
N GLU C 31 -28.54 -11.91 9.28
CA GLU C 31 -29.63 -10.93 9.30
C GLU C 31 -29.08 -9.52 9.00
N LEU C 32 -27.75 -9.41 9.09
CA LEU C 32 -27.05 -8.16 8.77
C LEU C 32 -26.60 -8.18 7.32
N PHE C 33 -25.92 -9.26 6.94
CA PHE C 33 -25.43 -9.46 5.58
C PHE C 33 -26.55 -9.29 4.49
N GLN C 34 -27.70 -9.96 4.84
CA GLN C 34 -28.88 -10.00 3.98
C GLN C 34 -29.42 -8.61 3.59
N HIS C 35 -29.42 -7.72 4.58
CA HIS C 35 -29.95 -6.38 4.36
C HIS C 35 -28.90 -5.39 3.84
N PHE C 36 -27.66 -5.54 4.33
CA PHE C 36 -26.64 -4.51 4.08
C PHE C 36 -25.69 -4.81 2.92
N ALA C 37 -25.42 -6.09 2.68
CA ALA C 37 -24.50 -6.50 1.63
C ALA C 37 -24.91 -5.96 0.26
N PRO C 38 -26.17 -6.16 -0.13
CA PRO C 38 -26.69 -5.71 -1.42
C PRO C 38 -26.84 -4.18 -1.56
N LYS C 39 -26.71 -3.46 -0.45
CA LYS C 39 -26.69 -2.00 -0.49
C LYS C 39 -25.26 -1.50 -0.70
N VAL C 40 -24.38 -1.93 0.20
CA VAL C 40 -22.93 -1.77 0.04
C VAL C 40 -22.51 -2.01 -1.42
N LYS C 41 -23.03 -3.06 -2.03
CA LYS C 41 -22.71 -3.39 -3.42
C LYS C 41 -23.26 -2.37 -4.41
N GLY C 42 -24.54 -2.05 -4.29
CA GLY C 42 -25.17 -1.03 -5.15
C GLY C 42 -24.58 0.36 -4.96
N PHE C 43 -24.27 0.71 -3.71
CA PHE C 43 -23.61 1.97 -3.36
C PHE C 43 -22.29 2.10 -4.12
N LEU C 44 -21.42 1.10 -3.96
CA LEU C 44 -20.10 1.13 -4.57
C LEU C 44 -20.17 1.21 -6.10
N MET C 45 -21.06 0.42 -6.70
CA MET C 45 -21.29 0.48 -8.14
C MET C 45 -21.81 1.85 -8.55
N LYS C 46 -22.16 2.66 -7.56
CA LYS C 46 -22.55 4.04 -7.79
C LYS C 46 -21.32 4.94 -7.71
N SER C 47 -20.27 4.41 -7.09
CA SER C 47 -19.06 5.18 -6.84
C SER C 47 -18.01 4.97 -7.93
N GLY C 48 -18.37 4.18 -8.94
CA GLY C 48 -17.47 3.87 -10.04
C GLY C 48 -17.22 2.37 -10.14
N SER C 49 -17.02 1.76 -8.97
CA SER C 49 -16.76 0.32 -8.89
C SER C 49 -17.49 -0.47 -9.95
N VAL C 50 -16.88 -1.57 -10.37
CA VAL C 50 -17.54 -2.51 -11.29
C VAL C 50 -18.36 -3.51 -10.48
N ALA C 51 -19.29 -4.19 -11.14
CA ALA C 51 -20.17 -5.13 -10.45
C ALA C 51 -19.37 -6.11 -9.59
N SER C 52 -18.56 -6.94 -10.24
CA SER C 52 -17.76 -7.96 -9.55
C SER C 52 -17.06 -7.41 -8.31
N GLN C 53 -16.34 -6.31 -8.49
CA GLN C 53 -15.58 -5.71 -7.39
C GLN C 53 -16.51 -5.20 -6.29
N ALA C 54 -17.65 -4.65 -6.67
CA ALA C 54 -18.61 -4.15 -5.69
C ALA C 54 -19.07 -5.29 -4.77
N GLU C 55 -19.08 -6.51 -5.30
CA GLU C 55 -19.52 -7.65 -4.51
C GLU C 55 -18.50 -8.07 -3.45
N GLU C 56 -17.22 -8.14 -3.84
CA GLU C 56 -16.16 -8.53 -2.92
C GLU C 56 -15.98 -7.54 -1.78
N CYS C 57 -15.98 -6.25 -2.13
CA CYS C 57 -15.86 -5.22 -1.11
C CYS C 57 -17.03 -5.36 -0.16
N ALA C 58 -18.21 -5.70 -0.71
CA ALA C 58 -19.39 -5.90 0.13
C ALA C 58 -19.18 -7.12 1.03
N GLN C 59 -18.53 -8.13 0.47
CA GLN C 59 -18.20 -9.35 1.19
C GLN C 59 -17.11 -9.18 2.25
N ASP C 60 -16.07 -8.41 1.93
CA ASP C 60 -15.07 -8.07 2.94
C ASP C 60 -15.65 -7.11 3.98
N VAL C 61 -16.38 -6.11 3.50
CA VAL C 61 -16.97 -5.10 4.37
C VAL C 61 -17.83 -5.74 5.46
N MET C 62 -18.37 -6.93 5.18
CA MET C 62 -19.20 -7.63 6.17
C MET C 62 -18.36 -8.58 7.03
N ALA C 63 -17.26 -9.07 6.45
CA ALA C 63 -16.33 -9.93 7.18
C ALA C 63 -15.47 -9.13 8.16
N THR C 64 -15.39 -7.81 7.95
CA THR C 64 -14.75 -6.89 8.88
C THR C 64 -15.78 -6.45 9.94
N VAL C 65 -17.03 -6.28 9.52
CA VAL C 65 -18.13 -6.09 10.47
C VAL C 65 -18.15 -7.22 11.49
N TRP C 66 -17.76 -8.42 11.06
CA TRP C 66 -17.65 -9.54 11.99
C TRP C 66 -16.36 -9.48 12.79
N GLN C 67 -15.25 -9.25 12.10
CA GLN C 67 -13.93 -9.24 12.75
C GLN C 67 -13.79 -8.06 13.71
N LYS C 68 -14.41 -6.94 13.36
CA LYS C 68 -14.29 -5.75 14.18
C LYS C 68 -15.66 -5.18 14.58
N ALA C 69 -16.47 -6.06 15.19
CA ALA C 69 -17.78 -5.68 15.69
C ALA C 69 -17.66 -4.97 17.03
N HIS C 70 -16.56 -5.21 17.72
CA HIS C 70 -16.30 -4.60 19.03
C HIS C 70 -16.06 -3.10 18.93
N LEU C 71 -15.56 -2.66 17.78
CA LEU C 71 -15.25 -1.26 17.57
C LEU C 71 -16.51 -0.43 17.49
N PHE C 72 -17.53 -0.98 16.84
CA PHE C 72 -18.81 -0.30 16.70
C PHE C 72 -19.23 0.31 18.03
N ASP C 73 -19.68 1.57 17.96
CA ASP C 73 -20.34 2.22 19.08
C ASP C 73 -21.62 2.89 18.57
N PRO C 74 -22.77 2.33 18.96
CA PRO C 74 -24.10 2.73 18.50
C PRO C 74 -24.59 4.07 19.06
N SER C 75 -23.80 4.68 19.94
CA SER C 75 -24.13 6.01 20.45
C SER C 75 -23.34 7.09 19.71
N ARG C 76 -22.48 6.65 18.79
CA ARG C 76 -21.70 7.58 17.96
C ARG C 76 -21.99 7.43 16.47
N ALA C 77 -22.83 6.42 16.13
CA ALA C 77 -23.20 6.20 14.74
C ALA C 77 -24.39 5.27 14.59
N SER C 78 -24.81 5.04 13.32
CA SER C 78 -25.78 3.99 13.03
C SER C 78 -25.02 2.79 12.43
N VAL C 79 -25.72 1.66 12.31
CA VAL C 79 -25.09 0.45 11.77
C VAL C 79 -24.76 0.68 10.30
N ALA C 80 -25.65 1.46 9.61
CA ALA C 80 -25.35 1.82 8.22
C ALA C 80 -24.11 2.72 8.16
N THR C 81 -24.15 3.83 8.93
CA THR C 81 -23.01 4.75 8.95
C THR C 81 -21.71 3.99 9.21
N TRP C 82 -21.66 3.24 10.31
CA TRP C 82 -20.46 2.46 10.63
C TRP C 82 -20.02 1.53 9.50
N ILE C 83 -20.97 0.88 8.83
CA ILE C 83 -20.66 0.01 7.70
C ILE C 83 -20.22 0.83 6.47
N PHE C 84 -20.83 1.99 6.27
CA PHE C 84 -20.32 2.95 5.29
C PHE C 84 -18.85 3.29 5.60
N THR C 85 -18.53 3.35 6.88
CA THR C 85 -17.18 3.68 7.36
C THR C 85 -16.14 2.64 6.91
N ILE C 86 -16.54 1.37 6.90
CA ILE C 86 -15.67 0.30 6.45
C ILE C 86 -15.62 0.30 4.92
N ALA C 87 -16.71 0.75 4.30
CA ALA C 87 -16.82 0.68 2.85
C ALA C 87 -16.07 1.79 2.13
N ARG C 88 -15.95 2.97 2.75
CA ARG C 88 -15.12 4.00 2.14
C ARG C 88 -13.65 3.79 2.52
N ASN C 89 -13.44 3.16 3.67
CA ASN C 89 -12.09 2.81 4.11
C ASN C 89 -11.61 1.55 3.43
N ARG C 90 -12.45 0.99 2.54
CA ARG C 90 -12.18 -0.33 1.94
C ARG C 90 -12.50 -0.42 0.45
N ARG C 91 -12.78 0.72 -0.18
CA ARG C 91 -12.96 0.74 -1.62
C ARG C 91 -11.80 1.52 -2.22
N ILE C 92 -11.16 2.31 -1.36
CA ILE C 92 -9.95 3.05 -1.70
C ILE C 92 -8.79 2.04 -1.84
N ASP C 93 -9.03 0.80 -1.41
CA ASP C 93 -8.07 -0.30 -1.58
C ASP C 93 -8.07 -0.90 -2.99
N GLY C 94 -9.24 -0.95 -3.60
CA GLY C 94 -9.38 -1.37 -4.99
C GLY C 94 -9.77 -0.21 -5.87
N LEU C 95 -9.58 -0.36 -7.17
CA LEU C 95 -9.83 0.72 -8.13
C LEU C 95 -8.90 1.89 -7.87
N ARG C 96 -8.97 2.41 -6.65
CA ARG C 96 -8.02 3.41 -6.18
C ARG C 96 -7.06 2.66 -5.26
N LYS C 97 -5.93 2.23 -5.79
CA LYS C 97 -4.98 1.42 -5.02
C LYS C 97 -4.25 2.24 -3.97
N ASP C 98 -4.90 2.39 -2.82
CA ASP C 98 -4.50 3.37 -1.83
C ASP C 98 -4.90 3.01 -0.41
N ARG C 99 -4.41 3.80 0.52
CA ARG C 99 -4.77 3.64 1.91
C ARG C 99 -5.53 4.87 2.37
N GLN C 100 -6.50 4.65 3.24
CA GLN C 100 -7.14 5.77 3.86
C GLN C 100 -7.04 5.64 5.36
N PRO C 101 -5.99 6.23 5.93
CA PRO C 101 -5.70 6.36 7.36
C PRO C 101 -6.95 6.75 8.14
N GLU C 102 -6.98 6.36 9.40
CA GLU C 102 -8.16 6.57 10.24
C GLU C 102 -7.77 6.95 11.65
N PRO C 103 -8.63 7.70 12.34
CA PRO C 103 -8.38 8.17 13.70
C PRO C 103 -8.27 7.03 14.71
N GLU C 104 -7.71 7.32 15.87
CA GLU C 104 -7.60 6.35 16.95
C GLU C 104 -8.86 5.49 17.06
N ASP C 105 -8.70 4.31 17.68
CA ASP C 105 -9.82 3.44 18.00
C ASP C 105 -10.34 3.76 19.39
N LEU C 106 -11.54 4.33 19.48
CA LEU C 106 -12.10 4.64 20.78
C LEU C 106 -13.37 3.83 21.04
N PHE C 107 -13.18 2.58 21.44
CA PHE C 107 -14.29 1.66 21.65
C PHE C 107 -14.56 1.41 23.12
N TRP C 108 -15.76 0.91 23.41
CA TRP C 108 -16.10 0.47 24.77
C TRP C 108 -15.58 -0.94 24.99
N GLY C 109 -15.02 -1.17 26.18
CA GLY C 109 -14.44 -2.46 26.50
C GLY C 109 -15.48 -3.56 26.68
N PRO C 110 -15.02 -4.82 26.77
CA PRO C 110 -15.93 -5.93 27.06
C PRO C 110 -16.61 -5.72 28.41
N ASP C 111 -16.75 -4.46 28.80
CA ASP C 111 -17.37 -4.12 30.08
C ASP C 111 -18.52 -3.12 29.95
N SER C 112 -18.17 -1.84 29.76
CA SER C 112 -19.15 -0.76 29.85
C SER C 112 -19.98 -0.54 28.58
N GLU C 113 -21.28 -0.85 28.68
CA GLU C 113 -22.27 -0.53 27.65
C GLU C 113 -22.53 0.98 27.71
N PRO C 114 -22.38 1.69 26.57
CA PRO C 114 -22.70 3.11 26.61
C PRO C 114 -24.07 3.34 27.28
N ASP C 115 -24.22 4.40 28.05
CA ASP C 115 -25.49 4.65 28.70
C ASP C 115 -26.64 4.44 27.70
N GLN C 116 -27.58 3.58 28.05
CA GLN C 116 -28.68 3.24 27.15
C GLN C 116 -29.35 4.45 26.51
N ALA C 117 -29.38 5.57 27.22
CA ALA C 117 -30.08 6.77 26.75
C ALA C 117 -29.36 7.39 25.56
N ASP C 118 -28.03 7.46 25.65
CA ASP C 118 -27.21 7.96 24.56
C ASP C 118 -27.47 7.15 23.28
N VAL C 119 -27.59 5.84 23.45
CA VAL C 119 -27.88 4.93 22.33
C VAL C 119 -29.23 5.26 21.70
N TYR C 120 -30.26 5.31 22.55
CA TYR C 120 -31.60 5.72 22.12
C TYR C 120 -31.60 7.06 21.36
N GLU C 121 -30.80 8.01 21.92
CA GLU C 121 -30.83 9.39 21.43
C GLU C 121 -29.92 9.65 20.21
N MET C 122 -28.94 8.78 19.99
CA MET C 122 -28.09 8.91 18.80
C MET C 122 -28.79 8.27 17.60
N GLN C 123 -29.54 7.16 17.91
CA GLN C 123 -30.29 6.50 16.87
C GLN C 123 -31.51 7.32 16.53
N GLN C 124 -31.83 8.24 17.44
CA GLN C 124 -32.96 9.14 17.28
C GLN C 124 -32.58 10.28 16.35
N GLU C 125 -31.46 10.93 16.65
CA GLU C 125 -30.92 11.99 15.79
C GLU C 125 -30.48 11.38 14.46
N ASN C 126 -30.22 10.08 14.47
CA ASN C 126 -29.86 9.42 13.23
C ASN C 126 -31.08 9.21 12.32
N ALA C 127 -32.20 8.78 12.90
CA ALA C 127 -33.44 8.64 12.15
C ALA C 127 -33.96 10.00 11.65
N ARG C 128 -33.62 11.05 12.39
CA ARG C 128 -34.01 12.41 12.02
C ARG C 128 -33.17 12.93 10.85
N LEU C 129 -31.93 12.45 10.76
CA LEU C 129 -31.03 12.83 9.68
C LEU C 129 -31.35 12.05 8.41
N GLY C 130 -31.83 10.81 8.60
CA GLY C 130 -32.34 10.03 7.49
C GLY C 130 -33.68 10.56 7.00
N ARG C 131 -34.49 11.05 7.97
CA ARG C 131 -35.79 11.61 7.61
C ARG C 131 -35.58 12.80 6.70
N ALA C 132 -34.48 13.52 6.92
CA ALA C 132 -34.25 14.81 6.28
C ALA C 132 -33.54 14.72 4.94
N ILE C 133 -32.83 13.62 4.73
CA ILE C 133 -32.09 13.40 3.48
C ILE C 133 -33.06 12.95 2.39
N ALA C 134 -33.89 11.95 2.71
CA ALA C 134 -34.93 11.48 1.80
C ALA C 134 -36.02 12.55 1.62
N ALA C 142 -28.63 15.22 -5.08
CA ALA C 142 -27.73 15.50 -6.20
C ALA C 142 -26.35 15.95 -5.71
N LEU C 143 -26.32 17.05 -4.96
CA LEU C 143 -25.06 17.56 -4.41
C LEU C 143 -24.42 16.56 -3.43
N ILE C 144 -25.20 16.10 -2.46
CA ILE C 144 -24.72 15.17 -1.45
C ILE C 144 -24.26 13.86 -2.09
N GLU C 145 -25.13 13.24 -2.87
CA GLU C 145 -24.78 12.01 -3.57
C GLU C 145 -23.42 12.15 -4.25
N ARG C 146 -23.19 13.31 -4.85
CA ARG C 146 -21.96 13.56 -5.61
C ARG C 146 -20.76 13.60 -4.68
N ALA C 147 -20.95 14.19 -3.51
CA ALA C 147 -19.89 14.27 -2.53
C ALA C 147 -19.30 12.89 -2.27
N PHE C 148 -20.16 11.89 -2.27
CA PHE C 148 -19.78 10.58 -1.75
C PHE C 148 -19.39 9.54 -2.80
N PHE C 149 -19.66 9.85 -4.06
CA PHE C 149 -19.28 8.95 -5.15
C PHE C 149 -17.98 9.38 -5.83
N GLY C 150 -17.97 10.61 -6.35
CA GLY C 150 -16.80 11.13 -7.06
C GLY C 150 -16.76 12.65 -7.18
N ASP C 151 -15.94 13.28 -6.34
CA ASP C 151 -15.76 14.73 -6.38
C ASP C 151 -14.59 15.16 -5.48
N LEU C 152 -13.83 16.16 -5.94
CA LEU C 152 -12.61 16.59 -5.24
C LEU C 152 -12.86 17.26 -3.90
N THR C 153 -11.84 17.93 -3.37
CA THR C 153 -11.92 18.59 -2.07
C THR C 153 -12.50 20.00 -2.21
N HIS C 154 -13.25 20.21 -3.30
CA HIS C 154 -13.65 21.56 -3.70
C HIS C 154 -15.08 21.93 -3.29
N ARG C 155 -15.90 20.94 -2.92
CA ARG C 155 -17.30 21.22 -2.60
C ARG C 155 -17.74 20.82 -1.19
N GLU C 156 -18.56 21.67 -0.59
CA GLU C 156 -19.14 21.39 0.72
C GLU C 156 -20.66 21.64 0.69
N LEU C 157 -21.42 20.56 0.45
CA LEU C 157 -22.87 20.66 0.46
C LEU C 157 -23.39 20.75 1.89
N ALA C 158 -22.58 20.27 2.83
CA ALA C 158 -22.86 20.42 4.25
C ALA C 158 -22.89 21.91 4.54
N ALA C 159 -22.48 22.69 3.54
CA ALA C 159 -22.46 24.15 3.64
C ALA C 159 -23.86 24.75 3.53
N GLU C 160 -24.58 24.39 2.46
CA GLU C 160 -25.91 24.94 2.22
C GLU C 160 -26.98 23.89 2.51
N THR C 161 -27.18 22.96 1.58
CA THR C 161 -28.01 21.80 1.86
C THR C 161 -27.60 21.32 3.24
N GLY C 162 -27.42 22.28 4.14
CA GLY C 162 -26.99 22.02 5.51
C GLY C 162 -28.02 21.35 6.38
N LEU C 163 -28.10 20.03 6.25
CA LEU C 163 -28.79 19.22 7.23
C LEU C 163 -27.70 18.72 8.19
N PRO C 164 -26.75 19.62 8.50
CA PRO C 164 -25.66 19.38 9.44
C PRO C 164 -26.10 19.62 10.89
N LEU C 165 -27.04 18.79 11.33
CA LEU C 165 -27.26 18.56 12.74
C LEU C 165 -25.93 17.95 13.22
N GLY C 166 -25.46 18.25 14.43
CA GLY C 166 -26.03 19.26 15.32
C GLY C 166 -25.79 18.74 16.72
N THR C 167 -26.47 17.64 17.02
CA THR C 167 -26.50 17.04 18.36
C THR C 167 -26.13 15.57 18.29
N ILE C 168 -25.64 15.15 17.12
CA ILE C 168 -24.91 13.91 16.99
C ILE C 168 -23.47 14.28 17.29
N LYS C 169 -23.14 15.54 16.98
CA LYS C 169 -21.83 16.03 17.33
C LYS C 169 -21.71 16.07 18.85
N SER C 170 -22.54 16.89 19.49
CA SER C 170 -22.50 17.01 20.94
C SER C 170 -23.05 15.75 21.60
N ARG C 171 -23.94 15.07 20.88
CA ARG C 171 -24.30 13.72 21.26
C ARG C 171 -23.03 12.90 21.20
N ILE C 172 -22.46 12.80 20.00
CA ILE C 172 -21.22 12.08 19.79
C ILE C 172 -20.13 12.57 20.75
N ARG C 173 -20.13 13.89 21.01
CA ARG C 173 -19.06 14.55 21.76
C ARG C 173 -19.15 14.26 23.26
N LEU C 174 -20.29 13.77 23.70
CA LEU C 174 -20.51 13.50 25.11
C LEU C 174 -20.10 12.07 25.41
N ALA C 175 -20.71 11.14 24.67
CA ALA C 175 -20.34 9.72 24.72
C ALA C 175 -18.84 9.54 24.88
N LEU C 176 -18.08 10.29 24.10
CA LEU C 176 -16.62 10.20 24.14
C LEU C 176 -16.13 10.57 25.53
N ASP C 177 -16.59 11.71 26.01
CA ASP C 177 -16.23 12.18 27.33
C ASP C 177 -16.53 11.09 28.37
N ARG C 178 -17.69 10.46 28.25
CA ARG C 178 -18.07 9.37 29.14
C ARG C 178 -17.45 8.04 28.70
N THR D 2 -5.31 24.83 24.52
CA THR D 2 -6.52 24.32 23.80
C THR D 2 -6.27 24.25 22.29
N ILE D 3 -7.30 23.85 21.54
CA ILE D 3 -7.20 23.77 20.08
C ILE D 3 -8.19 24.73 19.44
N ARG D 4 -7.68 25.63 18.60
CA ARG D 4 -8.52 26.64 17.98
C ARG D 4 -8.60 26.46 16.47
N HIS D 5 -7.69 25.67 15.91
CA HIS D 5 -7.63 25.51 14.46
C HIS D 5 -8.00 24.11 14.01
N HIS D 6 -8.95 24.05 13.07
CA HIS D 6 -9.55 22.81 12.64
C HIS D 6 -9.62 22.70 11.11
N VAL D 7 -9.94 21.50 10.64
CA VAL D 7 -10.05 21.25 9.21
C VAL D 7 -11.29 21.96 8.62
N SER D 8 -11.13 22.48 7.42
CA SER D 8 -12.23 23.16 6.75
C SER D 8 -13.31 22.16 6.36
N ASP D 9 -14.55 22.50 6.67
CA ASP D 9 -15.67 21.67 6.27
C ASP D 9 -15.30 20.97 4.98
N ALA D 10 -14.79 21.74 4.02
CA ALA D 10 -14.41 21.22 2.72
C ALA D 10 -13.64 19.93 2.83
N LEU D 11 -12.56 19.94 3.62
CA LEU D 11 -11.72 18.75 3.80
C LEU D 11 -12.46 17.63 4.48
N LEU D 12 -13.10 17.93 5.60
CA LEU D 12 -13.88 16.94 6.33
C LEU D 12 -14.82 16.16 5.41
N THR D 13 -15.39 16.85 4.44
CA THR D 13 -16.32 16.24 3.50
C THR D 13 -15.58 15.35 2.51
N ALA D 14 -14.39 15.76 2.10
CA ALA D 14 -13.56 14.95 1.22
C ALA D 14 -13.06 13.73 1.97
N TYR D 15 -12.60 13.94 3.20
CA TYR D 15 -12.21 12.84 4.08
C TYR D 15 -13.41 11.92 4.31
N ALA D 16 -14.49 12.50 4.84
CA ALA D 16 -15.69 11.75 5.17
C ALA D 16 -16.25 10.96 3.98
N ALA D 17 -15.91 11.37 2.76
CA ALA D 17 -16.42 10.73 1.55
C ALA D 17 -15.39 9.82 0.86
N GLY D 18 -14.13 9.94 1.27
CA GLY D 18 -13.07 9.07 0.78
C GLY D 18 -12.48 9.45 -0.57
N THR D 19 -12.43 10.75 -0.85
CA THR D 19 -11.82 11.24 -2.09
C THR D 19 -10.58 12.10 -1.80
N LEU D 20 -10.08 11.98 -0.57
CA LEU D 20 -8.91 12.73 -0.14
C LEU D 20 -7.65 11.86 -0.20
N SER D 21 -6.63 12.33 -0.90
CA SER D 21 -5.41 11.54 -1.09
C SER D 21 -4.78 11.18 0.24
N GLU D 22 -4.04 10.06 0.28
CA GLU D 22 -3.56 9.49 1.53
C GLU D 22 -2.79 10.48 2.41
N ALA D 23 -1.84 11.19 1.82
CA ALA D 23 -1.01 12.14 2.57
C ALA D 23 -1.86 13.19 3.29
N PHE D 24 -2.91 13.67 2.62
CA PHE D 24 -3.85 14.63 3.18
C PHE D 24 -4.80 13.94 4.17
N SER D 25 -5.11 12.68 3.91
CA SER D 25 -5.93 11.89 4.82
C SER D 25 -5.19 11.68 6.13
N LEU D 26 -3.89 11.48 6.04
CA LEU D 26 -3.06 11.26 7.23
C LEU D 26 -3.03 12.49 8.14
N VAL D 27 -3.03 13.68 7.54
CA VAL D 27 -2.98 14.91 8.33
C VAL D 27 -4.32 15.14 9.03
N VAL D 28 -5.41 14.96 8.28
CA VAL D 28 -6.74 15.12 8.86
C VAL D 28 -6.93 14.06 9.93
N ALA D 29 -6.87 12.80 9.53
CA ALA D 29 -7.11 11.71 10.47
C ALA D 29 -6.39 11.93 11.80
N THR D 30 -5.12 12.30 11.77
CA THR D 30 -4.35 12.47 13.00
C THR D 30 -4.96 13.59 13.86
N HIS D 31 -5.33 14.70 13.23
CA HIS D 31 -6.05 15.77 13.91
C HIS D 31 -7.35 15.26 14.57
N LEU D 32 -8.04 14.34 13.91
CA LEU D 32 -9.26 13.79 14.46
C LEU D 32 -9.01 13.12 15.81
N SER D 33 -7.90 12.39 15.91
CA SER D 33 -7.62 11.65 17.14
C SER D 33 -7.11 12.55 18.27
N LEU D 34 -6.78 13.80 17.93
CA LEU D 34 -6.35 14.77 18.92
C LEU D 34 -7.46 15.78 19.20
N CYS D 35 -8.48 15.78 18.34
CA CYS D 35 -9.49 16.82 18.36
C CYS D 35 -10.89 16.19 18.35
N ASP D 36 -11.43 15.94 19.54
CA ASP D 36 -12.75 15.32 19.66
C ASP D 36 -13.83 16.16 18.99
N GLU D 37 -13.68 17.47 19.09
CA GLU D 37 -14.55 18.40 18.37
C GLU D 37 -14.49 18.05 16.89
N CYS D 38 -13.28 18.01 16.33
CA CYS D 38 -13.09 17.71 14.91
C CYS D 38 -13.50 16.28 14.54
N ARG D 39 -13.49 15.40 15.53
CA ARG D 39 -14.04 14.06 15.39
C ARG D 39 -15.53 14.08 15.07
N ALA D 40 -16.30 14.79 15.89
CA ALA D 40 -17.75 14.78 15.77
C ALA D 40 -18.19 15.25 14.40
N ARG D 41 -17.58 16.36 13.97
CA ARG D 41 -17.85 16.91 12.67
C ARG D 41 -17.65 15.85 11.59
N ALA D 42 -16.68 14.96 11.81
CA ALA D 42 -16.36 13.93 10.83
C ALA D 42 -17.19 12.68 11.06
N GLY D 43 -17.84 12.61 12.23
CA GLY D 43 -18.76 11.51 12.53
C GLY D 43 -20.13 11.80 11.96
N ALA D 44 -20.44 13.10 11.83
CA ALA D 44 -21.70 13.54 11.27
C ALA D 44 -21.70 13.45 9.76
N LEU D 45 -20.55 13.67 9.14
CA LEU D 45 -20.43 13.49 7.69
C LEU D 45 -20.54 12.01 7.38
N ASP D 46 -20.38 11.20 8.44
CA ASP D 46 -20.45 9.75 8.34
C ASP D 46 -21.87 9.26 8.45
N ALA D 47 -22.58 9.75 9.47
CA ALA D 47 -23.97 9.42 9.72
C ALA D 47 -24.81 9.85 8.51
N VAL D 48 -24.11 10.54 7.60
CA VAL D 48 -24.70 11.01 6.34
C VAL D 48 -24.59 9.93 5.27
N GLY D 49 -23.36 9.52 4.97
CA GLY D 49 -23.12 8.50 3.98
C GLY D 49 -23.75 7.19 4.41
N GLY D 50 -23.86 7.03 5.74
CA GLY D 50 -24.47 5.83 6.30
C GLY D 50 -25.93 5.76 5.89
N SER D 51 -26.54 6.93 5.83
CA SER D 51 -27.91 7.08 5.38
C SER D 51 -28.01 6.73 3.89
N LEU D 52 -27.33 7.51 3.05
CA LEU D 52 -27.32 7.24 1.63
C LEU D 52 -27.05 5.76 1.44
N MET D 53 -26.46 5.16 2.48
CA MET D 53 -26.12 3.75 2.49
C MET D 53 -27.43 2.95 2.47
N GLU D 54 -28.19 3.06 3.56
CA GLU D 54 -29.50 2.43 3.64
C GLU D 54 -30.33 2.68 2.37
N GLU D 55 -30.49 3.95 1.99
CA GLU D 55 -31.42 4.32 0.91
C GLU D 55 -30.87 4.30 -0.54
N THR D 56 -30.14 3.25 -0.90
CA THR D 56 -29.66 3.04 -2.27
C THR D 56 -30.36 1.81 -2.86
N ALA D 57 -30.77 1.89 -4.13
CA ALA D 57 -31.43 0.75 -4.78
C ALA D 57 -30.52 -0.47 -4.72
N PRO D 58 -30.99 -1.54 -4.06
CA PRO D 58 -30.18 -2.74 -3.85
C PRO D 58 -29.90 -3.57 -5.10
N VAL D 59 -28.65 -4.05 -5.20
CA VAL D 59 -28.28 -4.98 -6.24
C VAL D 59 -28.01 -6.33 -5.59
N ALA D 60 -28.49 -7.40 -6.23
CA ALA D 60 -28.43 -8.72 -5.64
C ALA D 60 -27.06 -9.35 -5.81
N LEU D 61 -26.53 -9.89 -4.71
CA LEU D 61 -25.23 -10.52 -4.72
C LEU D 61 -25.32 -11.98 -5.18
N SER D 62 -24.50 -12.33 -6.17
CA SER D 62 -24.44 -13.70 -6.67
C SER D 62 -25.01 -14.66 -5.64
N GLU D 63 -25.66 -15.72 -6.11
CA GLU D 63 -26.20 -16.73 -5.23
C GLU D 63 -25.06 -17.40 -4.45
N GLY D 64 -25.19 -17.40 -3.12
CA GLY D 64 -24.20 -18.10 -2.27
C GLY D 64 -23.10 -17.21 -1.69
N SER D 65 -23.29 -15.89 -1.86
CA SER D 65 -22.33 -14.95 -1.28
C SER D 65 -22.26 -15.19 0.26
N LEU D 66 -23.67 -14.99 0.83
CA LEU D 66 -23.73 -15.26 2.33
C LEU D 66 -22.87 -16.44 2.82
N ALA D 67 -23.23 -17.65 2.39
CA ALA D 67 -22.52 -18.88 2.78
C ALA D 67 -21.01 -18.73 2.62
N SER D 68 -20.63 -18.28 1.38
CA SER D 68 -19.18 -18.07 1.12
C SER D 68 -18.52 -17.05 2.09
N VAL D 69 -19.29 -16.12 2.62
CA VAL D 69 -18.72 -15.12 3.54
C VAL D 69 -18.73 -15.64 5.00
N MET D 70 -19.72 -16.62 5.22
CA MET D 70 -19.79 -17.24 6.55
C MET D 70 -18.67 -18.28 6.76
N ALA D 71 -18.34 -19.01 5.67
CA ALA D 71 -17.37 -20.09 5.80
C ALA D 71 -16.04 -19.56 6.27
N GLN D 72 -15.84 -18.27 6.07
CA GLN D 72 -14.53 -17.68 6.24
C GLN D 72 -14.36 -17.01 7.59
N LEU D 73 -15.45 -16.42 8.10
CA LEU D 73 -15.42 -15.83 9.44
C LEU D 73 -14.49 -16.67 10.31
N ASP D 74 -13.66 -15.99 11.10
CA ASP D 74 -12.72 -16.68 11.98
C ASP D 74 -13.44 -17.66 12.90
N ASP D 87 3.92 6.07 21.14
CA ASP D 87 4.26 7.47 21.31
C ASP D 87 2.97 8.28 21.50
N PRO D 88 2.85 9.02 22.61
CA PRO D 88 1.68 9.87 22.91
C PRO D 88 1.49 11.12 22.06
N ARG D 89 2.57 11.66 21.46
CA ARG D 89 2.46 12.78 20.52
C ARG D 89 1.99 12.31 19.14
N ALA D 90 2.45 11.12 18.77
CA ALA D 90 2.13 10.52 17.48
C ALA D 90 1.06 9.47 17.67
N PRO D 91 -0.23 9.89 17.65
CA PRO D 91 -1.34 8.96 17.88
C PRO D 91 -1.94 8.37 16.59
N ALA D 92 -3.15 7.84 16.75
CA ALA D 92 -4.08 7.61 15.64
C ALA D 92 -3.43 6.87 14.52
N PRO D 93 -3.50 7.42 13.27
CA PRO D 93 -2.84 6.77 12.13
C PRO D 93 -1.35 7.07 12.06
N LEU D 94 -0.93 8.20 12.62
CA LEU D 94 0.49 8.56 12.62
C LEU D 94 1.31 7.46 13.28
N ALA D 95 0.77 6.87 14.35
CA ALA D 95 1.40 5.75 15.05
C ALA D 95 1.94 4.65 14.12
N ASP D 96 1.22 4.36 13.02
CA ASP D 96 1.64 3.34 12.04
C ASP D 96 2.74 3.84 11.08
N TYR D 97 2.80 5.15 10.84
CA TYR D 97 3.82 5.78 9.99
C TYR D 97 5.09 6.12 10.75
N VAL D 98 5.05 5.98 12.06
CA VAL D 98 6.19 6.31 12.92
C VAL D 98 6.74 5.06 13.60
N GLY D 99 5.82 4.24 14.13
CA GLY D 99 6.17 2.97 14.76
C GLY D 99 7.05 3.09 15.99
N ARG D 100 6.58 3.84 17.00
CA ARG D 100 7.20 3.90 18.35
C ARG D 100 8.51 4.70 18.42
N ARG D 101 8.43 5.83 19.12
CA ARG D 101 9.45 6.90 19.13
C ARG D 101 9.43 7.77 17.86
N LEU D 102 9.12 9.06 18.08
CA LEU D 102 9.14 10.10 17.05
C LEU D 102 10.58 10.51 16.74
N GLU D 103 11.43 10.47 17.76
CA GLU D 103 12.83 10.88 17.63
C GLU D 103 13.72 9.77 17.06
N ASP D 104 13.11 8.69 16.59
CA ASP D 104 13.86 7.55 16.09
C ASP D 104 13.31 7.08 14.73
N VAL D 105 13.02 8.07 13.89
CA VAL D 105 12.67 7.91 12.47
C VAL D 105 13.86 8.39 11.61
N ARG D 106 13.66 8.45 10.29
CA ARG D 106 14.75 8.78 9.37
C ARG D 106 14.77 10.27 9.03
N TRP D 107 15.63 11.00 9.72
CA TRP D 107 15.71 12.46 9.60
C TRP D 107 16.71 12.91 8.55
N ARG D 108 16.38 14.02 7.89
CA ARG D 108 17.30 14.72 7.02
C ARG D 108 17.39 16.16 7.50
N THR D 109 18.61 16.55 7.88
CA THR D 109 18.93 17.91 8.31
C THR D 109 19.18 18.78 7.09
N LEU D 110 18.10 19.21 6.45
CA LEU D 110 18.17 20.11 5.32
C LEU D 110 17.50 21.44 5.66
N GLY D 111 18.28 22.52 5.69
CA GLY D 111 17.80 23.83 6.10
C GLY D 111 18.69 24.43 7.18
N GLY D 112 18.07 24.96 8.24
CA GLY D 112 18.79 25.67 9.31
C GLY D 112 19.21 24.73 10.43
N GLY D 113 18.36 24.62 11.45
CA GLY D 113 18.38 23.47 12.35
C GLY D 113 17.19 22.55 12.04
N VAL D 114 16.49 22.88 10.95
CA VAL D 114 15.28 22.19 10.55
C VAL D 114 15.63 20.84 9.95
N ARG D 115 14.92 19.80 10.43
CA ARG D 115 15.10 18.45 9.94
C ARG D 115 13.74 17.84 9.66
N GLN D 116 13.70 17.02 8.62
CA GLN D 116 12.48 16.36 8.21
C GLN D 116 12.66 14.87 7.98
N ALA D 117 11.54 14.19 7.98
CA ALA D 117 11.45 12.78 7.62
C ALA D 117 10.24 12.69 6.69
N ILE D 118 10.44 12.11 5.53
CA ILE D 118 9.34 11.83 4.62
C ILE D 118 8.59 10.60 5.16
N LEU D 119 7.27 10.69 5.17
CA LEU D 119 6.42 9.59 5.55
C LEU D 119 5.86 8.87 4.31
N PRO D 120 6.08 7.55 4.25
CA PRO D 120 5.74 6.74 3.09
C PRO D 120 4.24 6.75 2.86
N THR D 121 3.83 7.39 1.77
CA THR D 121 2.44 7.34 1.36
C THR D 121 2.34 6.98 -0.11
N GLY D 122 1.28 6.28 -0.47
CA GLY D 122 0.92 6.14 -1.87
C GLY D 122 0.32 7.42 -2.41
N GLY D 123 0.37 7.57 -3.73
CA GLY D 123 -0.19 8.74 -4.38
C GLY D 123 0.87 9.80 -4.50
N GLU D 124 0.44 10.97 -4.98
CA GLU D 124 1.37 12.00 -5.42
C GLU D 124 1.70 12.97 -4.29
N ALA D 125 0.68 13.39 -3.55
CA ALA D 125 0.87 14.19 -2.35
C ALA D 125 1.87 13.53 -1.40
N ILE D 126 2.69 14.38 -0.78
CA ILE D 126 3.81 13.99 0.05
C ILE D 126 3.50 14.35 1.48
N ALA D 127 3.80 13.46 2.42
CA ALA D 127 3.71 13.77 3.83
C ALA D 127 5.07 13.66 4.49
N ARG D 128 5.34 14.63 5.33
CA ARG D 128 6.58 14.65 6.04
C ARG D 128 6.30 14.96 7.51
N LEU D 129 7.32 14.80 8.33
CA LEU D 129 7.41 15.45 9.62
C LEU D 129 8.44 16.60 9.53
N LEU D 130 8.06 17.82 9.94
CA LEU D 130 9.01 18.93 10.18
C LEU D 130 9.43 19.01 11.66
N TRP D 131 10.73 19.09 11.90
CA TRP D 131 11.24 19.27 13.24
C TRP D 131 11.82 20.68 13.28
N ILE D 132 11.10 21.61 13.86
CA ILE D 132 11.58 23.00 13.90
C ILE D 132 11.97 23.41 15.33
N PRO D 133 13.29 23.61 15.57
CA PRO D 133 13.76 23.94 16.92
C PRO D 133 13.24 25.30 17.36
N GLY D 134 12.89 25.40 18.64
CA GLY D 134 12.44 26.67 19.25
C GLY D 134 12.84 27.97 18.55
N GLY D 135 14.09 28.06 18.12
CA GLY D 135 14.56 29.24 17.39
C GLY D 135 14.05 29.38 15.95
N GLN D 136 14.28 28.34 15.14
CA GLN D 136 14.32 28.49 13.68
C GLN D 136 13.04 28.99 13.00
N ALA D 137 13.22 29.65 11.86
CA ALA D 137 12.12 29.91 10.92
C ALA D 137 12.22 28.94 9.76
N VAL D 138 11.07 28.46 9.29
CA VAL D 138 11.01 27.78 8.01
C VAL D 138 11.19 28.85 6.92
N PRO D 139 12.18 28.66 6.02
CA PRO D 139 12.30 29.58 4.89
C PRO D 139 10.96 29.83 4.18
N ASP D 140 10.77 31.07 3.73
CA ASP D 140 9.52 31.52 3.10
C ASP D 140 9.14 30.75 1.81
N HIS D 141 7.89 30.31 1.76
CA HIS D 141 7.38 29.41 0.71
C HIS D 141 6.05 29.89 0.10
N GLY D 142 5.90 29.65 -1.20
CA GLY D 142 4.57 29.59 -1.83
C GLY D 142 4.08 28.15 -1.87
N HIS D 143 2.95 27.91 -2.53
CA HIS D 143 2.38 26.55 -2.61
C HIS D 143 2.01 26.18 -4.04
N ARG D 144 2.63 25.10 -4.53
CA ARG D 144 2.33 24.56 -5.87
C ARG D 144 0.87 24.09 -5.92
N GLY D 145 0.36 23.66 -4.76
CA GLY D 145 -1.05 23.36 -4.55
C GLY D 145 -1.22 23.01 -3.08
N LEU D 146 -2.32 23.49 -2.47
CA LEU D 146 -2.73 23.21 -1.06
C LEU D 146 -1.69 22.58 -0.12
N GLU D 147 -1.70 23.02 1.13
CA GLU D 147 -0.71 22.55 2.11
C GLU D 147 -1.29 22.47 3.51
N LEU D 148 -1.08 21.33 4.15
CA LEU D 148 -1.66 21.07 5.46
C LEU D 148 -0.54 20.87 6.45
N THR D 149 -0.62 21.59 7.57
CA THR D 149 0.37 21.51 8.66
C THR D 149 -0.37 21.28 9.99
N LEU D 150 -0.02 20.21 10.69
CA LEU D 150 -0.57 19.94 12.01
C LEU D 150 0.56 19.95 13.05
N VAL D 151 0.39 20.75 14.11
CA VAL D 151 1.38 20.86 15.19
C VAL D 151 1.27 19.72 16.21
N LEU D 152 2.36 18.99 16.41
CA LEU D 152 2.36 17.80 17.27
C LEU D 152 2.98 18.09 18.64
N GLN D 153 3.91 19.04 18.66
CA GLN D 153 4.63 19.47 19.85
C GLN D 153 4.97 20.95 19.61
N GLY D 154 5.03 21.74 20.68
CA GLY D 154 5.35 23.17 20.59
C GLY D 154 4.35 24.07 19.89
N ALA D 155 4.86 25.06 19.14
CA ALA D 155 4.03 26.05 18.44
C ALA D 155 4.82 26.85 17.42
N PHE D 156 4.13 27.33 16.39
CA PHE D 156 4.71 28.29 15.43
C PHE D 156 3.75 29.44 15.11
N ARG D 157 4.29 30.53 14.56
CA ARG D 157 3.48 31.67 14.13
C ARG D 157 3.86 32.17 12.74
N ASP D 158 2.86 32.37 11.89
CA ASP D 158 3.02 33.04 10.60
C ASP D 158 2.09 34.24 10.60
N GLU D 159 1.77 34.75 9.40
CA GLU D 159 0.94 35.96 9.29
C GLU D 159 -0.53 35.75 9.63
N THR D 160 -0.98 34.48 9.52
CA THR D 160 -2.37 34.09 9.79
C THR D 160 -2.68 34.07 11.29
N ASP D 161 -2.02 33.18 12.04
CA ASP D 161 -2.23 33.04 13.49
C ASP D 161 -1.02 32.37 14.17
N ARG D 162 -1.14 32.13 15.49
CA ARG D 162 -0.27 31.20 16.23
C ARG D 162 -0.90 29.80 16.30
N PHE D 163 -0.10 28.76 16.00
CA PHE D 163 -0.54 27.35 16.00
C PHE D 163 0.18 26.50 17.07
N GLY D 164 -0.57 26.05 18.07
CA GLY D 164 -0.04 25.13 19.11
C GLY D 164 -0.39 23.66 18.90
N ALA D 165 0.09 22.81 19.81
CA ALA D 165 -0.09 21.36 19.73
C ALA D 165 -1.54 20.93 19.51
N GLY D 166 -1.78 20.32 18.34
CA GLY D 166 -3.11 19.92 17.93
C GLY D 166 -3.70 20.80 16.84
N ASP D 167 -3.21 22.02 16.72
CA ASP D 167 -3.74 23.01 15.76
C ASP D 167 -3.35 22.67 14.33
N ILE D 168 -4.25 22.97 13.38
CA ILE D 168 -4.02 22.62 11.98
C ILE D 168 -4.13 23.82 11.02
N GLU D 169 -3.09 24.03 10.21
CA GLU D 169 -3.11 25.04 9.17
C GLU D 169 -3.43 24.47 7.78
N ILE D 170 -4.32 25.18 7.08
CA ILE D 170 -4.64 24.93 5.68
C ILE D 170 -4.10 26.14 4.93
N ALA D 171 -3.08 25.92 4.12
CA ALA D 171 -2.43 26.98 3.35
C ALA D 171 -2.60 26.65 1.87
N ASP D 172 -2.50 27.65 1.01
CA ASP D 172 -2.92 27.46 -0.38
C ASP D 172 -2.00 28.13 -1.42
N GLN D 173 -2.32 27.92 -2.70
CA GLN D 173 -1.62 28.50 -3.84
C GLN D 173 -1.51 30.02 -3.77
N GLU D 174 -2.50 30.63 -3.15
CA GLU D 174 -2.52 32.09 -2.98
C GLU D 174 -1.84 32.52 -1.67
N LEU D 175 -0.94 31.67 -1.17
CA LEU D 175 -0.26 31.98 0.07
C LEU D 175 1.25 31.86 -0.01
N GLU D 176 1.92 32.94 0.37
CA GLU D 176 3.33 32.90 0.73
C GLU D 176 3.44 33.39 2.16
N HIS D 177 4.17 32.64 2.98
CA HIS D 177 4.37 32.99 4.38
C HIS D 177 5.65 32.39 4.95
N THR D 178 6.13 33.00 6.03
CA THR D 178 7.27 32.47 6.76
C THR D 178 6.82 32.07 8.16
N PRO D 179 6.87 30.76 8.47
CA PRO D 179 6.54 30.28 9.81
C PRO D 179 7.75 30.20 10.76
N VAL D 180 7.57 30.71 11.98
CA VAL D 180 8.64 30.71 12.97
C VAL D 180 8.18 29.89 14.17
N ALA D 181 9.04 28.96 14.60
CA ALA D 181 8.79 28.20 15.82
C ALA D 181 9.00 29.08 17.06
N GLU D 182 8.06 28.99 18.00
CA GLU D 182 8.16 29.71 19.27
C GLU D 182 9.15 29.01 20.17
N ARG D 183 9.97 29.78 20.90
CA ARG D 183 11.03 29.17 21.71
C ARG D 183 10.50 28.49 22.96
N GLY D 184 10.91 27.23 23.17
CA GLY D 184 10.43 26.45 24.31
C GLY D 184 10.76 24.97 24.27
N LEU D 185 9.97 24.21 23.52
CA LEU D 185 10.02 22.74 23.52
C LEU D 185 10.74 22.13 22.32
N ASP D 186 10.63 22.79 21.17
CA ASP D 186 10.92 22.22 19.82
C ASP D 186 9.60 21.88 19.12
N CYS D 187 9.42 22.44 17.92
CA CYS D 187 8.14 22.39 17.22
C CYS D 187 8.11 21.30 16.16
N ILE D 188 7.41 20.21 16.49
CA ILE D 188 7.30 19.03 15.63
C ILE D 188 5.94 19.03 14.91
N CYS D 189 5.98 18.86 13.59
CA CYS D 189 4.82 19.02 12.70
C CYS D 189 4.59 17.85 11.73
N LEU D 190 3.32 17.57 11.46
CA LEU D 190 2.95 16.71 10.34
C LEU D 190 2.40 17.57 9.20
N ALA D 191 3.02 17.48 8.01
CA ALA D 191 2.57 18.25 6.84
C ALA D 191 2.44 17.41 5.55
N ALA D 192 1.64 17.94 4.62
CA ALA D 192 1.36 17.34 3.34
C ALA D 192 1.17 18.43 2.26
N THR D 193 1.56 18.12 1.01
CA THR D 193 1.45 19.05 -0.13
C THR D 193 1.13 18.31 -1.41
N ASP D 194 0.09 18.74 -2.12
CA ASP D 194 -0.26 18.09 -3.39
C ASP D 194 0.56 18.64 -4.54
ZN ZN E . 9.68 3.72 -7.94
ZN ZN F . 16.44 7.22 -25.46
ZN ZN G . -9.99 19.93 16.31
ZN ZN H . 3.58 26.52 3.80
N SER A 8 0.61 -22.23 17.05
CA SER A 8 1.09 -22.84 15.75
C SER A 8 0.65 -24.33 15.67
N ASP A 9 0.79 -24.89 14.46
CA ASP A 9 -0.09 -25.86 13.85
C ASP A 9 0.86 -26.41 12.82
N ARG A 10 0.49 -27.54 12.23
CA ARG A 10 1.27 -28.18 11.15
C ARG A 10 1.28 -27.35 9.85
N THR A 11 0.59 -26.22 9.90
CA THR A 11 -0.01 -25.55 8.77
C THR A 11 0.12 -24.04 8.96
N ASP A 12 0.86 -23.63 9.98
CA ASP A 12 1.16 -22.24 10.30
C ASP A 12 2.53 -21.96 9.73
N TRP A 13 2.57 -21.54 8.47
CA TRP A 13 3.77 -21.52 7.64
C TRP A 13 4.80 -20.52 8.12
N VAL A 14 4.32 -19.39 8.63
CA VAL A 14 5.21 -18.35 9.16
C VAL A 14 6.00 -18.88 10.34
N ALA A 15 5.33 -19.56 11.27
CA ALA A 15 6.00 -20.15 12.45
C ALA A 15 6.96 -21.27 12.08
N LEU A 16 6.54 -22.10 11.13
CA LEU A 16 7.41 -23.15 10.59
C LEU A 16 8.68 -22.61 9.97
N MET A 17 8.52 -21.50 9.22
CA MET A 17 9.65 -20.72 8.67
C MET A 17 10.60 -20.18 9.69
N ARG A 18 10.09 -19.75 10.85
CA ARG A 18 10.95 -19.28 11.93
C ARG A 18 11.58 -20.48 12.61
N ALA A 19 10.87 -21.61 12.61
CA ALA A 19 11.47 -22.85 13.14
C ALA A 19 12.64 -23.32 12.27
N ILE A 20 12.45 -23.35 10.96
CA ILE A 20 13.56 -23.53 10.01
C ILE A 20 14.72 -22.58 10.44
N ARG A 21 14.45 -21.27 10.49
CA ARG A 21 15.43 -20.22 10.80
C ARG A 21 16.12 -20.27 12.17
N ASP A 22 15.34 -20.30 13.25
CA ASP A 22 15.88 -20.29 14.60
C ASP A 22 16.47 -21.62 15.08
N HIS A 23 16.01 -22.74 14.53
CA HIS A 23 16.41 -24.03 15.13
C HIS A 23 16.89 -25.09 14.17
N ARG A 24 17.22 -24.70 12.95
CA ARG A 24 17.33 -25.63 11.81
C ARG A 24 16.35 -26.86 11.88
N ASP A 25 15.07 -26.55 12.10
CA ASP A 25 13.98 -27.52 12.33
C ASP A 25 13.62 -28.25 11.02
N GLU A 26 13.94 -29.53 10.96
CA GLU A 26 13.83 -30.31 9.74
C GLU A 26 12.43 -30.89 9.56
N ALA A 27 11.83 -31.33 10.67
CA ALA A 27 10.39 -31.62 10.70
C ALA A 27 9.54 -30.42 10.29
N ALA A 28 9.98 -29.20 10.68
CA ALA A 28 9.35 -27.96 10.17
C ALA A 28 9.45 -27.88 8.70
N PHE A 29 10.64 -28.18 8.14
CA PHE A 29 10.90 -28.21 6.70
C PHE A 29 10.07 -29.29 5.96
N ALA A 30 9.88 -30.45 6.58
CA ALA A 30 9.00 -31.47 6.03
C ALA A 30 7.54 -30.97 5.78
N GLU A 31 7.01 -30.23 6.74
CA GLU A 31 5.68 -29.61 6.61
C GLU A 31 5.57 -28.62 5.47
N LEU A 32 6.57 -27.76 5.32
CA LEU A 32 6.58 -26.74 4.24
C LEU A 32 6.72 -27.36 2.86
N PHE A 33 7.66 -28.30 2.73
CA PHE A 33 7.90 -29.11 1.54
C PHE A 33 6.69 -29.90 1.11
N GLN A 34 6.17 -30.73 2.00
CA GLN A 34 4.98 -31.53 1.69
C GLN A 34 3.78 -30.67 1.25
N HIS A 35 3.62 -29.47 1.79
CA HIS A 35 2.58 -28.61 1.30
C HIS A 35 2.97 -27.87 -0.01
N PHE A 36 4.13 -27.22 -0.03
CA PHE A 36 4.41 -26.29 -1.13
C PHE A 36 5.11 -26.90 -2.30
N ALA A 37 5.83 -28.00 -2.13
CA ALA A 37 6.49 -28.63 -3.31
C ALA A 37 5.52 -29.08 -4.43
N PRO A 38 4.39 -29.76 -4.08
CA PRO A 38 3.42 -30.14 -5.12
C PRO A 38 2.69 -28.94 -5.74
N LYS A 39 2.63 -27.85 -4.99
CA LYS A 39 2.02 -26.60 -5.40
C LYS A 39 2.95 -25.77 -6.31
N VAL A 40 4.24 -25.74 -5.99
CA VAL A 40 5.25 -25.22 -6.92
C VAL A 40 5.28 -26.04 -8.20
N LYS A 41 5.38 -27.36 -8.07
CA LYS A 41 5.25 -28.23 -9.24
C LYS A 41 4.04 -27.90 -10.13
N GLY A 42 2.83 -27.91 -9.57
CA GLY A 42 1.60 -27.62 -10.32
C GLY A 42 1.61 -26.24 -10.96
N PHE A 43 2.16 -25.28 -10.24
CA PHE A 43 2.30 -23.91 -10.71
C PHE A 43 3.18 -23.72 -11.98
N LEU A 44 4.40 -24.27 -11.94
CA LEU A 44 5.37 -24.22 -13.04
C LEU A 44 4.88 -24.96 -14.26
N MET A 45 4.08 -25.99 -14.03
CA MET A 45 3.40 -26.66 -15.11
C MET A 45 2.34 -25.79 -15.78
N LYS A 46 1.52 -25.08 -15.01
CA LYS A 46 0.67 -24.05 -15.61
C LYS A 46 1.49 -22.94 -16.30
N SER A 47 2.72 -22.70 -15.81
CA SER A 47 3.65 -21.75 -16.45
C SER A 47 4.32 -22.24 -17.77
N GLY A 48 4.04 -23.47 -18.16
CA GLY A 48 4.59 -24.01 -19.39
C GLY A 48 5.68 -25.07 -19.25
N SER A 49 6.03 -25.40 -18.02
CA SER A 49 7.00 -26.47 -17.73
C SER A 49 6.45 -27.89 -17.84
N VAL A 50 7.32 -28.81 -18.28
CA VAL A 50 6.97 -30.23 -18.25
C VAL A 50 7.26 -30.79 -16.87
N ALA A 51 6.41 -31.75 -16.47
CA ALA A 51 6.35 -32.33 -15.11
C ALA A 51 7.70 -32.64 -14.45
N SER A 52 8.61 -33.18 -15.25
CA SER A 52 9.94 -33.62 -14.81
C SER A 52 10.79 -32.43 -14.36
N GLN A 53 10.75 -31.36 -15.16
CA GLN A 53 11.48 -30.12 -14.88
C GLN A 53 10.85 -29.27 -13.80
N ALA A 54 9.52 -29.24 -13.76
CA ALA A 54 8.75 -28.61 -12.67
C ALA A 54 8.99 -29.24 -11.30
N GLU A 55 9.09 -30.57 -11.24
CA GLU A 55 9.49 -31.28 -10.02
C GLU A 55 10.91 -30.92 -9.59
N GLU A 56 11.82 -30.91 -10.54
CA GLU A 56 13.21 -30.57 -10.28
C GLU A 56 13.34 -29.18 -9.66
N CYS A 57 12.55 -28.25 -10.18
CA CYS A 57 12.53 -26.85 -9.82
C CYS A 57 11.88 -26.65 -8.44
N ALA A 58 10.69 -27.24 -8.26
CA ALA A 58 10.03 -27.33 -6.93
C ALA A 58 10.97 -27.77 -5.81
N GLN A 59 11.76 -28.79 -6.11
CA GLN A 59 12.77 -29.32 -5.21
C GLN A 59 13.89 -28.34 -4.94
N ASP A 60 14.35 -27.65 -5.99
CA ASP A 60 15.35 -26.59 -5.85
C ASP A 60 14.81 -25.39 -5.11
N VAL A 61 13.55 -25.04 -5.37
CA VAL A 61 12.89 -23.95 -4.64
C VAL A 61 12.90 -24.20 -3.13
N MET A 62 12.49 -25.40 -2.75
CA MET A 62 12.38 -25.78 -1.36
C MET A 62 13.72 -25.88 -0.69
N ALA A 63 14.76 -26.17 -1.48
CA ALA A 63 16.17 -26.17 -0.99
C ALA A 63 16.68 -24.77 -0.73
N THR A 64 16.25 -23.81 -1.55
CA THR A 64 16.56 -22.40 -1.35
C THR A 64 15.85 -21.85 -0.10
N VAL A 65 14.68 -22.40 0.18
CA VAL A 65 13.82 -21.94 1.24
C VAL A 65 14.54 -22.23 2.55
N TRP A 66 15.21 -23.36 2.62
CA TRP A 66 15.97 -23.75 3.76
C TRP A 66 17.29 -22.93 3.87
N GLN A 67 17.98 -22.75 2.75
CA GLN A 67 19.23 -22.01 2.68
C GLN A 67 19.09 -20.51 3.01
N LYS A 68 18.10 -19.88 2.37
CA LYS A 68 17.84 -18.46 2.49
C LYS A 68 16.74 -18.14 3.48
N ALA A 69 16.37 -19.08 4.32
CA ALA A 69 15.28 -18.84 5.26
C ALA A 69 15.41 -17.53 6.03
N HIS A 70 16.64 -17.03 6.14
CA HIS A 70 16.92 -15.77 6.85
C HIS A 70 16.29 -14.60 6.10
N LEU A 71 16.37 -14.63 4.78
CA LEU A 71 15.79 -13.61 3.90
C LEU A 71 14.28 -13.45 4.03
N PHE A 72 13.58 -14.41 4.62
CA PHE A 72 12.14 -14.32 4.71
C PHE A 72 11.65 -13.36 5.80
N ASP A 73 10.85 -12.37 5.41
CA ASP A 73 10.34 -11.31 6.31
C ASP A 73 8.83 -11.30 6.27
N PRO A 74 8.15 -11.84 7.31
CA PRO A 74 6.70 -11.89 7.29
C PRO A 74 5.98 -10.56 7.55
N SER A 75 6.72 -9.46 7.70
CA SER A 75 6.07 -8.15 7.73
C SER A 75 5.91 -7.61 6.28
N ARG A 76 6.43 -8.34 5.31
CA ARG A 76 6.45 -7.91 3.95
C ARG A 76 5.81 -8.95 3.03
N ALA A 77 5.73 -10.21 3.47
CA ALA A 77 5.19 -11.27 2.60
C ALA A 77 4.58 -12.39 3.40
N SER A 78 3.70 -13.16 2.76
CA SER A 78 3.33 -14.47 3.27
C SER A 78 4.40 -15.44 2.82
N VAL A 79 4.38 -16.66 3.36
CA VAL A 79 5.29 -17.73 2.94
C VAL A 79 5.08 -18.09 1.49
N ALA A 80 3.83 -18.43 1.14
CA ALA A 80 3.39 -18.63 -0.26
C ALA A 80 3.96 -17.57 -1.23
N THR A 81 3.89 -16.30 -0.87
CA THR A 81 4.45 -15.26 -1.70
C THR A 81 5.94 -15.33 -1.86
N TRP A 82 6.64 -15.55 -0.76
CA TRP A 82 8.10 -15.57 -0.79
C TRP A 82 8.48 -16.80 -1.60
N ILE A 83 7.88 -17.92 -1.29
CA ILE A 83 8.18 -19.15 -2.03
C ILE A 83 7.99 -18.95 -3.56
N PHE A 84 6.81 -18.49 -3.96
CA PHE A 84 6.54 -17.97 -5.30
C PHE A 84 7.66 -17.10 -5.89
N THR A 85 7.94 -15.99 -5.30
CA THR A 85 9.15 -15.20 -5.57
C THR A 85 10.39 -16.05 -6.02
N ILE A 86 10.80 -16.99 -5.18
CA ILE A 86 11.87 -17.96 -5.49
C ILE A 86 11.52 -18.75 -6.76
N ALA A 87 10.26 -19.21 -6.88
CA ALA A 87 9.83 -19.98 -8.09
C ALA A 87 9.87 -19.19 -9.37
N ARG A 88 9.35 -17.96 -9.33
CA ARG A 88 9.34 -17.09 -10.52
C ARG A 88 10.70 -16.50 -11.01
N ASN A 89 11.67 -16.42 -10.10
CA ASN A 89 12.99 -15.86 -10.35
C ASN A 89 13.97 -16.89 -10.85
N ARG A 90 13.50 -18.11 -11.00
CA ARG A 90 14.30 -19.10 -11.66
C ARG A 90 14.72 -18.60 -13.04
N ARG A 91 15.73 -19.24 -13.62
CA ARG A 91 16.08 -19.01 -15.01
C ARG A 91 15.02 -19.60 -15.96
N ILE A 92 14.43 -18.75 -16.77
CA ILE A 92 13.76 -19.16 -18.00
C ILE A 92 14.75 -18.80 -19.10
N ASP A 93 15.30 -19.85 -19.72
CA ASP A 93 16.46 -19.77 -20.59
C ASP A 93 16.35 -18.73 -21.73
N GLY A 94 15.20 -18.70 -22.40
CA GLY A 94 14.98 -17.76 -23.51
C GLY A 94 14.85 -16.31 -23.06
N LEU A 95 14.69 -16.09 -21.76
CA LEU A 95 14.48 -14.75 -21.20
C LEU A 95 15.73 -14.18 -20.51
N ARG A 96 16.61 -15.07 -20.05
CA ARG A 96 17.72 -14.70 -19.18
C ARG A 96 18.78 -15.78 -19.06
N LYS A 97 20.01 -15.36 -18.71
CA LYS A 97 21.20 -16.22 -18.54
C LYS A 97 21.33 -16.85 -17.15
N ASP A 98 20.52 -16.37 -16.22
CA ASP A 98 20.56 -16.85 -14.83
C ASP A 98 19.21 -16.57 -14.21
N ARG A 99 19.15 -16.55 -12.88
CA ARG A 99 17.99 -16.16 -12.11
C ARG A 99 17.60 -14.72 -12.39
N GLN A 100 16.32 -14.40 -12.28
CA GLN A 100 15.86 -13.06 -12.58
C GLN A 100 16.56 -12.09 -11.66
N PRO A 101 17.13 -11.02 -12.25
CA PRO A 101 17.62 -9.93 -11.40
C PRO A 101 16.60 -9.54 -10.33
N GLU A 102 17.02 -9.68 -9.09
CA GLU A 102 16.22 -9.28 -7.96
C GLU A 102 16.93 -8.16 -7.22
N PRO A 103 16.15 -7.30 -6.54
CA PRO A 103 16.74 -6.17 -5.83
C PRO A 103 17.60 -6.59 -4.63
N GLU A 104 18.38 -5.64 -4.12
CA GLU A 104 19.16 -5.73 -2.89
C GLU A 104 18.43 -6.51 -1.79
N ASP A 105 19.16 -7.29 -1.02
CA ASP A 105 18.48 -8.06 0.00
C ASP A 105 18.37 -7.24 1.27
N LEU A 106 17.13 -7.02 1.68
CA LEU A 106 16.83 -6.36 2.95
C LEU A 106 16.25 -7.43 3.85
N PHE A 107 17.02 -7.86 4.83
CA PHE A 107 16.50 -8.85 5.74
C PHE A 107 16.71 -8.35 7.15
N TRP A 108 15.93 -8.86 8.09
CA TRP A 108 16.24 -8.62 9.49
C TRP A 108 17.44 -9.46 9.88
N GLY A 109 18.40 -8.82 10.55
CA GLY A 109 19.63 -9.48 11.00
C GLY A 109 19.30 -10.64 11.93
N PRO A 110 20.34 -11.34 12.45
CA PRO A 110 20.08 -12.55 13.23
C PRO A 110 19.47 -12.15 14.57
N ASP A 111 19.53 -10.85 14.83
CA ASP A 111 18.78 -10.17 15.88
C ASP A 111 17.37 -9.85 15.38
N SER A 112 16.98 -8.56 15.41
CA SER A 112 15.58 -8.16 15.38
C SER A 112 14.65 -8.96 14.50
N GLU A 113 13.62 -9.48 15.15
CA GLU A 113 12.33 -9.80 14.51
C GLU A 113 11.73 -8.46 14.02
N PRO A 114 10.92 -8.47 12.93
CA PRO A 114 10.03 -7.31 12.74
C PRO A 114 9.00 -7.16 13.89
N ASP A 115 8.42 -5.97 14.06
CA ASP A 115 7.36 -5.74 15.07
C ASP A 115 6.24 -6.76 14.81
N GLN A 116 5.97 -7.63 15.77
CA GLN A 116 4.99 -8.70 15.61
C GLN A 116 3.64 -8.15 15.13
N ALA A 117 3.36 -6.90 15.49
CA ALA A 117 2.10 -6.26 15.12
C ALA A 117 2.00 -6.05 13.62
N ASP A 118 3.13 -5.67 12.99
CA ASP A 118 3.26 -5.59 11.52
C ASP A 118 3.10 -6.95 10.86
N VAL A 119 3.86 -7.92 11.33
CA VAL A 119 3.71 -9.32 10.91
C VAL A 119 2.22 -9.76 10.92
N TYR A 120 1.56 -9.64 12.07
CA TYR A 120 0.14 -9.98 12.18
C TYR A 120 -0.76 -9.22 11.18
N GLU A 121 -0.51 -7.91 11.01
CA GLU A 121 -1.25 -7.07 10.06
C GLU A 121 -0.90 -7.35 8.60
N MET A 122 0.32 -7.83 8.38
CA MET A 122 0.71 -8.30 7.07
C MET A 122 0.02 -9.60 6.71
N GLN A 123 -0.16 -10.49 7.66
CA GLN A 123 -0.73 -11.80 7.33
C GLN A 123 -2.22 -11.67 7.17
N GLN A 124 -2.79 -10.65 7.84
CA GLN A 124 -4.21 -10.30 7.76
C GLN A 124 -4.62 -9.82 6.40
N GLU A 125 -3.97 -8.75 5.96
CA GLU A 125 -4.22 -8.14 4.67
C GLU A 125 -3.99 -9.19 3.60
N ASN A 126 -3.07 -10.08 3.89
CA ASN A 126 -2.75 -11.14 2.99
C ASN A 126 -3.81 -12.24 2.86
N ALA A 127 -4.34 -12.69 3.99
CA ALA A 127 -5.46 -13.63 4.04
C ALA A 127 -6.66 -13.00 3.37
N ARG A 128 -6.86 -11.71 3.64
CA ARG A 128 -7.91 -10.87 3.04
C ARG A 128 -7.91 -10.99 1.51
N LEU A 129 -6.74 -10.81 0.89
CA LEU A 129 -6.57 -10.88 -0.57
C LEU A 129 -6.66 -12.30 -1.12
N GLY A 130 -6.22 -13.28 -0.35
CA GLY A 130 -6.42 -14.68 -0.73
C GLY A 130 -7.90 -15.03 -0.77
N ARG A 131 -8.62 -14.50 0.20
CA ARG A 131 -10.06 -14.67 0.36
C ARG A 131 -10.76 -14.06 -0.85
N ALA A 132 -10.20 -12.93 -1.30
CA ALA A 132 -10.66 -12.17 -2.45
C ALA A 132 -10.39 -12.91 -3.77
N ILE A 133 -9.15 -13.35 -4.02
CA ILE A 133 -8.83 -14.12 -5.24
C ILE A 133 -9.76 -15.33 -5.39
N ALA A 134 -9.98 -16.02 -4.26
CA ALA A 134 -10.83 -17.21 -4.22
C ALA A 134 -12.25 -16.93 -4.73
N ARG A 135 -12.88 -15.87 -4.20
CA ARG A 135 -14.26 -15.52 -4.57
C ARG A 135 -14.39 -14.83 -5.94
N LEU A 136 -13.31 -14.74 -6.71
CA LEU A 136 -13.38 -14.06 -8.01
C LEU A 136 -14.11 -14.90 -9.06
N PRO A 137 -15.11 -14.29 -9.76
CA PRO A 137 -15.63 -14.84 -10.99
C PRO A 137 -14.50 -15.48 -11.81
N GLU A 138 -14.81 -16.54 -12.55
CA GLU A 138 -13.76 -17.40 -13.13
C GLU A 138 -13.10 -16.74 -14.34
N ALA A 139 -13.92 -15.97 -15.06
CA ALA A 139 -13.47 -15.17 -16.21
C ALA A 139 -12.58 -13.99 -15.80
N GLN A 140 -12.61 -13.62 -14.52
CA GLN A 140 -11.67 -12.63 -13.96
C GLN A 140 -10.42 -13.30 -13.40
N ARG A 141 -10.60 -14.42 -12.71
CA ARG A 141 -9.50 -15.24 -12.25
C ARG A 141 -8.64 -15.78 -13.40
N ALA A 142 -9.12 -15.69 -14.63
CA ALA A 142 -8.38 -16.16 -15.80
C ALA A 142 -7.50 -15.07 -16.41
N LEU A 143 -7.92 -13.82 -16.21
CA LEU A 143 -7.12 -12.63 -16.55
C LEU A 143 -5.88 -12.52 -15.69
N ILE A 144 -6.03 -12.89 -14.42
CA ILE A 144 -4.95 -12.93 -13.44
C ILE A 144 -4.02 -14.11 -13.68
N GLU A 145 -4.54 -15.32 -13.73
CA GLU A 145 -3.74 -16.49 -14.10
C GLU A 145 -2.91 -16.29 -15.37
N ARG A 146 -3.48 -15.69 -16.42
CA ARG A 146 -2.74 -15.49 -17.67
C ARG A 146 -1.53 -14.55 -17.48
N ALA A 147 -1.71 -13.51 -16.67
CA ALA A 147 -0.63 -12.59 -16.26
C ALA A 147 0.56 -13.37 -15.72
N PHE A 148 0.27 -14.37 -14.89
CA PHE A 148 1.33 -15.11 -14.24
C PHE A 148 1.81 -16.37 -14.98
N PHE A 149 1.05 -16.83 -15.98
CA PHE A 149 1.43 -18.09 -16.66
C PHE A 149 2.17 -18.00 -18.03
N GLY A 150 1.68 -17.17 -18.95
CA GLY A 150 2.30 -17.13 -20.29
C GLY A 150 2.04 -15.90 -21.17
N ASP A 151 2.41 -14.72 -20.66
CA ASP A 151 2.07 -13.46 -21.33
C ASP A 151 3.15 -12.39 -21.17
N LEU A 152 3.38 -11.62 -22.24
CA LEU A 152 4.42 -10.60 -22.32
C LEU A 152 4.10 -9.32 -21.53
N THR A 153 4.99 -8.32 -21.67
CA THR A 153 4.93 -7.04 -20.95
C THR A 153 3.69 -6.17 -21.21
N HIS A 154 3.15 -6.19 -22.44
CA HIS A 154 1.90 -5.45 -22.75
C HIS A 154 0.70 -6.03 -21.96
N ARG A 155 0.70 -5.79 -20.64
CA ARG A 155 -0.21 -6.44 -19.67
C ARG A 155 -0.04 -5.86 -18.25
N GLU A 156 -1.06 -5.14 -17.77
CA GLU A 156 -1.08 -4.54 -16.42
C GLU A 156 -2.22 -5.11 -15.56
N LEU A 157 -1.86 -5.55 -14.36
CA LEU A 157 -2.79 -6.26 -13.47
C LEU A 157 -3.35 -5.44 -12.30
N ALA A 158 -2.54 -4.54 -11.73
CA ALA A 158 -3.04 -3.61 -10.70
C ALA A 158 -3.97 -2.53 -11.29
N ALA A 159 -4.22 -2.61 -12.59
CA ALA A 159 -4.94 -1.59 -13.34
C ALA A 159 -6.14 -2.13 -14.13
N GLU A 160 -6.30 -3.45 -14.15
CA GLU A 160 -7.47 -4.07 -14.78
C GLU A 160 -8.28 -4.90 -13.78
N THR A 161 -7.62 -5.33 -12.70
CA THR A 161 -8.30 -5.96 -11.56
C THR A 161 -8.67 -4.92 -10.52
N GLY A 162 -9.62 -5.27 -9.64
CA GLY A 162 -10.00 -4.37 -8.55
C GLY A 162 -9.80 -5.04 -7.20
N LEU A 163 -8.61 -5.64 -7.03
CA LEU A 163 -8.25 -6.39 -5.83
C LEU A 163 -7.63 -5.46 -4.80
N PRO A 164 -7.85 -5.75 -3.50
CA PRO A 164 -7.40 -4.90 -2.40
C PRO A 164 -5.87 -4.94 -2.21
N LEU A 165 -5.17 -4.31 -3.14
CA LEU A 165 -3.72 -4.30 -3.18
C LEU A 165 -3.21 -3.06 -2.47
N GLY A 166 -4.15 -2.23 -2.05
CA GLY A 166 -3.87 -0.93 -1.47
C GLY A 166 -3.33 -0.98 -0.06
N THR A 167 -3.84 -1.87 0.79
CA THR A 167 -3.33 -1.92 2.15
C THR A 167 -2.07 -2.76 2.20
N ILE A 168 -1.97 -3.80 1.38
CA ILE A 168 -0.73 -4.59 1.33
C ILE A 168 0.49 -3.71 0.97
N LYS A 169 0.28 -2.83 0.01
CA LYS A 169 1.29 -1.87 -0.42
C LYS A 169 1.78 -1.02 0.72
N SER A 170 0.85 -0.36 1.41
CA SER A 170 1.22 0.51 2.51
C SER A 170 1.80 -0.28 3.66
N ARG A 171 1.22 -1.43 3.95
CA ARG A 171 1.84 -2.39 4.84
C ARG A 171 3.30 -2.62 4.48
N ILE A 172 3.60 -2.82 3.18
CA ILE A 172 5.00 -3.06 2.79
C ILE A 172 5.86 -1.82 2.91
N ARG A 173 5.30 -0.66 2.57
CA ARG A 173 6.02 0.61 2.63
C ARG A 173 6.38 0.89 4.08
N LEU A 174 5.43 0.61 4.95
CA LEU A 174 5.59 0.90 6.37
C LEU A 174 6.55 -0.08 7.02
N ALA A 175 6.40 -1.35 6.72
CA ALA A 175 7.40 -2.39 7.02
C ALA A 175 8.84 -2.06 6.56
N LEU A 176 8.97 -1.51 5.36
CA LEU A 176 10.30 -1.23 4.81
C LEU A 176 10.93 -0.09 5.54
N ASP A 177 10.08 0.86 5.97
CA ASP A 177 10.58 2.03 6.66
C ASP A 177 11.14 1.65 8.00
N ARG A 178 10.42 0.80 8.73
CA ARG A 178 10.86 0.27 10.00
C ARG A 178 12.19 -0.44 9.86
N LEU A 179 12.28 -1.30 8.84
CA LEU A 179 13.52 -1.96 8.47
C LEU A 179 14.69 -0.98 8.28
N ARG A 180 14.47 0.10 7.53
CA ARG A 180 15.51 1.12 7.32
C ARG A 180 15.88 1.88 8.59
N GLN A 181 14.88 2.21 9.43
CA GLN A 181 15.15 2.86 10.72
C GLN A 181 16.06 1.98 11.60
N HIS A 182 15.74 0.69 11.67
CA HIS A 182 16.52 -0.30 12.41
C HIS A 182 17.94 -0.45 11.86
N MET A 183 18.04 -0.59 10.53
CA MET A 183 19.24 -1.07 9.86
C MET A 183 20.09 0.10 9.31
N THR B 2 13.94 13.44 -3.36
CA THR B 2 12.83 12.49 -3.68
C THR B 2 13.06 11.73 -4.99
N ILE B 3 12.35 10.60 -5.15
CA ILE B 3 12.19 9.90 -6.45
C ILE B 3 10.74 10.13 -6.92
N ARG B 4 10.56 10.62 -8.15
CA ARG B 4 9.23 10.91 -8.65
C ARG B 4 8.89 10.10 -9.89
N HIS B 5 9.88 9.44 -10.45
CA HIS B 5 9.67 8.70 -11.69
C HIS B 5 9.87 7.19 -11.54
N HIS B 6 8.73 6.50 -11.54
CA HIS B 6 8.63 5.12 -11.13
C HIS B 6 8.49 4.10 -12.25
N VAL B 7 8.82 2.85 -11.94
CA VAL B 7 8.49 1.70 -12.79
C VAL B 7 6.96 1.69 -13.02
N SER B 8 6.55 1.53 -14.28
CA SER B 8 5.13 1.46 -14.62
C SER B 8 4.50 0.20 -14.05
N ASP B 9 3.18 0.20 -13.97
CA ASP B 9 2.39 -0.88 -13.42
C ASP B 9 2.59 -2.18 -14.23
N ALA B 10 2.60 -2.04 -15.56
CA ALA B 10 2.67 -3.13 -16.52
C ALA B 10 4.02 -3.83 -16.52
N LEU B 11 5.07 -3.08 -16.17
CA LEU B 11 6.43 -3.62 -16.01
C LEU B 11 6.70 -4.21 -14.62
N LEU B 12 6.00 -3.70 -13.62
CA LEU B 12 5.85 -4.30 -12.33
C LEU B 12 5.15 -5.65 -12.45
N THR B 13 4.00 -5.71 -13.11
CA THR B 13 3.26 -6.97 -13.36
C THR B 13 4.11 -8.02 -14.10
N ALA B 14 4.93 -7.59 -15.06
CA ALA B 14 5.79 -8.51 -15.80
C ALA B 14 6.98 -8.93 -14.93
N TYR B 15 7.47 -8.01 -14.09
CA TYR B 15 8.52 -8.38 -13.12
C TYR B 15 7.95 -9.45 -12.18
N ALA B 16 6.88 -9.10 -11.48
CA ALA B 16 6.15 -10.05 -10.65
C ALA B 16 6.01 -11.44 -11.27
N ALA B 17 5.52 -11.53 -12.49
CA ALA B 17 5.41 -12.80 -13.27
C ALA B 17 6.75 -13.52 -13.62
N GLY B 18 7.83 -12.75 -13.73
CA GLY B 18 9.11 -13.25 -14.22
C GLY B 18 9.22 -13.38 -15.72
N THR B 19 8.35 -12.68 -16.46
CA THR B 19 8.18 -12.90 -17.89
C THR B 19 8.91 -11.84 -18.75
N LEU B 20 9.91 -11.21 -18.15
CA LEU B 20 10.60 -10.04 -18.67
C LEU B 20 11.96 -10.52 -19.13
N SER B 21 12.46 -9.97 -20.24
CA SER B 21 13.81 -10.24 -20.70
C SER B 21 14.79 -9.62 -19.71
N GLU B 22 15.93 -10.30 -19.53
CA GLU B 22 16.92 -9.94 -18.52
C GLU B 22 17.31 -8.46 -18.44
N ALA B 23 17.36 -7.79 -19.60
CA ALA B 23 17.68 -6.36 -19.67
C ALA B 23 16.65 -5.53 -18.93
N PHE B 24 15.38 -5.83 -19.20
CA PHE B 24 14.24 -5.13 -18.61
C PHE B 24 14.10 -5.43 -17.12
N SER B 25 14.40 -6.67 -16.70
CA SER B 25 14.45 -7.07 -15.27
C SER B 25 15.53 -6.36 -14.45
N LEU B 26 16.72 -6.17 -15.03
CA LEU B 26 17.87 -5.61 -14.33
C LEU B 26 17.67 -4.13 -13.99
N VAL B 27 17.14 -3.37 -14.95
CA VAL B 27 16.78 -1.98 -14.72
C VAL B 27 15.69 -1.89 -13.64
N VAL B 28 14.65 -2.69 -13.79
CA VAL B 28 13.50 -2.62 -12.90
C VAL B 28 13.87 -2.96 -11.46
N ALA B 29 14.65 -4.03 -11.30
CA ALA B 29 15.13 -4.53 -10.00
C ALA B 29 16.11 -3.57 -9.35
N THR B 30 16.99 -2.95 -10.15
CA THR B 30 17.87 -1.86 -9.69
C THR B 30 17.08 -0.62 -9.23
N HIS B 31 15.93 -0.35 -9.85
CA HIS B 31 15.03 0.72 -9.35
C HIS B 31 14.37 0.32 -8.04
N LEU B 32 14.08 -0.97 -7.86
CA LEU B 32 13.50 -1.44 -6.60
C LEU B 32 14.50 -1.31 -5.46
N SER B 33 15.76 -1.64 -5.70
CA SER B 33 16.77 -1.44 -4.68
C SER B 33 16.95 0.03 -4.28
N LEU B 34 16.70 0.95 -5.22
CA LEU B 34 16.76 2.40 -5.00
C LEU B 34 15.44 3.06 -4.56
N CYS B 35 14.31 2.42 -4.90
CA CYS B 35 13.00 2.99 -4.61
C CYS B 35 12.04 2.06 -3.85
N ASP B 36 11.90 2.32 -2.54
CA ASP B 36 11.01 1.60 -1.59
C ASP B 36 9.53 1.69 -1.98
N GLU B 37 9.16 2.77 -2.64
CA GLU B 37 7.83 2.88 -3.25
C GLU B 37 7.54 1.71 -4.23
N CYS B 38 8.45 1.44 -5.15
CA CYS B 38 8.22 0.41 -6.17
C CYS B 38 8.43 -1.00 -5.65
N ARG B 39 9.26 -1.14 -4.61
CA ARG B 39 9.34 -2.38 -3.86
C ARG B 39 7.98 -2.85 -3.33
N ALA B 40 7.23 -1.90 -2.76
CA ALA B 40 5.91 -2.14 -2.17
C ALA B 40 4.86 -2.39 -3.23
N ARG B 41 4.88 -1.56 -4.28
CA ARG B 41 4.13 -1.78 -5.51
C ARG B 41 4.27 -3.20 -6.09
N ALA B 42 5.50 -3.70 -6.14
CA ALA B 42 5.79 -5.01 -6.71
C ALA B 42 5.52 -6.14 -5.72
N GLY B 43 5.82 -5.88 -4.45
CA GLY B 43 5.57 -6.80 -3.37
C GLY B 43 4.11 -7.14 -3.14
N ALA B 44 3.21 -6.26 -3.60
CA ALA B 44 1.75 -6.48 -3.60
C ALA B 44 1.28 -7.25 -4.85
N LEU B 45 1.98 -7.05 -5.95
CA LEU B 45 1.80 -7.83 -7.15
C LEU B 45 2.26 -9.23 -6.90
N ASP B 46 3.30 -9.37 -6.07
CA ASP B 46 3.84 -10.66 -5.66
C ASP B 46 2.83 -11.46 -4.84
N ALA B 47 2.16 -10.78 -3.92
CA ALA B 47 1.10 -11.33 -3.11
C ALA B 47 0.06 -12.04 -3.98
N VAL B 48 -0.24 -11.47 -5.16
CA VAL B 48 -1.18 -12.12 -6.10
C VAL B 48 -0.70 -13.51 -6.52
N GLY B 49 0.53 -13.66 -6.99
CA GLY B 49 1.07 -14.99 -7.34
C GLY B 49 1.19 -15.96 -6.17
N GLY B 50 1.57 -15.44 -5.00
CA GLY B 50 1.54 -16.23 -3.80
C GLY B 50 0.19 -16.79 -3.50
N SER B 51 -0.80 -15.93 -3.48
CA SER B 51 -2.23 -16.36 -3.52
C SER B 51 -2.62 -17.34 -4.63
N LEU B 52 -2.03 -17.18 -5.81
CA LEU B 52 -2.35 -18.07 -6.93
C LEU B 52 -1.77 -19.44 -6.68
N MET B 53 -0.58 -19.42 -6.11
CA MET B 53 0.20 -20.62 -5.87
C MET B 53 -0.46 -21.50 -4.80
N GLU B 54 -0.90 -20.86 -3.70
CA GLU B 54 -1.53 -21.51 -2.56
C GLU B 54 -2.81 -22.20 -2.98
N GLU B 55 -3.50 -21.61 -3.96
CA GLU B 55 -4.77 -22.16 -4.46
C GLU B 55 -4.61 -23.07 -5.67
N THR B 56 -3.38 -23.23 -6.14
CA THR B 56 -3.04 -24.22 -7.20
C THR B 56 -3.24 -25.64 -6.68
N ALA B 57 -4.00 -26.42 -7.44
CA ALA B 57 -4.19 -27.84 -7.17
C ALA B 57 -2.83 -28.52 -7.28
N PRO B 58 -2.37 -29.13 -6.16
CA PRO B 58 -1.05 -29.75 -6.12
C PRO B 58 -0.85 -30.84 -7.16
N VAL B 59 0.39 -30.98 -7.66
CA VAL B 59 0.81 -32.16 -8.41
C VAL B 59 1.90 -32.93 -7.62
N ALA B 60 1.59 -34.19 -7.28
CA ALA B 60 2.53 -35.02 -6.54
C ALA B 60 3.91 -35.13 -7.17
N LEU B 61 4.90 -35.09 -6.31
CA LEU B 61 6.28 -35.36 -6.70
C LEU B 61 6.48 -36.86 -6.52
N SER B 62 7.49 -37.43 -7.16
CA SER B 62 7.71 -38.86 -7.04
C SER B 62 7.97 -39.30 -5.60
N GLU B 63 7.57 -40.53 -5.30
CA GLU B 63 7.88 -41.17 -4.06
C GLU B 63 9.38 -40.99 -3.77
N GLY B 64 9.70 -40.53 -2.56
CA GLY B 64 11.09 -40.32 -2.14
C GLY B 64 11.63 -38.92 -2.31
N SER B 65 10.86 -38.04 -2.93
CA SER B 65 11.29 -36.65 -3.16
C SER B 65 11.70 -35.80 -1.91
N LEU B 66 10.97 -35.93 -0.79
CA LEU B 66 11.24 -35.16 0.44
C LEU B 66 12.56 -35.54 1.12
N ALA B 67 12.73 -36.83 1.33
CA ALA B 67 13.90 -37.38 2.00
C ALA B 67 15.15 -37.16 1.17
N SER B 68 14.97 -37.16 -0.16
CA SER B 68 16.01 -36.85 -1.14
C SER B 68 16.45 -35.37 -1.05
N VAL B 69 15.52 -34.48 -0.78
CA VAL B 69 15.88 -33.08 -0.62
C VAL B 69 16.52 -32.83 0.76
N MET B 70 15.96 -33.45 1.80
CA MET B 70 16.44 -33.29 3.17
C MET B 70 17.82 -33.86 3.43
N ALA B 71 18.23 -34.79 2.57
CA ALA B 71 19.52 -35.44 2.69
C ALA B 71 20.60 -34.47 2.27
N GLN B 72 20.25 -33.60 1.32
CA GLN B 72 21.24 -32.68 0.75
C GLN B 72 21.13 -31.29 1.37
N LEU B 73 20.23 -31.10 2.32
CA LEU B 73 20.21 -29.83 3.04
C LEU B 73 21.53 -29.66 3.79
N ASP B 74 22.11 -28.48 3.58
CA ASP B 74 23.11 -27.89 4.44
C ASP B 74 22.46 -27.90 5.82
N ARG B 75 22.39 -29.08 6.44
CA ARG B 75 21.45 -29.33 7.55
C ARG B 75 21.53 -28.21 8.59
N GLN B 76 21.91 -28.52 9.83
CA GLN B 76 22.20 -27.45 10.76
C GLN B 76 23.61 -26.98 10.43
N ILE B 77 23.73 -26.36 9.25
CA ILE B 77 25.00 -25.86 8.72
C ILE B 77 24.91 -24.36 8.43
N ALA B 86 30.46 -1.66 -0.98
CA ALA B 86 30.47 -1.75 -2.43
C ALA B 86 29.65 -0.63 -3.06
N ASP B 87 30.30 0.12 -3.96
CA ASP B 87 29.71 1.25 -4.70
C ASP B 87 28.21 1.54 -4.48
N PRO B 88 27.88 2.46 -3.55
CA PRO B 88 26.51 3.00 -3.33
C PRO B 88 25.79 3.62 -4.55
N ARG B 89 26.45 3.74 -5.69
CA ARG B 89 25.76 4.08 -6.95
C ARG B 89 25.25 2.85 -7.69
N ALA B 90 25.97 1.74 -7.51
CA ALA B 90 25.66 0.46 -8.15
C ALA B 90 25.15 -0.55 -7.12
N PRO B 91 23.84 -0.54 -6.86
CA PRO B 91 23.26 -1.47 -5.89
C PRO B 91 22.77 -2.79 -6.50
N ALA B 92 22.10 -3.59 -5.66
CA ALA B 92 21.13 -4.59 -6.09
C ALA B 92 21.68 -5.56 -7.11
N PRO B 93 21.00 -5.72 -8.28
CA PRO B 93 21.60 -6.69 -9.18
C PRO B 93 22.58 -6.07 -10.16
N LEU B 94 22.72 -4.73 -10.14
CA LEU B 94 23.70 -4.08 -11.02
C LEU B 94 25.15 -4.36 -10.60
N ALA B 95 25.39 -4.39 -9.29
CA ALA B 95 26.70 -4.75 -8.72
C ALA B 95 27.26 -6.07 -9.27
N ASP B 96 26.35 -6.95 -9.72
CA ASP B 96 26.68 -8.21 -10.38
C ASP B 96 27.31 -7.96 -11.75
N TYR B 97 26.81 -6.96 -12.45
CA TYR B 97 27.20 -6.72 -13.83
C TYR B 97 28.45 -5.83 -13.96
N VAL B 98 28.91 -5.29 -12.83
CA VAL B 98 29.94 -4.25 -12.80
C VAL B 98 31.12 -4.66 -11.91
N GLY B 99 30.81 -5.37 -10.83
CA GLY B 99 31.82 -6.00 -9.95
C GLY B 99 32.72 -5.04 -9.18
N ARG B 100 32.11 -4.08 -8.48
CA ARG B 100 32.81 -2.98 -7.79
C ARG B 100 33.34 -1.91 -8.77
N ARG B 101 33.20 -0.65 -8.37
CA ARG B 101 33.59 0.53 -9.18
C ARG B 101 32.91 0.60 -10.56
N LEU B 102 31.90 1.45 -10.65
CA LEU B 102 31.14 1.72 -11.89
C LEU B 102 32.01 2.41 -12.95
N GLU B 103 32.96 3.24 -12.51
CA GLU B 103 33.88 3.98 -13.39
C GLU B 103 34.84 3.03 -14.10
N ASP B 104 34.93 1.80 -13.60
CA ASP B 104 35.74 0.75 -14.19
C ASP B 104 34.87 -0.33 -14.84
N VAL B 105 34.63 -0.17 -16.14
CA VAL B 105 34.13 -1.24 -17.02
C VAL B 105 34.82 -1.15 -18.38
N ARG B 106 34.29 -1.87 -19.38
CA ARG B 106 34.75 -1.74 -20.77
C ARG B 106 33.92 -0.67 -21.52
N TRP B 107 34.40 0.58 -21.45
CA TRP B 107 33.68 1.72 -22.02
C TRP B 107 33.92 1.91 -23.51
N ARG B 108 32.91 2.41 -24.21
CA ARG B 108 33.07 2.84 -25.60
C ARG B 108 32.57 4.27 -25.75
N THR B 109 33.52 5.18 -26.02
CA THR B 109 33.25 6.62 -26.20
C THR B 109 32.55 6.80 -27.53
N LEU B 110 31.48 7.60 -27.55
CA LEU B 110 30.55 7.58 -28.70
C LEU B 110 29.70 8.84 -29.05
N GLY B 111 30.26 10.05 -29.18
CA GLY B 111 31.66 10.43 -29.00
C GLY B 111 31.60 11.95 -28.77
N GLY B 112 30.43 12.53 -29.08
CA GLY B 112 30.10 13.89 -28.65
C GLY B 112 29.78 13.88 -27.17
N GLY B 113 30.79 13.53 -26.38
CA GLY B 113 30.74 13.57 -24.91
C GLY B 113 30.07 12.42 -24.14
N VAL B 114 29.77 11.33 -24.82
CA VAL B 114 29.13 10.21 -24.14
C VAL B 114 30.02 8.96 -24.26
N ARG B 115 29.96 8.09 -23.25
CA ARG B 115 30.58 6.77 -23.30
C ARG B 115 29.61 5.69 -22.77
N GLN B 116 29.75 4.47 -23.27
CA GLN B 116 28.81 3.40 -22.92
C GLN B 116 29.46 2.02 -22.75
N ALA B 117 28.82 1.20 -21.93
CA ALA B 117 29.20 -0.19 -21.75
C ALA B 117 27.97 -1.06 -21.99
N ILE B 118 28.05 -1.97 -22.96
CA ILE B 118 26.94 -2.87 -23.20
C ILE B 118 27.09 -4.06 -22.26
N LEU B 119 26.14 -4.16 -21.34
CA LEU B 119 26.14 -5.15 -20.26
C LEU B 119 25.61 -6.49 -20.75
N PRO B 120 26.32 -7.57 -20.39
CA PRO B 120 26.05 -8.94 -20.85
C PRO B 120 24.79 -9.55 -20.23
N THR B 121 23.85 -9.93 -21.09
CA THR B 121 22.56 -10.44 -20.70
C THR B 121 22.04 -11.50 -21.67
N GLY B 122 21.23 -12.43 -21.15
CA GLY B 122 20.32 -13.23 -21.97
C GLY B 122 19.16 -12.40 -22.48
N GLY B 123 18.21 -13.02 -23.16
CA GLY B 123 17.07 -12.30 -23.76
C GLY B 123 17.47 -11.54 -25.02
N GLU B 124 16.53 -10.78 -25.56
CA GLU B 124 16.71 -10.15 -26.87
C GLU B 124 16.67 -8.64 -26.76
N ALA B 125 16.46 -8.19 -25.52
CA ALA B 125 16.56 -6.80 -25.17
C ALA B 125 17.99 -6.49 -24.71
N ILE B 126 18.45 -5.26 -25.01
CA ILE B 126 19.82 -4.83 -24.74
C ILE B 126 19.89 -4.00 -23.47
N ALA B 127 21.00 -4.15 -22.73
CA ALA B 127 21.26 -3.42 -21.49
C ALA B 127 22.64 -2.75 -21.53
N ARG B 128 22.64 -1.45 -21.27
CA ARG B 128 23.84 -0.65 -21.34
C ARG B 128 23.88 0.37 -20.23
N LEU B 129 25.09 0.66 -19.78
CA LEU B 129 25.38 1.81 -18.94
C LEU B 129 25.63 3.03 -19.82
N LEU B 130 25.01 4.16 -19.46
CA LEU B 130 25.31 5.45 -20.11
C LEU B 130 26.18 6.34 -19.22
N TRP B 131 27.00 7.18 -19.85
CA TRP B 131 27.83 8.11 -19.11
C TRP B 131 27.79 9.47 -19.77
N ILE B 132 26.97 10.34 -19.23
CA ILE B 132 26.74 11.66 -19.81
C ILE B 132 27.29 12.73 -18.83
N PRO B 133 28.51 13.25 -19.11
CA PRO B 133 29.20 14.14 -18.17
C PRO B 133 28.56 15.52 -18.06
N GLY B 134 28.93 16.24 -17.00
CA GLY B 134 28.69 17.69 -16.86
C GLY B 134 27.49 18.24 -17.61
N GLY B 135 27.75 19.01 -18.66
CA GLY B 135 26.68 19.53 -19.52
C GLY B 135 26.71 18.92 -20.90
N GLN B 136 26.72 17.59 -20.97
CA GLN B 136 26.74 16.91 -22.27
C GLN B 136 25.39 16.31 -22.63
N ALA B 137 25.04 16.38 -23.91
CA ALA B 137 23.79 15.80 -24.37
C ALA B 137 23.98 14.58 -25.26
N VAL B 138 23.22 13.55 -24.92
CA VAL B 138 23.08 12.35 -25.74
C VAL B 138 22.40 12.78 -27.06
N PRO B 139 22.99 12.38 -28.21
CA PRO B 139 22.44 12.76 -29.52
C PRO B 139 21.13 12.03 -29.78
N ASP B 140 20.14 12.77 -30.30
CA ASP B 140 18.74 12.34 -30.34
C ASP B 140 18.53 10.94 -30.89
N HIS B 141 17.76 10.14 -30.15
CA HIS B 141 17.51 8.75 -30.52
C HIS B 141 16.03 8.37 -30.45
N GLY B 142 15.49 8.04 -31.62
CA GLY B 142 14.26 7.27 -31.71
C GLY B 142 14.48 5.84 -31.20
N HIS B 143 13.40 5.09 -31.06
CA HIS B 143 13.47 3.78 -30.41
C HIS B 143 12.94 2.66 -31.28
N ARG B 144 13.71 1.57 -31.34
CA ARG B 144 13.25 0.35 -31.98
C ARG B 144 12.55 -0.54 -30.94
N GLY B 145 11.73 0.08 -30.09
CA GLY B 145 10.95 -0.61 -29.07
C GLY B 145 10.77 0.26 -27.84
N LEU B 146 10.36 -0.37 -26.73
CA LEU B 146 10.30 0.31 -25.43
C LEU B 146 11.71 0.55 -24.91
N GLU B 147 11.92 1.67 -24.21
CA GLU B 147 13.23 1.99 -23.61
C GLU B 147 13.09 2.30 -22.13
N LEU B 148 14.09 1.93 -21.34
CA LEU B 148 14.07 2.08 -19.88
C LEU B 148 15.36 2.71 -19.39
N THR B 149 15.23 3.81 -18.64
CA THR B 149 16.40 4.54 -18.22
C THR B 149 16.36 4.90 -16.73
N LEU B 150 17.39 4.46 -16.02
CA LEU B 150 17.47 4.65 -14.60
C LEU B 150 18.72 5.49 -14.32
N VAL B 151 18.56 6.57 -13.57
CA VAL B 151 19.71 7.37 -13.22
C VAL B 151 20.36 6.81 -11.96
N LEU B 152 21.67 6.59 -12.03
CA LEU B 152 22.44 6.11 -10.88
C LEU B 152 23.23 7.24 -10.23
N GLN B 153 23.67 8.21 -11.03
CA GLN B 153 24.33 9.42 -10.52
C GLN B 153 23.76 10.64 -11.24
N GLY B 154 23.65 11.75 -10.52
CA GLY B 154 23.23 13.02 -11.09
C GLY B 154 21.82 13.05 -11.68
N ALA B 155 21.68 13.76 -12.79
CA ALA B 155 20.38 14.02 -13.40
C ALA B 155 20.54 14.30 -14.87
N PHE B 156 19.42 14.22 -15.60
CA PHE B 156 19.36 14.61 -17.02
C PHE B 156 17.99 15.14 -17.43
N ARG B 157 18.01 16.06 -18.39
CA ARG B 157 16.80 16.65 -18.95
C ARG B 157 16.53 16.16 -20.36
N ASP B 158 15.26 15.88 -20.64
CA ASP B 158 14.82 15.34 -21.93
C ASP B 158 13.31 15.53 -22.07
N GLU B 159 12.61 14.40 -22.20
CA GLU B 159 11.15 14.28 -22.45
C GLU B 159 10.28 15.47 -22.05
N THR B 160 9.48 15.26 -21.00
CA THR B 160 8.58 16.29 -20.47
C THR B 160 9.04 16.68 -19.07
N ASP B 161 10.02 15.92 -18.57
CA ASP B 161 10.36 15.89 -17.14
C ASP B 161 11.85 15.97 -16.79
N ARG B 162 12.10 16.23 -15.50
CA ARG B 162 13.42 16.09 -14.88
C ARG B 162 13.58 14.70 -14.27
N PHE B 163 14.68 14.03 -14.60
CA PHE B 163 15.00 12.72 -14.03
C PHE B 163 16.28 12.77 -13.19
N GLY B 164 16.15 12.49 -11.90
CA GLY B 164 17.30 12.50 -10.97
C GLY B 164 17.69 11.10 -10.49
N ALA B 165 18.71 11.03 -9.64
CA ALA B 165 19.27 9.76 -9.18
C ALA B 165 18.22 8.89 -8.50
N GLY B 166 17.88 7.80 -9.17
CA GLY B 166 16.81 6.90 -8.72
C GLY B 166 15.56 6.88 -9.58
N ASP B 167 15.35 7.96 -10.34
CA ASP B 167 14.19 8.12 -11.21
C ASP B 167 14.29 7.22 -12.43
N ILE B 168 13.14 6.75 -12.91
CA ILE B 168 13.10 5.91 -14.11
C ILE B 168 12.21 6.48 -15.21
N GLU B 169 12.86 6.70 -16.37
CA GLU B 169 12.21 7.06 -17.64
C GLU B 169 11.79 5.84 -18.46
N ILE B 170 10.55 5.85 -18.91
CA ILE B 170 10.00 4.87 -19.82
C ILE B 170 9.71 5.57 -21.16
N ALA B 171 10.46 5.18 -22.20
CA ALA B 171 10.28 5.73 -23.54
C ALA B 171 9.63 4.72 -24.49
N ASP B 172 8.70 5.21 -25.30
CA ASP B 172 7.95 4.38 -26.25
C ASP B 172 8.68 4.26 -27.61
N GLN B 173 7.96 3.79 -28.63
CA GLN B 173 8.47 3.73 -30.00
C GLN B 173 8.16 5.05 -30.72
N GLU B 174 6.97 5.58 -30.43
CA GLU B 174 6.59 6.92 -30.86
C GLU B 174 7.11 7.95 -29.83
N LEU B 175 8.43 8.19 -29.89
CA LEU B 175 9.12 9.19 -29.06
C LEU B 175 10.49 9.55 -29.66
N GLU B 176 10.62 10.80 -30.11
CA GLU B 176 11.91 11.36 -30.48
C GLU B 176 12.37 12.22 -29.30
N HIS B 177 13.57 11.94 -28.76
CA HIS B 177 14.07 12.73 -27.64
C HIS B 177 15.59 12.91 -27.60
N THR B 178 16.03 13.96 -26.91
CA THR B 178 17.45 14.30 -26.79
C THR B 178 17.82 14.50 -25.32
N PRO B 179 18.40 13.46 -24.70
CA PRO B 179 18.75 13.49 -23.28
C PRO B 179 20.01 14.31 -23.01
N VAL B 180 19.82 15.52 -22.51
CA VAL B 180 20.94 16.39 -22.11
C VAL B 180 21.18 16.24 -20.60
N ALA B 181 22.42 15.96 -20.21
CA ALA B 181 22.78 15.92 -18.78
C ALA B 181 22.69 17.31 -18.18
N GLU B 182 22.10 17.39 -16.99
CA GLU B 182 22.10 18.62 -16.20
C GLU B 182 23.49 18.84 -15.61
N ARG B 183 23.79 20.09 -15.25
CA ARG B 183 25.14 20.46 -14.82
C ARG B 183 25.45 19.97 -13.40
N GLY B 184 26.74 19.96 -13.04
CA GLY B 184 27.16 19.65 -11.67
C GLY B 184 27.95 18.37 -11.46
N LEU B 185 27.25 17.23 -11.51
CA LEU B 185 27.77 15.96 -11.00
C LEU B 185 28.41 15.00 -11.99
N ASP B 186 27.79 14.82 -13.17
CA ASP B 186 28.13 13.75 -14.14
C ASP B 186 27.08 12.65 -14.06
N CYS B 187 26.37 12.42 -15.16
CA CYS B 187 25.18 11.55 -15.18
C CYS B 187 25.44 10.12 -15.70
N ILE B 188 25.38 9.14 -14.80
CA ILE B 188 25.55 7.72 -15.16
C ILE B 188 24.21 7.01 -15.08
N CYS B 189 23.83 6.30 -16.16
CA CYS B 189 22.53 5.60 -16.27
C CYS B 189 22.62 4.11 -16.60
N LEU B 190 21.53 3.39 -16.29
CA LEU B 190 21.28 2.07 -16.84
C LEU B 190 20.06 2.14 -17.75
N ALA B 191 20.22 1.65 -18.97
CA ALA B 191 19.18 1.67 -19.99
C ALA B 191 18.82 0.28 -20.53
N ALA B 192 17.60 0.14 -21.07
CA ALA B 192 17.13 -1.14 -21.59
C ALA B 192 16.23 -0.97 -22.81
N THR B 193 16.57 -1.63 -23.92
CA THR B 193 15.79 -1.55 -25.17
C THR B 193 15.47 -2.93 -25.73
N ASP B 194 14.33 -3.05 -26.44
CA ASP B 194 13.93 -4.28 -27.14
C ASP B 194 13.73 -4.07 -28.65
N SER C 8 -38.21 -8.72 18.41
CA SER C 8 -36.97 -8.02 17.94
C SER C 8 -36.74 -8.29 16.45
N ASP C 9 -36.71 -7.20 15.65
CA ASP C 9 -36.80 -7.41 14.20
C ASP C 9 -35.64 -8.10 13.48
N ARG C 10 -35.96 -8.54 12.27
CA ARG C 10 -35.02 -9.15 11.36
C ARG C 10 -34.29 -8.05 10.58
N THR C 11 -34.58 -6.80 10.96
CA THR C 11 -34.06 -5.63 10.27
C THR C 11 -33.73 -4.54 11.32
N ASP C 12 -33.65 -4.93 12.59
CA ASP C 12 -33.07 -4.04 13.57
C ASP C 12 -31.58 -4.01 13.26
N TRP C 13 -31.25 -3.76 12.00
CA TRP C 13 -29.88 -3.84 11.54
C TRP C 13 -28.98 -3.50 12.71
N VAL C 14 -29.43 -2.58 13.52
CA VAL C 14 -28.72 -2.26 14.75
C VAL C 14 -28.87 -3.39 15.75
N ALA C 15 -30.12 -3.67 16.15
CA ALA C 15 -30.44 -4.82 16.98
C ALA C 15 -29.48 -5.99 16.69
N LEU C 16 -29.05 -6.09 15.44
CA LEU C 16 -28.27 -7.25 14.99
C LEU C 16 -26.76 -7.12 15.24
N MET C 17 -26.19 -5.98 14.84
CA MET C 17 -24.78 -5.66 15.09
C MET C 17 -24.45 -5.90 16.55
N ARG C 18 -25.42 -5.60 17.40
CA ARG C 18 -25.24 -5.79 18.81
C ARG C 18 -25.09 -7.29 19.05
N ALA C 19 -25.94 -8.08 18.39
CA ALA C 19 -25.96 -9.53 18.56
C ALA C 19 -24.68 -10.22 18.05
N ILE C 20 -24.13 -9.71 16.97
CA ILE C 20 -22.88 -10.24 16.41
C ILE C 20 -21.70 -9.92 17.34
N ARG C 21 -21.64 -8.66 17.77
CA ARG C 21 -20.67 -8.24 18.77
C ARG C 21 -21.06 -8.84 20.09
N ASP C 22 -22.33 -8.66 20.43
CA ASP C 22 -22.89 -9.15 21.67
C ASP C 22 -23.15 -10.64 21.63
N HIS C 23 -23.31 -11.21 20.44
CA HIS C 23 -23.72 -12.60 20.35
C HIS C 23 -23.06 -13.42 19.22
N ARG C 24 -21.90 -12.97 18.71
CA ARG C 24 -21.25 -13.66 17.57
C ARG C 24 -22.30 -14.49 16.83
N ASP C 25 -23.46 -13.88 16.67
CA ASP C 25 -24.61 -14.49 16.05
C ASP C 25 -24.42 -14.49 14.55
N GLU C 26 -24.11 -15.67 14.01
CA GLU C 26 -23.91 -15.85 12.58
C GLU C 26 -25.18 -15.53 11.82
N ALA C 27 -26.31 -16.01 12.35
CA ALA C 27 -27.62 -15.67 11.80
C ALA C 27 -27.73 -14.15 11.61
N ALA C 28 -27.62 -13.48 12.86
CA ALA C 28 -27.54 -11.98 12.80
C ALA C 28 -26.80 -11.47 11.57
N PHE C 29 -25.59 -11.98 11.36
CA PHE C 29 -24.74 -11.52 10.27
C PHE C 29 -25.31 -11.84 8.84
N ALA C 30 -26.10 -12.92 8.77
CA ALA C 30 -26.77 -13.31 7.52
C ALA C 30 -27.83 -12.27 7.19
N GLU C 31 -28.45 -11.76 8.29
CA GLU C 31 -29.50 -10.74 8.17
C GLU C 31 -28.92 -9.37 7.78
N LEU C 32 -27.53 -9.28 8.14
CA LEU C 32 -26.85 -8.02 7.80
C LEU C 32 -26.23 -8.14 6.40
N PHE C 33 -25.85 -9.37 6.05
CA PHE C 33 -25.26 -9.58 4.74
C PHE C 33 -26.29 -9.39 3.59
N GLN C 34 -27.49 -10.06 3.87
CA GLN C 34 -28.60 -10.07 2.91
C GLN C 34 -29.15 -8.67 2.60
N HIS C 35 -29.44 -7.88 3.64
CA HIS C 35 -29.92 -6.50 3.44
C HIS C 35 -28.85 -5.63 2.74
N PHE C 36 -27.72 -5.44 3.42
CA PHE C 36 -26.66 -4.54 2.95
C PHE C 36 -25.89 -5.04 1.72
N ALA C 37 -25.17 -6.15 1.88
CA ALA C 37 -24.25 -6.62 0.84
C ALA C 37 -24.60 -6.18 -0.60
N PRO C 38 -25.89 -6.23 -0.96
CA PRO C 38 -26.38 -5.80 -2.27
C PRO C 38 -26.67 -4.30 -2.37
N LYS C 39 -26.49 -3.58 -1.26
CA LYS C 39 -26.59 -2.12 -1.27
C LYS C 39 -25.20 -1.51 -1.41
N VAL C 40 -24.23 -2.13 -0.73
CA VAL C 40 -22.81 -1.83 -0.90
C VAL C 40 -22.43 -2.04 -2.36
N LYS C 41 -22.96 -3.11 -2.95
CA LYS C 41 -22.73 -3.40 -4.37
C LYS C 41 -23.37 -2.36 -5.29
N GLY C 42 -24.59 -1.92 -4.97
CA GLY C 42 -25.25 -0.86 -5.74
C GLY C 42 -24.56 0.49 -5.60
N PHE C 43 -24.19 0.83 -4.37
CA PHE C 43 -23.45 2.06 -4.09
C PHE C 43 -22.14 2.08 -4.87
N LEU C 44 -21.36 1.02 -4.71
CA LEU C 44 -20.03 0.93 -5.30
C LEU C 44 -20.03 0.96 -6.83
N MET C 45 -21.10 0.45 -7.44
CA MET C 45 -21.28 0.56 -8.89
C MET C 45 -21.56 2.00 -9.30
N LYS C 46 -22.19 2.76 -8.39
CA LYS C 46 -22.43 4.17 -8.63
C LYS C 46 -21.14 4.96 -8.48
N SER C 47 -20.17 4.36 -7.79
CA SER C 47 -18.93 5.03 -7.44
C SER C 47 -17.86 4.85 -8.53
N GLY C 48 -18.15 3.97 -9.49
CA GLY C 48 -17.23 3.75 -10.61
C GLY C 48 -16.86 2.30 -10.83
N SER C 49 -16.55 1.59 -9.75
CA SER C 49 -16.03 0.22 -9.84
C SER C 49 -17.00 -0.74 -10.51
N VAL C 50 -16.45 -1.62 -11.34
CA VAL C 50 -17.23 -2.62 -12.07
C VAL C 50 -18.18 -3.38 -11.14
N ALA C 51 -19.08 -4.16 -11.75
CA ALA C 51 -20.05 -4.94 -11.00
C ALA C 51 -19.39 -6.15 -10.35
N SER C 52 -18.54 -6.84 -11.12
CA SER C 52 -17.83 -8.01 -10.61
C SER C 52 -16.88 -7.65 -9.46
N GLN C 53 -16.20 -6.51 -9.57
CA GLN C 53 -15.39 -6.00 -8.48
C GLN C 53 -16.26 -5.62 -7.28
N ALA C 54 -17.25 -4.77 -7.53
CA ALA C 54 -18.12 -4.26 -6.47
C ALA C 54 -18.68 -5.36 -5.56
N GLU C 55 -19.01 -6.50 -6.17
CA GLU C 55 -19.50 -7.64 -5.41
C GLU C 55 -18.45 -8.13 -4.42
N GLU C 56 -17.20 -8.21 -4.88
CA GLU C 56 -16.11 -8.69 -4.04
C GLU C 56 -15.88 -7.81 -2.84
N CYS C 57 -15.66 -6.53 -3.08
CA CYS C 57 -15.47 -5.55 -2.02
C CYS C 57 -16.65 -5.66 -1.05
N ALA C 58 -17.86 -5.69 -1.62
CA ALA C 58 -19.10 -5.82 -0.86
C ALA C 58 -19.07 -6.96 0.15
N GLN C 59 -18.67 -8.14 -0.32
CA GLN C 59 -18.44 -9.29 0.54
C GLN C 59 -17.40 -8.92 1.61
N ASP C 60 -16.15 -8.75 1.17
CA ASP C 60 -15.02 -8.33 2.01
C ASP C 60 -15.42 -7.37 3.10
N VAL C 61 -16.04 -6.27 2.70
CA VAL C 61 -16.55 -5.31 3.65
C VAL C 61 -17.32 -6.04 4.76
N MET C 62 -18.25 -6.89 4.36
CA MET C 62 -19.17 -7.53 5.33
C MET C 62 -18.44 -8.53 6.25
N ALA C 63 -17.34 -9.08 5.76
CA ALA C 63 -16.45 -9.85 6.61
C ALA C 63 -15.85 -8.91 7.66
N THR C 64 -15.18 -7.86 7.20
CA THR C 64 -14.66 -6.82 8.09
C THR C 64 -15.67 -6.47 9.20
N VAL C 65 -16.89 -6.10 8.81
CA VAL C 65 -17.95 -5.87 9.79
C VAL C 65 -17.86 -6.92 10.90
N TRP C 66 -18.12 -8.18 10.56
CA TRP C 66 -18.00 -9.26 11.53
C TRP C 66 -16.75 -9.08 12.38
N GLN C 67 -15.59 -9.06 11.73
CA GLN C 67 -14.29 -9.02 12.41
C GLN C 67 -14.10 -7.79 13.30
N LYS C 68 -14.53 -6.62 12.83
CA LYS C 68 -14.42 -5.41 13.61
C LYS C 68 -15.81 -4.96 14.11
N ALA C 69 -16.58 -5.92 14.63
CA ALA C 69 -17.94 -5.66 15.11
C ALA C 69 -17.95 -4.90 16.43
N HIS C 70 -16.88 -5.04 17.20
CA HIS C 70 -16.74 -4.32 18.47
C HIS C 70 -16.55 -2.83 18.21
N LEU C 71 -15.94 -2.50 17.09
CA LEU C 71 -15.65 -1.11 16.75
C LEU C 71 -16.89 -0.37 16.28
N PHE C 72 -18.06 -0.99 16.40
CA PHE C 72 -19.29 -0.26 16.10
C PHE C 72 -19.83 0.38 17.36
N ASP C 73 -20.38 1.58 17.19
CA ASP C 73 -20.89 2.39 18.29
C ASP C 73 -22.15 3.15 17.84
N PRO C 74 -23.32 2.66 18.28
CA PRO C 74 -24.65 3.13 17.89
C PRO C 74 -24.99 4.56 18.33
N SER C 75 -24.25 5.09 19.28
CA SER C 75 -24.47 6.48 19.72
C SER C 75 -23.84 7.48 18.75
N ARG C 76 -22.89 7.02 17.94
CA ARG C 76 -22.17 7.91 17.01
C ARG C 76 -22.56 7.75 15.53
N ALA C 77 -23.29 6.63 15.22
CA ALA C 77 -23.65 6.39 13.82
C ALA C 77 -24.51 5.06 13.55
N SER C 78 -25.41 5.29 12.54
CA SER C 78 -26.26 4.21 12.03
C SER C 78 -25.41 3.08 11.42
N VAL C 79 -25.96 1.84 11.48
CA VAL C 79 -25.26 0.69 10.91
C VAL C 79 -25.01 0.94 9.42
N ALA C 80 -25.93 1.70 8.80
CA ALA C 80 -25.82 1.99 7.37
C ALA C 80 -24.68 2.96 7.07
N THR C 81 -24.30 3.75 8.10
CA THR C 81 -23.16 4.65 7.92
C THR C 81 -21.86 3.93 8.22
N TRP C 82 -21.72 3.42 9.45
CA TRP C 82 -20.55 2.63 9.81
C TRP C 82 -20.20 1.61 8.72
N ILE C 83 -21.22 1.13 8.01
CA ILE C 83 -21.01 0.21 6.90
C ILE C 83 -20.58 0.98 5.64
N PHE C 84 -20.97 2.24 5.55
CA PHE C 84 -20.45 3.14 4.53
C PHE C 84 -18.95 3.42 4.74
N THR C 85 -18.57 3.71 5.98
CA THR C 85 -17.18 4.03 6.28
C THR C 85 -16.26 2.94 5.74
N ILE C 86 -16.57 1.71 6.13
CA ILE C 86 -15.73 0.57 5.78
C ILE C 86 -15.68 0.41 4.27
N ALA C 87 -16.79 0.70 3.60
CA ALA C 87 -16.88 0.48 2.17
C ALA C 87 -16.07 1.51 1.37
N ARG C 88 -15.90 2.70 1.94
CA ARG C 88 -14.99 3.67 1.33
C ARG C 88 -13.56 3.25 1.66
N ASN C 89 -13.26 3.13 2.96
CA ASN C 89 -11.92 2.77 3.40
C ASN C 89 -11.42 1.50 2.71
N ARG C 90 -12.37 0.66 2.31
CA ARG C 90 -12.04 -0.63 1.72
C ARG C 90 -12.39 -0.64 0.24
N ARG C 91 -12.72 0.54 -0.29
CA ARG C 91 -12.95 0.70 -1.71
C ARG C 91 -11.79 1.51 -2.28
N ILE C 92 -11.17 2.29 -1.39
CA ILE C 92 -9.95 3.04 -1.70
C ILE C 92 -8.79 2.04 -1.83
N ASP C 93 -9.03 0.80 -1.41
CA ASP C 93 -8.07 -0.30 -1.57
C ASP C 93 -8.03 -0.88 -2.98
N GLY C 94 -9.21 -1.06 -3.57
CA GLY C 94 -9.31 -1.49 -4.96
C GLY C 94 -9.80 -0.33 -5.81
N LEU C 95 -9.36 -0.31 -7.07
CA LEU C 95 -9.76 0.75 -7.99
C LEU C 95 -8.84 1.95 -7.84
N ARG C 96 -8.69 2.42 -6.60
CA ARG C 96 -7.86 3.59 -6.32
C ARG C 96 -6.45 3.15 -5.95
N LYS C 97 -6.34 1.94 -5.39
CA LYS C 97 -5.06 1.36 -4.99
C LYS C 97 -4.33 2.26 -3.99
N ASP C 98 -4.93 2.38 -2.81
CA ASP C 98 -4.53 3.38 -1.83
C ASP C 98 -4.92 3.03 -0.41
N ARG C 99 -4.36 3.77 0.52
CA ARG C 99 -4.74 3.62 1.89
C ARG C 99 -5.48 4.86 2.34
N GLN C 100 -6.53 4.67 3.11
CA GLN C 100 -7.15 5.79 3.74
C GLN C 100 -6.91 5.62 5.23
N PRO C 101 -5.95 6.39 5.76
CA PRO C 101 -5.68 6.40 7.19
C PRO C 101 -6.93 6.84 7.93
N GLU C 102 -7.13 6.31 9.11
CA GLU C 102 -8.29 6.71 9.90
C GLU C 102 -7.94 7.05 11.33
N PRO C 103 -8.75 7.91 11.96
CA PRO C 103 -8.52 8.42 13.31
C PRO C 103 -8.45 7.30 14.35
N GLU C 104 -7.90 7.61 15.51
CA GLU C 104 -7.81 6.67 16.61
C GLU C 104 -9.09 5.85 16.74
N ASP C 105 -8.92 4.57 17.07
CA ASP C 105 -10.06 3.72 17.33
C ASP C 105 -10.61 3.93 18.75
N LEU C 106 -11.76 4.59 18.82
CA LEU C 106 -12.44 4.76 20.08
C LEU C 106 -13.64 3.83 20.10
N PHE C 107 -13.71 3.01 21.14
CA PHE C 107 -14.82 2.06 21.25
C PHE C 107 -15.11 1.71 22.70
N TRP C 108 -16.29 1.17 22.93
CA TRP C 108 -16.68 0.72 24.27
C TRP C 108 -16.15 -0.69 24.53
N GLY C 109 -15.53 -0.87 25.70
CA GLY C 109 -14.92 -2.14 26.04
C GLY C 109 -15.94 -3.26 26.18
N PRO C 110 -15.48 -4.52 26.19
CA PRO C 110 -16.40 -5.61 26.47
C PRO C 110 -17.12 -5.31 27.77
N ASP C 111 -16.92 -4.09 28.27
CA ASP C 111 -17.54 -3.66 29.52
C ASP C 111 -17.96 -2.18 29.53
N SER C 112 -18.91 -1.85 28.65
CA SER C 112 -19.64 -0.58 28.71
C SER C 112 -20.53 -0.46 27.47
N GLU C 113 -21.58 0.34 27.57
CA GLU C 113 -22.55 0.44 26.47
C GLU C 113 -23.01 1.86 26.14
N PRO C 114 -23.94 1.96 25.18
CA PRO C 114 -24.53 3.18 24.62
C PRO C 114 -25.93 3.52 25.15
N ASP C 115 -26.06 4.68 25.77
CA ASP C 115 -27.39 5.17 26.12
C ASP C 115 -28.26 5.09 24.87
N GLN C 116 -29.32 4.28 24.95
CA GLN C 116 -30.23 4.13 23.82
C GLN C 116 -30.65 5.50 23.29
N ALA C 117 -30.46 6.53 24.10
CA ALA C 117 -30.81 7.89 23.73
C ALA C 117 -30.14 8.29 22.41
N ASP C 118 -28.85 8.65 22.51
CA ASP C 118 -28.08 9.00 21.33
C ASP C 118 -28.57 8.16 20.15
N VAL C 119 -28.69 6.86 20.39
CA VAL C 119 -29.04 5.88 19.34
C VAL C 119 -30.36 6.23 18.65
N TYR C 120 -31.31 6.67 19.52
CA TYR C 120 -32.63 7.03 19.05
C TYR C 120 -32.59 8.31 18.16
N GLU C 121 -31.75 9.31 18.75
CA GLU C 121 -31.62 10.59 18.02
C GLU C 121 -30.77 10.46 16.76
N MET C 122 -29.73 9.63 16.84
CA MET C 122 -28.89 9.39 15.68
C MET C 122 -29.77 8.88 14.54
N GLN C 123 -30.67 7.91 14.95
CA GLN C 123 -31.53 7.31 13.95
C GLN C 123 -32.61 8.29 13.50
N GLN C 124 -32.97 9.22 14.39
CA GLN C 124 -33.88 10.30 14.04
C GLN C 124 -33.24 11.16 12.96
N GLU C 125 -32.47 12.17 13.42
CA GLU C 125 -31.71 13.05 12.53
C GLU C 125 -31.34 12.42 11.20
N ASN C 126 -31.16 11.10 11.19
CA ASN C 126 -30.84 10.45 9.94
C ASN C 126 -32.06 10.35 9.03
N ALA C 127 -33.16 9.84 9.57
CA ALA C 127 -34.40 9.77 8.82
C ALA C 127 -34.84 11.17 8.44
N ARG C 128 -34.31 12.17 9.14
CA ARG C 128 -34.65 13.57 8.87
C ARG C 128 -33.93 14.04 7.61
N LEU C 129 -32.70 13.61 7.45
CA LEU C 129 -31.94 13.90 6.23
C LEU C 129 -32.47 13.05 5.09
N GLY C 130 -32.87 11.82 5.41
CA GLY C 130 -33.42 10.91 4.42
C GLY C 130 -34.68 11.48 3.81
N ARG C 131 -35.61 11.90 4.68
CA ARG C 131 -36.84 12.52 4.24
C ARG C 131 -36.44 13.68 3.32
N ALA C 132 -35.63 14.58 3.86
CA ALA C 132 -35.23 15.83 3.20
C ALA C 132 -34.65 15.66 1.80
N ILE C 133 -33.91 14.57 1.59
CA ILE C 133 -33.28 14.35 0.30
C ILE C 133 -34.32 13.87 -0.72
N ALA C 134 -35.22 13.01 -0.26
CA ALA C 134 -36.25 12.46 -1.12
C ALA C 134 -37.14 13.57 -1.67
N ALA C 142 -28.31 15.50 -5.90
CA ALA C 142 -27.49 15.80 -7.08
C ALA C 142 -26.11 16.29 -6.67
N LEU C 143 -26.06 17.19 -5.70
CA LEU C 143 -24.78 17.66 -5.16
C LEU C 143 -24.19 16.65 -4.18
N ILE C 144 -25.04 16.16 -3.28
CA ILE C 144 -24.63 15.19 -2.26
C ILE C 144 -24.14 13.88 -2.91
N GLU C 145 -24.96 13.29 -3.78
CA GLU C 145 -24.54 12.10 -4.49
C GLU C 145 -23.20 12.34 -5.18
N ARG C 146 -22.94 13.61 -5.50
CA ARG C 146 -21.75 13.98 -6.26
C ARG C 146 -20.50 13.95 -5.39
N ALA C 147 -20.63 14.39 -4.15
CA ALA C 147 -19.50 14.39 -3.23
C ALA C 147 -19.07 12.96 -2.91
N PHE C 148 -20.00 12.03 -3.06
CA PHE C 148 -19.76 10.67 -2.60
C PHE C 148 -19.55 9.66 -3.74
N PHE C 149 -19.54 10.13 -4.99
CA PHE C 149 -19.40 9.22 -6.12
C PHE C 149 -18.28 9.55 -7.11
N GLY C 150 -17.65 10.72 -6.95
CA GLY C 150 -16.47 11.04 -7.74
C GLY C 150 -16.27 12.50 -8.11
N ASP C 151 -15.17 13.08 -7.65
CA ASP C 151 -14.79 14.45 -8.00
C ASP C 151 -13.48 14.88 -7.35
N LEU C 152 -13.30 16.20 -7.17
CA LEU C 152 -12.07 16.75 -6.59
C LEU C 152 -12.29 17.34 -5.20
N THR C 153 -11.27 18.03 -4.67
CA THR C 153 -11.31 18.56 -3.32
C THR C 153 -12.00 19.92 -3.25
N HIS C 154 -12.71 20.27 -4.32
CA HIS C 154 -13.15 21.64 -4.53
C HIS C 154 -14.54 21.98 -4.01
N ARG C 155 -15.38 20.97 -3.76
CA ARG C 155 -16.77 21.22 -3.39
C ARG C 155 -17.07 21.03 -1.90
N GLU C 156 -18.00 21.82 -1.38
CA GLU C 156 -18.46 21.68 0.00
C GLU C 156 -19.97 21.44 0.07
N LEU C 157 -20.36 20.28 0.60
CA LEU C 157 -21.77 19.95 0.76
C LEU C 157 -22.38 20.72 1.95
N ALA C 158 -21.65 20.71 3.07
CA ALA C 158 -22.11 21.30 4.32
C ALA C 158 -22.34 22.79 4.15
N ALA C 159 -22.47 23.21 2.90
CA ALA C 159 -22.59 24.63 2.59
C ALA C 159 -24.04 25.06 2.40
N GLU C 160 -24.76 24.33 1.56
CA GLU C 160 -26.12 24.75 1.18
C GLU C 160 -27.17 23.72 1.57
N THR C 161 -27.37 22.72 0.73
CA THR C 161 -28.25 21.61 1.09
C THR C 161 -27.66 20.88 2.31
N GLY C 162 -28.30 21.12 3.47
CA GLY C 162 -27.94 20.53 4.75
C GLY C 162 -28.82 21.20 5.80
N LEU C 163 -29.37 20.42 6.75
CA LEU C 163 -29.08 18.99 6.92
C LEU C 163 -27.93 18.75 7.91
N PRO C 164 -27.11 19.79 8.14
CA PRO C 164 -25.99 19.75 9.07
C PRO C 164 -26.49 19.78 10.52
N LEU C 165 -27.16 18.72 10.94
CA LEU C 165 -27.63 18.65 12.31
C LEU C 165 -26.43 18.44 13.24
N GLY C 166 -26.24 19.39 14.16
CA GLY C 166 -25.09 19.39 15.06
C GLY C 166 -25.27 18.44 16.24
N THR C 167 -26.53 18.18 16.58
CA THR C 167 -26.83 17.32 17.73
C THR C 167 -25.92 16.10 17.72
N ILE C 168 -25.79 15.50 16.53
CA ILE C 168 -24.89 14.39 16.30
C ILE C 168 -23.52 14.75 16.80
N LYS C 169 -22.97 15.83 16.24
CA LYS C 169 -21.63 16.25 16.60
C LYS C 169 -21.55 16.28 18.12
N SER C 170 -22.52 16.94 18.73
CA SER C 170 -22.55 17.06 20.18
C SER C 170 -23.08 15.77 20.79
N ARG C 171 -23.89 15.07 19.99
CA ARG C 171 -24.26 13.71 20.32
C ARG C 171 -22.98 12.91 20.42
N ILE C 172 -22.25 12.89 19.31
CA ILE C 172 -20.98 12.19 19.25
C ILE C 172 -20.03 12.71 20.34
N ARG C 173 -19.88 14.03 20.43
CA ARG C 173 -19.00 14.67 21.42
C ARG C 173 -19.26 14.19 22.85
N LEU C 174 -20.53 14.04 23.21
CA LEU C 174 -20.89 13.69 24.59
C LEU C 174 -20.67 12.21 24.83
N ALA C 175 -20.69 11.44 23.75
CA ALA C 175 -20.50 10.01 23.82
C ALA C 175 -19.03 9.69 24.06
N LEU C 176 -18.16 10.53 23.47
CA LEU C 176 -16.72 10.33 23.58
C LEU C 176 -16.28 10.73 24.97
N ASP C 177 -16.47 12.00 25.29
CA ASP C 177 -16.25 12.48 26.64
C ASP C 177 -16.55 11.33 27.60
N ARG C 178 -17.84 10.99 27.73
CA ARG C 178 -18.24 9.90 28.59
C ARG C 178 -17.27 8.73 28.52
N THR D 2 -5.43 24.81 23.85
CA THR D 2 -6.74 24.60 23.15
C THR D 2 -6.55 24.50 21.65
N ILE D 3 -7.56 23.99 20.95
CA ILE D 3 -7.50 23.89 19.49
C ILE D 3 -8.47 24.88 18.86
N ARG D 4 -7.93 25.81 18.08
CA ARG D 4 -8.73 26.88 17.49
C ARG D 4 -8.73 26.79 15.97
N HIS D 5 -7.94 25.87 15.45
CA HIS D 5 -7.81 25.71 13.99
C HIS D 5 -8.08 24.27 13.56
N HIS D 6 -9.11 24.11 12.74
CA HIS D 6 -9.64 22.81 12.36
C HIS D 6 -9.68 22.63 10.84
N VAL D 7 -10.21 21.51 10.38
CA VAL D 7 -10.26 21.23 8.94
C VAL D 7 -11.43 21.95 8.26
N SER D 8 -11.24 22.32 7.00
CA SER D 8 -12.23 23.10 6.27
C SER D 8 -13.35 22.23 5.69
N ASP D 9 -14.57 22.59 6.03
CA ASP D 9 -15.75 21.94 5.48
C ASP D 9 -15.35 21.17 4.21
N ALA D 10 -14.70 21.88 3.30
CA ALA D 10 -14.35 21.33 1.99
C ALA D 10 -13.48 20.09 2.08
N LEU D 11 -12.61 20.04 3.09
CA LEU D 11 -11.71 18.90 3.25
C LEU D 11 -12.37 17.73 3.97
N LEU D 12 -13.18 18.04 4.98
CA LEU D 12 -13.93 17.00 5.68
C LEU D 12 -14.86 16.25 4.72
N THR D 13 -15.43 16.98 3.77
CA THR D 13 -16.24 16.39 2.71
C THR D 13 -15.39 15.45 1.88
N ALA D 14 -14.19 15.89 1.54
CA ALA D 14 -13.28 15.08 0.75
C ALA D 14 -12.89 13.81 1.52
N TYR D 15 -12.55 13.97 2.80
CA TYR D 15 -12.24 12.81 3.64
C TYR D 15 -13.45 11.90 3.74
N ALA D 16 -14.60 12.47 4.12
CA ALA D 16 -15.83 11.73 4.30
C ALA D 16 -16.20 10.90 3.06
N ALA D 17 -16.22 11.55 1.91
CA ALA D 17 -16.57 10.88 0.65
C ALA D 17 -15.51 9.89 0.18
N GLY D 18 -14.27 10.09 0.63
CA GLY D 18 -13.16 9.20 0.30
C GLY D 18 -12.39 9.55 -0.96
N THR D 19 -12.43 10.83 -1.34
CA THR D 19 -11.75 11.28 -2.55
C THR D 19 -10.50 12.11 -2.23
N LEU D 20 -10.04 12.00 -0.99
CA LEU D 20 -8.82 12.67 -0.56
C LEU D 20 -7.61 11.76 -0.74
N SER D 21 -6.45 12.32 -1.04
CA SER D 21 -5.25 11.50 -1.23
C SER D 21 -4.65 11.09 0.11
N GLU D 22 -3.91 9.98 0.12
CA GLU D 22 -3.42 9.38 1.36
C GLU D 22 -2.72 10.37 2.29
N ALA D 23 -1.82 11.18 1.72
CA ALA D 23 -1.05 12.13 2.51
C ALA D 23 -1.91 13.23 3.15
N PHE D 24 -2.86 13.76 2.38
CA PHE D 24 -3.80 14.78 2.86
C PHE D 24 -4.81 14.20 3.84
N SER D 25 -5.05 12.90 3.76
CA SER D 25 -5.97 12.24 4.66
C SER D 25 -5.25 11.88 5.96
N LEU D 26 -3.98 11.52 5.86
CA LEU D 26 -3.19 11.24 7.06
C LEU D 26 -3.15 12.47 7.99
N VAL D 27 -3.01 13.65 7.41
CA VAL D 27 -3.00 14.86 8.22
C VAL D 27 -4.38 15.07 8.81
N VAL D 28 -5.40 15.08 7.95
CA VAL D 28 -6.77 15.28 8.41
C VAL D 28 -7.12 14.27 9.49
N ALA D 29 -6.80 13.00 9.26
CA ALA D 29 -7.15 11.95 10.20
C ALA D 29 -6.49 12.14 11.56
N THR D 30 -5.21 12.50 11.57
CA THR D 30 -4.48 12.67 12.81
C THR D 30 -5.07 13.85 13.61
N HIS D 31 -5.52 14.88 12.89
CA HIS D 31 -6.23 15.98 13.52
C HIS D 31 -7.55 15.54 14.20
N LEU D 32 -8.34 14.70 13.52
CA LEU D 32 -9.60 14.28 14.11
C LEU D 32 -9.35 13.45 15.37
N SER D 33 -8.19 12.81 15.45
CA SER D 33 -7.83 12.03 16.63
C SER D 33 -7.40 12.90 17.80
N LEU D 34 -7.02 14.14 17.48
CA LEU D 34 -6.63 15.11 18.50
C LEU D 34 -7.76 16.09 18.73
N CYS D 35 -8.69 16.15 17.78
CA CYS D 35 -9.76 17.13 17.82
C CYS D 35 -11.13 16.45 17.79
N ASP D 36 -11.82 16.47 18.93
CA ASP D 36 -13.14 15.84 19.04
C ASP D 36 -14.24 16.65 18.36
N GLU D 37 -14.04 17.96 18.30
CA GLU D 37 -14.92 18.85 17.54
C GLU D 37 -14.94 18.43 16.07
N CYS D 38 -13.76 18.10 15.54
CA CYS D 38 -13.66 17.72 14.12
C CYS D 38 -14.07 16.28 13.86
N ARG D 39 -13.82 15.42 14.84
CA ARG D 39 -14.41 14.09 14.83
C ARG D 39 -15.91 14.16 14.54
N ALA D 40 -16.62 14.98 15.31
CA ALA D 40 -18.07 15.08 15.19
C ALA D 40 -18.45 15.51 13.77
N ARG D 41 -17.74 16.55 13.30
CA ARG D 41 -18.03 17.11 11.98
C ARG D 41 -17.85 16.06 10.89
N ALA D 42 -16.80 15.24 11.02
CA ALA D 42 -16.53 14.21 10.05
C ALA D 42 -17.62 13.16 10.14
N GLY D 43 -17.94 12.74 11.37
CA GLY D 43 -18.99 11.75 11.60
C GLY D 43 -20.28 12.11 10.89
N ALA D 44 -20.81 13.28 11.22
CA ALA D 44 -22.05 13.76 10.61
C ALA D 44 -21.97 13.76 9.09
N LEU D 45 -20.74 13.84 8.57
CA LEU D 45 -20.52 13.76 7.14
C LEU D 45 -20.63 12.31 6.72
N ASP D 46 -20.22 11.43 7.64
CA ASP D 46 -20.29 10.00 7.46
C ASP D 46 -21.73 9.52 7.59
N ALA D 47 -22.39 9.94 8.67
CA ALA D 47 -23.80 9.61 8.93
C ALA D 47 -24.60 9.62 7.59
N VAL D 48 -24.28 10.83 6.89
CA VAL D 48 -24.86 11.06 5.57
C VAL D 48 -24.57 9.91 4.62
N GLY D 49 -23.29 9.69 4.34
CA GLY D 49 -22.88 8.66 3.42
C GLY D 49 -23.65 7.38 3.68
N GLY D 50 -24.03 7.19 4.93
CA GLY D 50 -24.80 6.02 5.32
C GLY D 50 -26.24 6.14 4.85
N SER D 51 -26.77 7.36 4.93
CA SER D 51 -28.12 7.64 4.52
C SER D 51 -28.28 7.47 3.01
N LEU D 52 -27.21 7.75 2.28
CA LEU D 52 -27.19 7.53 0.83
C LEU D 52 -27.09 6.03 0.59
N MET D 53 -26.52 5.35 1.56
CA MET D 53 -26.26 3.92 1.47
C MET D 53 -27.57 3.14 1.56
N GLU D 54 -28.45 3.59 2.46
CA GLU D 54 -29.73 2.93 2.72
C GLU D 54 -30.82 3.37 1.72
N GLU D 55 -30.50 4.38 0.90
CA GLU D 55 -31.46 4.88 -0.08
C GLU D 55 -30.99 4.75 -1.54
N THR D 56 -30.28 3.65 -1.82
CA THR D 56 -29.79 3.35 -3.17
C THR D 56 -30.43 2.06 -3.69
N ALA D 57 -30.99 2.10 -4.90
CA ALA D 57 -31.58 0.91 -5.50
C ALA D 57 -30.56 -0.23 -5.54
N PRO D 58 -30.95 -1.40 -5.02
CA PRO D 58 -30.03 -2.53 -4.77
C PRO D 58 -29.70 -3.41 -5.98
N VAL D 59 -28.50 -3.98 -5.95
CA VAL D 59 -28.10 -4.97 -6.93
C VAL D 59 -27.73 -6.25 -6.19
N ALA D 60 -28.19 -7.39 -6.70
CA ALA D 60 -28.00 -8.65 -6.02
C ALA D 60 -26.69 -9.32 -6.40
N LEU D 61 -26.07 -9.99 -5.43
CA LEU D 61 -24.82 -10.70 -5.66
C LEU D 61 -25.06 -12.04 -6.37
N SER D 62 -23.98 -12.66 -6.83
CA SER D 62 -24.11 -13.96 -7.47
C SER D 62 -24.68 -14.98 -6.49
N GLU D 63 -25.09 -16.13 -7.00
CA GLU D 63 -25.66 -17.16 -6.14
C GLU D 63 -24.59 -17.74 -5.21
N GLY D 64 -24.89 -17.74 -3.91
CA GLY D 64 -23.99 -18.36 -2.94
C GLY D 64 -22.87 -17.47 -2.44
N SER D 65 -23.15 -16.17 -2.27
CA SER D 65 -22.16 -15.22 -1.79
C SER D 65 -22.35 -14.92 -0.30
N LEU D 66 -23.53 -15.38 0.21
CA LEU D 66 -23.70 -15.32 1.65
C LEU D 66 -22.83 -16.42 2.28
N ALA D 67 -23.25 -17.77 1.84
CA ALA D 67 -22.52 -18.89 2.51
C ALA D 67 -20.94 -18.85 2.22
N SER D 68 -20.63 -18.28 1.04
CA SER D 68 -19.24 -18.22 0.61
C SER D 68 -18.42 -17.39 1.61
N VAL D 69 -18.99 -16.27 2.07
CA VAL D 69 -18.38 -15.40 3.07
C VAL D 69 -18.50 -15.99 4.48
N MET D 70 -19.72 -16.36 4.86
CA MET D 70 -19.99 -16.96 6.17
C MET D 70 -19.05 -18.10 6.52
N ALA D 71 -18.53 -18.77 5.48
CA ALA D 71 -17.64 -19.90 5.68
C ALA D 71 -16.25 -19.40 6.01
N GLN D 72 -16.01 -18.14 5.69
CA GLN D 72 -14.71 -17.54 5.85
C GLN D 72 -14.72 -16.49 6.95
N LEU D 73 -15.81 -16.44 7.71
CA LEU D 73 -15.83 -15.64 8.93
C LEU D 73 -14.81 -16.26 9.88
N ASP D 74 -14.28 -15.46 10.79
CA ASP D 74 -13.36 -16.00 11.78
C ASP D 74 -14.16 -16.72 12.87
N ASP D 87 3.92 6.07 21.14
CA ASP D 87 4.26 7.47 21.31
C ASP D 87 2.97 8.28 21.50
N PRO D 88 2.85 9.02 22.61
CA PRO D 88 1.68 9.87 22.91
C PRO D 88 1.49 11.12 22.06
N ARG D 89 2.57 11.66 21.46
CA ARG D 89 2.46 12.78 20.52
C ARG D 89 1.99 12.31 19.14
N ALA D 90 2.45 11.12 18.77
CA ALA D 90 2.13 10.52 17.48
C ALA D 90 1.06 9.47 17.67
N PRO D 91 -0.23 9.89 17.65
CA PRO D 91 -1.34 8.96 17.88
C PRO D 91 -1.94 8.37 16.59
N ALA D 92 -3.15 7.84 16.75
CA ALA D 92 -4.08 7.61 15.64
C ALA D 92 -3.43 6.87 14.52
N PRO D 93 -3.50 7.42 13.27
CA PRO D 93 -2.84 6.77 12.13
C PRO D 93 -1.35 7.07 12.06
N LEU D 94 -0.93 8.20 12.62
CA LEU D 94 0.49 8.56 12.62
C LEU D 94 1.31 7.46 13.28
N ALA D 95 0.77 6.87 14.35
CA ALA D 95 1.40 5.75 15.05
C ALA D 95 1.94 4.65 14.12
N ASP D 96 1.22 4.36 13.02
CA ASP D 96 1.64 3.34 12.04
C ASP D 96 2.74 3.84 11.08
N TYR D 97 2.80 5.15 10.84
CA TYR D 97 3.82 5.78 9.99
C TYR D 97 5.09 6.12 10.75
N VAL D 98 5.05 5.98 12.06
CA VAL D 98 6.19 6.31 12.92
C VAL D 98 6.74 5.06 13.60
N GLY D 99 5.82 4.24 14.13
CA GLY D 99 6.17 2.97 14.76
C GLY D 99 7.05 3.09 15.99
N ARG D 100 6.58 3.84 17.00
CA ARG D 100 7.20 3.90 18.35
C ARG D 100 8.51 4.70 18.42
N ARG D 101 8.43 5.83 19.12
CA ARG D 101 9.45 6.90 19.13
C ARG D 101 9.43 7.77 17.86
N LEU D 102 9.12 9.06 18.08
CA LEU D 102 9.14 10.10 17.05
C LEU D 102 10.58 10.51 16.74
N GLU D 103 11.43 10.47 17.76
CA GLU D 103 12.83 10.88 17.63
C GLU D 103 13.72 9.77 17.06
N ASP D 104 13.11 8.69 16.59
CA ASP D 104 13.86 7.55 16.09
C ASP D 104 13.31 7.08 14.73
N VAL D 105 13.02 8.07 13.89
CA VAL D 105 12.67 7.91 12.47
C VAL D 105 13.86 8.39 11.61
N ARG D 106 13.66 8.45 10.29
CA ARG D 106 14.75 8.78 9.37
C ARG D 106 14.77 10.27 9.03
N TRP D 107 15.63 11.00 9.72
CA TRP D 107 15.71 12.46 9.60
C TRP D 107 16.71 12.91 8.55
N ARG D 108 16.38 14.02 7.89
CA ARG D 108 17.30 14.72 7.02
C ARG D 108 17.39 16.16 7.50
N THR D 109 18.61 16.55 7.88
CA THR D 109 18.93 17.91 8.31
C THR D 109 19.18 18.78 7.09
N LEU D 110 18.10 19.21 6.45
CA LEU D 110 18.17 20.11 5.32
C LEU D 110 17.50 21.44 5.66
N GLY D 111 18.28 22.52 5.69
CA GLY D 111 17.80 23.83 6.10
C GLY D 111 18.69 24.43 7.18
N GLY D 112 18.07 24.96 8.24
CA GLY D 112 18.79 25.67 9.31
C GLY D 112 19.21 24.73 10.43
N GLY D 113 18.36 24.62 11.45
CA GLY D 113 18.38 23.47 12.35
C GLY D 113 17.19 22.55 12.04
N VAL D 114 16.49 22.88 10.95
CA VAL D 114 15.28 22.19 10.55
C VAL D 114 15.63 20.84 9.95
N ARG D 115 14.92 19.80 10.43
CA ARG D 115 15.10 18.45 9.94
C ARG D 115 13.74 17.84 9.66
N GLN D 116 13.70 17.02 8.62
CA GLN D 116 12.48 16.36 8.21
C GLN D 116 12.66 14.87 7.98
N ALA D 117 11.54 14.19 7.98
CA ALA D 117 11.45 12.78 7.62
C ALA D 117 10.24 12.69 6.69
N ILE D 118 10.44 12.11 5.53
CA ILE D 118 9.34 11.83 4.62
C ILE D 118 8.59 10.60 5.16
N LEU D 119 7.27 10.69 5.17
CA LEU D 119 6.42 9.59 5.55
C LEU D 119 5.86 8.87 4.31
N PRO D 120 6.08 7.55 4.25
CA PRO D 120 5.74 6.74 3.09
C PRO D 120 4.24 6.75 2.86
N THR D 121 3.83 7.39 1.77
CA THR D 121 2.44 7.34 1.36
C THR D 121 2.34 6.98 -0.11
N GLY D 122 1.28 6.28 -0.47
CA GLY D 122 0.92 6.14 -1.87
C GLY D 122 0.32 7.42 -2.41
N GLY D 123 0.37 7.57 -3.73
CA GLY D 123 -0.19 8.74 -4.38
C GLY D 123 0.87 9.80 -4.50
N GLU D 124 0.44 10.97 -4.98
CA GLU D 124 1.37 12.00 -5.42
C GLU D 124 1.70 12.97 -4.29
N ALA D 125 0.68 13.39 -3.55
CA ALA D 125 0.87 14.19 -2.35
C ALA D 125 1.87 13.53 -1.40
N ILE D 126 2.69 14.38 -0.78
CA ILE D 126 3.81 13.99 0.05
C ILE D 126 3.50 14.35 1.48
N ALA D 127 3.80 13.46 2.42
CA ALA D 127 3.71 13.77 3.83
C ALA D 127 5.07 13.66 4.49
N ARG D 128 5.34 14.63 5.33
CA ARG D 128 6.58 14.65 6.04
C ARG D 128 6.30 14.96 7.51
N LEU D 129 7.32 14.80 8.33
CA LEU D 129 7.41 15.45 9.62
C LEU D 129 8.44 16.60 9.53
N LEU D 130 8.06 17.82 9.94
CA LEU D 130 9.01 18.93 10.18
C LEU D 130 9.43 19.01 11.66
N TRP D 131 10.73 19.09 11.90
CA TRP D 131 11.24 19.27 13.24
C TRP D 131 11.82 20.68 13.28
N ILE D 132 11.10 21.61 13.86
CA ILE D 132 11.58 23.00 13.90
C ILE D 132 11.97 23.41 15.33
N PRO D 133 13.29 23.61 15.57
CA PRO D 133 13.76 23.94 16.92
C PRO D 133 13.24 25.30 17.36
N GLY D 134 12.89 25.40 18.64
CA GLY D 134 12.44 26.67 19.25
C GLY D 134 12.84 27.97 18.55
N GLY D 135 14.09 28.06 18.12
CA GLY D 135 14.56 29.24 17.39
C GLY D 135 14.05 29.38 15.95
N GLN D 136 14.28 28.34 15.14
CA GLN D 136 14.32 28.49 13.68
C GLN D 136 13.04 28.99 13.00
N ALA D 137 13.22 29.65 11.86
CA ALA D 137 12.12 29.91 10.92
C ALA D 137 12.22 28.94 9.76
N VAL D 138 11.07 28.46 9.29
CA VAL D 138 11.01 27.78 8.01
C VAL D 138 11.19 28.85 6.92
N PRO D 139 12.18 28.66 6.02
CA PRO D 139 12.30 29.58 4.89
C PRO D 139 10.96 29.83 4.18
N ASP D 140 10.77 31.07 3.73
CA ASP D 140 9.52 31.52 3.10
C ASP D 140 9.14 30.75 1.81
N HIS D 141 7.89 30.31 1.76
CA HIS D 141 7.38 29.41 0.71
C HIS D 141 6.05 29.89 0.10
N GLY D 142 5.90 29.65 -1.20
CA GLY D 142 4.57 29.59 -1.83
C GLY D 142 4.08 28.15 -1.87
N HIS D 143 2.95 27.91 -2.53
CA HIS D 143 2.38 26.55 -2.61
C HIS D 143 2.01 26.18 -4.04
N ARG D 144 2.63 25.10 -4.53
CA ARG D 144 2.33 24.56 -5.87
C ARG D 144 0.87 24.09 -5.92
N GLY D 145 0.36 23.66 -4.76
CA GLY D 145 -1.05 23.36 -4.55
C GLY D 145 -1.22 23.01 -3.08
N LEU D 146 -2.32 23.49 -2.47
CA LEU D 146 -2.73 23.21 -1.06
C LEU D 146 -1.69 22.58 -0.12
N GLU D 147 -1.70 23.02 1.13
CA GLU D 147 -0.71 22.55 2.11
C GLU D 147 -1.29 22.47 3.51
N LEU D 148 -1.08 21.33 4.15
CA LEU D 148 -1.66 21.07 5.46
C LEU D 148 -0.54 20.87 6.45
N THR D 149 -0.62 21.59 7.57
CA THR D 149 0.37 21.51 8.66
C THR D 149 -0.37 21.28 9.99
N LEU D 150 -0.02 20.21 10.69
CA LEU D 150 -0.57 19.94 12.01
C LEU D 150 0.56 19.95 13.05
N VAL D 151 0.39 20.75 14.11
CA VAL D 151 1.38 20.86 15.19
C VAL D 151 1.27 19.72 16.21
N LEU D 152 2.36 18.99 16.41
CA LEU D 152 2.36 17.80 17.27
C LEU D 152 2.98 18.09 18.64
N GLN D 153 3.91 19.04 18.66
CA GLN D 153 4.63 19.47 19.85
C GLN D 153 4.97 20.95 19.61
N GLY D 154 5.03 21.74 20.68
CA GLY D 154 5.35 23.17 20.59
C GLY D 154 4.35 24.07 19.89
N ALA D 155 4.86 25.06 19.14
CA ALA D 155 4.03 26.05 18.44
C ALA D 155 4.82 26.85 17.42
N PHE D 156 4.13 27.33 16.39
CA PHE D 156 4.71 28.29 15.43
C PHE D 156 3.75 29.44 15.11
N ARG D 157 4.29 30.53 14.56
CA ARG D 157 3.48 31.67 14.13
C ARG D 157 3.86 32.17 12.74
N ASP D 158 2.86 32.37 11.89
CA ASP D 158 3.02 33.04 10.60
C ASP D 158 2.09 34.24 10.60
N GLU D 159 1.77 34.75 9.40
CA GLU D 159 0.94 35.96 9.29
C GLU D 159 -0.53 35.75 9.63
N THR D 160 -0.98 34.48 9.52
CA THR D 160 -2.37 34.09 9.79
C THR D 160 -2.68 34.07 11.29
N ASP D 161 -2.02 33.18 12.04
CA ASP D 161 -2.23 33.04 13.49
C ASP D 161 -1.02 32.37 14.17
N ARG D 162 -1.14 32.13 15.49
CA ARG D 162 -0.27 31.20 16.23
C ARG D 162 -0.90 29.80 16.30
N PHE D 163 -0.10 28.76 16.00
CA PHE D 163 -0.54 27.35 16.00
C PHE D 163 0.18 26.50 17.07
N GLY D 164 -0.57 26.05 18.07
CA GLY D 164 -0.04 25.13 19.11
C GLY D 164 -0.39 23.66 18.90
N ALA D 165 0.09 22.81 19.81
CA ALA D 165 -0.09 21.36 19.73
C ALA D 165 -1.54 20.93 19.51
N GLY D 166 -1.78 20.32 18.34
CA GLY D 166 -3.11 19.92 17.93
C GLY D 166 -3.70 20.80 16.84
N ASP D 167 -3.21 22.02 16.72
CA ASP D 167 -3.74 23.01 15.76
C ASP D 167 -3.35 22.67 14.33
N ILE D 168 -4.25 22.97 13.38
CA ILE D 168 -4.02 22.62 11.98
C ILE D 168 -4.13 23.82 11.02
N GLU D 169 -3.09 24.03 10.21
CA GLU D 169 -3.11 25.04 9.17
C GLU D 169 -3.43 24.47 7.78
N ILE D 170 -4.32 25.18 7.08
CA ILE D 170 -4.64 24.93 5.68
C ILE D 170 -4.10 26.14 4.93
N ALA D 171 -3.08 25.92 4.12
CA ALA D 171 -2.43 26.98 3.35
C ALA D 171 -2.60 26.65 1.87
N ASP D 172 -2.50 27.65 1.01
CA ASP D 172 -2.92 27.46 -0.38
C ASP D 172 -2.00 28.13 -1.42
N GLN D 173 -2.32 27.92 -2.70
CA GLN D 173 -1.62 28.50 -3.84
C GLN D 173 -1.51 30.02 -3.77
N GLU D 174 -2.50 30.63 -3.15
CA GLU D 174 -2.52 32.09 -2.98
C GLU D 174 -1.84 32.52 -1.67
N LEU D 175 -0.94 31.67 -1.17
CA LEU D 175 -0.26 31.98 0.07
C LEU D 175 1.25 31.86 -0.01
N GLU D 176 1.92 32.94 0.37
CA GLU D 176 3.33 32.90 0.73
C GLU D 176 3.44 33.39 2.16
N HIS D 177 4.17 32.64 2.98
CA HIS D 177 4.37 32.99 4.38
C HIS D 177 5.65 32.39 4.95
N THR D 178 6.13 33.00 6.03
CA THR D 178 7.27 32.47 6.76
C THR D 178 6.82 32.07 8.16
N PRO D 179 6.87 30.76 8.47
CA PRO D 179 6.54 30.28 9.81
C PRO D 179 7.75 30.20 10.76
N VAL D 180 7.57 30.71 11.98
CA VAL D 180 8.64 30.71 12.97
C VAL D 180 8.18 29.89 14.17
N ALA D 181 9.04 28.96 14.60
CA ALA D 181 8.79 28.20 15.82
C ALA D 181 9.00 29.08 17.06
N GLU D 182 8.06 28.99 18.00
CA GLU D 182 8.16 29.71 19.27
C GLU D 182 9.15 29.01 20.17
N ARG D 183 9.97 29.78 20.90
CA ARG D 183 11.03 29.17 21.71
C ARG D 183 10.50 28.49 22.96
N GLY D 184 10.91 27.23 23.17
CA GLY D 184 10.43 26.45 24.31
C GLY D 184 10.76 24.97 24.27
N LEU D 185 9.97 24.21 23.52
CA LEU D 185 10.02 22.74 23.52
C LEU D 185 10.74 22.13 22.32
N ASP D 186 10.63 22.79 21.17
CA ASP D 186 10.92 22.22 19.82
C ASP D 186 9.60 21.88 19.12
N CYS D 187 9.42 22.44 17.92
CA CYS D 187 8.14 22.39 17.22
C CYS D 187 8.11 21.30 16.16
N ILE D 188 7.41 20.21 16.49
CA ILE D 188 7.30 19.03 15.63
C ILE D 188 5.94 19.03 14.91
N CYS D 189 5.98 18.86 13.59
CA CYS D 189 4.82 19.02 12.70
C CYS D 189 4.59 17.85 11.73
N LEU D 190 3.32 17.57 11.46
CA LEU D 190 2.95 16.71 10.34
C LEU D 190 2.40 17.57 9.20
N ALA D 191 3.02 17.48 8.01
CA ALA D 191 2.57 18.25 6.84
C ALA D 191 2.44 17.41 5.55
N ALA D 192 1.64 17.94 4.62
CA ALA D 192 1.36 17.34 3.34
C ALA D 192 1.17 18.43 2.26
N THR D 193 1.56 18.12 1.01
CA THR D 193 1.45 19.05 -0.13
C THR D 193 1.13 18.31 -1.41
N ASP D 194 0.09 18.74 -2.12
CA ASP D 194 -0.26 18.09 -3.39
C ASP D 194 0.56 18.64 -4.54
ZN ZN E . 9.68 3.72 -7.94
ZN ZN F . 16.44 7.22 -25.46
ZN ZN G . 3.58 26.52 3.80
ZN ZN H . -10.82 20.54 14.71
#